data_2KK6
#
_entry.id   2KK6
#
_cell.length_a   1.000
_cell.length_b   1.000
_cell.length_c   1.000
_cell.angle_alpha   90.00
_cell.angle_beta   90.00
_cell.angle_gamma   90.00
#
_symmetry.space_group_name_H-M   'P 1'
#
_entity_poly.entity_id   1
_entity_poly.type   'polypeptide(L)'
_entity_poly.pdbx_seq_one_letter_code
;MGHHHHHHSHMKPLAEQDWYHGAIPRIEAQELLKKQGDFLVRESHGKPGEYVLSVYSDGQRRHFIIQYVDNMYRFEGTGF
SNIPQLIDHHYTTKQVITKKSGVVLLNPIPKDKKWI
;
_entity_poly.pdbx_strand_id   A
#
# COMPACT_ATOMS: atom_id res chain seq x y z
N MET A 1 17.86 8.50 20.74
CA MET A 1 17.56 7.76 22.00
C MET A 1 17.05 8.71 23.10
N GLY A 2 16.27 8.17 24.03
CA GLY A 2 15.74 8.99 25.12
C GLY A 2 14.54 8.35 25.81
N HIS A 3 13.93 9.08 26.74
CA HIS A 3 12.77 8.57 27.50
C HIS A 3 11.56 8.33 26.57
N HIS A 4 11.55 9.02 25.44
CA HIS A 4 10.51 8.84 24.41
C HIS A 4 11.16 8.54 23.05
N HIS A 5 10.34 8.54 21.99
CA HIS A 5 10.82 8.40 20.61
C HIS A 5 11.57 7.08 20.35
N HIS A 6 11.14 5.99 21.00
CA HIS A 6 11.69 4.66 20.72
C HIS A 6 10.58 3.59 20.68
N HIS A 7 10.07 3.32 19.48
CA HIS A 7 9.00 2.33 19.30
C HIS A 7 9.60 0.93 19.08
N HIS A 8 9.80 0.19 20.18
CA HIS A 8 10.42 -1.13 20.13
C HIS A 8 9.46 -2.20 19.57
N SER A 9 9.69 -2.60 18.32
CA SER A 9 8.92 -3.67 17.68
C SER A 9 9.51 -4.03 16.31
N HIS A 10 8.92 -5.02 15.65
CA HIS A 10 9.34 -5.41 14.30
C HIS A 10 8.57 -4.60 13.24
N MET A 11 7.24 -4.71 13.31
CA MET A 11 6.35 -3.98 12.39
C MET A 11 4.88 -4.13 12.83
N LYS A 12 3.98 -3.50 12.09
CA LYS A 12 2.54 -3.72 12.27
C LYS A 12 2.00 -4.66 11.18
N PRO A 13 1.09 -5.59 11.53
CA PRO A 13 0.48 -6.50 10.54
C PRO A 13 -0.34 -5.76 9.47
N LEU A 14 -0.60 -6.43 8.34
CA LEU A 14 -1.31 -5.83 7.21
C LEU A 14 -2.61 -5.13 7.64
N ALA A 15 -3.38 -5.79 8.50
CA ALA A 15 -4.65 -5.24 8.99
C ALA A 15 -4.45 -3.90 9.73
N GLU A 16 -3.42 -3.82 10.58
CA GLU A 16 -3.18 -2.61 11.38
C GLU A 16 -2.50 -1.51 10.55
N GLN A 17 -1.97 -1.86 9.39
CA GLN A 17 -1.33 -0.88 8.50
C GLN A 17 -2.30 0.24 8.09
N ASP A 18 -1.94 1.49 8.41
CA ASP A 18 -2.79 2.65 8.11
C ASP A 18 -2.96 2.87 6.59
N TRP A 19 -1.90 2.62 5.81
CA TRP A 19 -1.99 2.68 4.35
C TRP A 19 -2.91 1.59 3.78
N TYR A 20 -3.13 0.52 4.54
CA TYR A 20 -4.09 -0.53 4.16
C TYR A 20 -5.50 -0.16 4.65
N HIS A 21 -6.31 0.41 3.75
CA HIS A 21 -7.64 0.93 4.11
C HIS A 21 -8.72 -0.17 4.12
N GLY A 22 -8.34 -1.40 3.77
CA GLY A 22 -9.30 -2.51 3.73
C GLY A 22 -9.85 -2.74 2.33
N ALA A 23 -11.12 -3.14 2.23
CA ALA A 23 -11.76 -3.43 0.94
C ALA A 23 -12.65 -2.27 0.46
N ILE A 24 -12.26 -1.05 0.81
CA ILE A 24 -13.02 0.15 0.42
C ILE A 24 -13.23 0.23 -1.11
N PRO A 25 -14.36 0.82 -1.55
CA PRO A 25 -14.68 0.96 -2.99
C PRO A 25 -13.66 1.80 -3.78
N ARG A 26 -13.65 1.62 -5.11
CA ARG A 26 -12.69 2.31 -5.99
C ARG A 26 -12.76 3.84 -5.81
N ILE A 27 -13.98 4.38 -5.72
CA ILE A 27 -14.19 5.82 -5.52
C ILE A 27 -13.42 6.33 -4.28
N GLU A 28 -13.71 5.73 -3.13
CA GLU A 28 -13.05 6.12 -1.87
C GLU A 28 -11.52 6.08 -1.99
N ALA A 29 -11.00 5.14 -2.77
CA ALA A 29 -9.55 5.00 -2.97
C ALA A 29 -8.95 6.15 -3.80
N GLN A 30 -9.68 6.62 -4.82
CA GLN A 30 -9.17 7.66 -5.72
C GLN A 30 -9.43 9.09 -5.18
N GLU A 31 -10.50 9.26 -4.43
CA GLU A 31 -10.92 10.59 -3.95
C GLU A 31 -9.97 11.15 -2.86
N LEU A 32 -9.39 10.26 -2.05
CA LEU A 32 -8.55 10.71 -0.92
C LEU A 32 -7.14 11.14 -1.37
N LEU A 33 -6.80 10.88 -2.63
CA LEU A 33 -5.48 11.22 -3.19
C LEU A 33 -5.43 12.68 -3.66
N LYS A 34 -4.30 13.36 -3.42
CA LYS A 34 -4.19 14.80 -3.74
C LYS A 34 -2.88 15.15 -4.46
N LYS A 35 -1.74 14.71 -3.92
CA LYS A 35 -0.43 15.02 -4.49
C LYS A 35 0.19 13.81 -5.19
N GLN A 36 1.33 14.02 -5.86
CA GLN A 36 2.08 12.91 -6.44
C GLN A 36 2.86 12.15 -5.35
N GLY A 37 2.37 10.97 -4.99
CA GLY A 37 3.03 10.17 -3.97
C GLY A 37 2.05 9.43 -3.06
N ASP A 38 0.91 10.05 -2.78
CA ASP A 38 -0.12 9.46 -1.93
C ASP A 38 -0.51 8.06 -2.43
N PHE A 39 -0.34 7.04 -1.58
CA PHE A 39 -0.67 5.66 -1.95
C PHE A 39 -1.42 4.94 -0.83
N LEU A 40 -2.34 4.06 -1.21
CA LEU A 40 -3.03 3.17 -0.27
C LEU A 40 -3.26 1.79 -0.90
N VAL A 41 -3.20 0.74 -0.09
CA VAL A 41 -3.50 -0.61 -0.56
C VAL A 41 -4.87 -1.07 -0.07
N ARG A 42 -5.71 -1.49 -1.01
CA ARG A 42 -7.04 -2.01 -0.68
C ARG A 42 -7.20 -3.43 -1.21
N GLU A 43 -8.24 -4.13 -0.78
CA GLU A 43 -8.61 -5.41 -1.38
C GLU A 43 -9.82 -5.20 -2.30
N SER A 44 -9.88 -5.93 -3.40
CA SER A 44 -10.98 -5.78 -4.37
C SER A 44 -12.32 -6.10 -3.72
N HIS A 45 -13.26 -5.16 -3.78
CA HIS A 45 -14.55 -5.29 -3.12
C HIS A 45 -15.37 -6.43 -3.74
N GLY A 46 -15.28 -7.63 -3.13
CA GLY A 46 -15.96 -8.81 -3.65
C GLY A 46 -15.00 -9.92 -4.07
N LYS A 47 -13.72 -9.59 -4.21
CA LYS A 47 -12.69 -10.54 -4.64
C LYS A 47 -11.57 -10.68 -3.56
N PRO A 48 -11.79 -11.55 -2.56
CA PRO A 48 -10.82 -11.77 -1.47
C PRO A 48 -9.49 -12.38 -1.98
N GLY A 49 -8.41 -11.61 -1.85
CA GLY A 49 -7.11 -12.07 -2.33
C GLY A 49 -6.47 -11.11 -3.35
N GLU A 50 -7.29 -10.32 -4.03
CA GLU A 50 -6.78 -9.36 -5.02
C GLU A 50 -6.63 -7.96 -4.41
N TYR A 51 -5.40 -7.60 -4.05
CA TYR A 51 -5.12 -6.30 -3.44
C TYR A 51 -4.73 -5.25 -4.51
N VAL A 52 -5.45 -4.14 -4.51
CA VAL A 52 -5.22 -3.06 -5.48
C VAL A 52 -4.54 -1.84 -4.82
N LEU A 53 -3.36 -1.49 -5.31
CA LEU A 53 -2.63 -0.32 -4.85
C LEU A 53 -3.05 0.93 -5.63
N SER A 54 -3.48 1.97 -4.92
CA SER A 54 -3.90 3.22 -5.56
C SER A 54 -2.96 4.36 -5.17
N VAL A 55 -2.09 4.76 -6.09
CA VAL A 55 -1.14 5.84 -5.86
C VAL A 55 -1.31 6.98 -6.88
N TYR A 56 -1.33 8.22 -6.40
CA TYR A 56 -1.51 9.37 -7.28
C TYR A 56 -0.16 9.83 -7.87
N SER A 57 -0.01 9.71 -9.18
CA SER A 57 1.25 10.10 -9.84
C SER A 57 0.99 10.65 -11.25
N ASP A 58 1.73 11.69 -11.61
CA ASP A 58 1.63 12.30 -12.95
C ASP A 58 0.23 12.87 -13.21
N GLY A 59 -0.47 13.23 -12.14
CA GLY A 59 -1.82 13.79 -12.27
C GLY A 59 -2.93 12.75 -12.32
N GLN A 60 -2.55 11.47 -12.42
CA GLN A 60 -3.53 10.38 -12.54
C GLN A 60 -3.55 9.52 -11.26
N ARG A 61 -4.68 8.84 -11.03
CA ARG A 61 -4.72 7.78 -10.01
C ARG A 61 -4.18 6.47 -10.61
N ARG A 62 -2.95 6.14 -10.27
CA ARG A 62 -2.29 4.94 -10.78
C ARG A 62 -2.68 3.70 -9.96
N HIS A 63 -3.49 2.83 -10.54
CA HIS A 63 -3.96 1.63 -9.82
C HIS A 63 -3.22 0.36 -10.29
N PHE A 64 -2.50 -0.25 -9.36
CA PHE A 64 -1.77 -1.50 -9.65
C PHE A 64 -2.35 -2.66 -8.84
N ILE A 65 -2.19 -3.89 -9.33
CA ILE A 65 -2.70 -5.07 -8.64
C ILE A 65 -1.57 -5.96 -8.12
N ILE A 66 -1.70 -6.44 -6.88
CA ILE A 66 -0.70 -7.33 -6.29
C ILE A 66 -0.95 -8.79 -6.67
N GLN A 67 -0.05 -9.36 -7.48
CA GLN A 67 -0.16 -10.77 -7.86
C GLN A 67 0.54 -11.67 -6.83
N TYR A 68 -0.13 -12.74 -6.43
CA TYR A 68 0.45 -13.71 -5.50
C TYR A 68 0.96 -14.94 -6.26
N VAL A 69 2.27 -14.95 -6.53
CA VAL A 69 2.90 -16.03 -7.32
C VAL A 69 4.16 -16.56 -6.62
N ASP A 70 4.42 -17.87 -6.75
CA ASP A 70 5.56 -18.52 -6.10
C ASP A 70 5.47 -18.39 -4.56
N ASN A 71 4.25 -18.14 -4.07
CA ASN A 71 4.00 -17.89 -2.64
C ASN A 71 4.61 -16.55 -2.19
N MET A 72 4.65 -15.58 -3.11
CA MET A 72 5.11 -14.22 -2.80
C MET A 72 4.20 -13.16 -3.46
N TYR A 73 3.97 -12.06 -2.75
CA TYR A 73 3.20 -10.92 -3.28
C TYR A 73 4.11 -10.01 -4.13
N ARG A 74 3.66 -9.63 -5.33
CA ARG A 74 4.49 -8.85 -6.24
C ARG A 74 3.69 -7.86 -7.10
N PHE A 75 4.37 -6.80 -7.55
CA PHE A 75 3.82 -5.86 -8.53
C PHE A 75 4.50 -6.08 -9.90
N GLU A 76 5.83 -6.02 -9.89
CA GLU A 76 6.64 -6.20 -11.11
C GLU A 76 7.71 -7.29 -10.90
N GLY A 77 7.32 -8.55 -11.07
CA GLY A 77 8.27 -9.66 -10.93
C GLY A 77 8.71 -9.94 -9.50
N THR A 78 9.69 -9.16 -9.02
CA THR A 78 10.25 -9.35 -7.67
C THR A 78 9.16 -9.19 -6.60
N GLY A 79 9.04 -10.18 -5.71
CA GLY A 79 7.98 -10.15 -4.69
C GLY A 79 8.45 -10.52 -3.29
N PHE A 80 7.62 -10.20 -2.29
CA PHE A 80 7.91 -10.52 -0.88
C PHE A 80 6.83 -11.45 -0.29
N SER A 81 7.19 -12.20 0.74
CA SER A 81 6.27 -13.16 1.38
C SER A 81 5.05 -12.48 2.01
N ASN A 82 5.22 -11.25 2.51
CA ASN A 82 4.14 -10.53 3.17
C ASN A 82 3.92 -9.13 2.56
N ILE A 83 2.66 -8.72 2.41
CA ILE A 83 2.31 -7.40 1.87
C ILE A 83 2.86 -6.25 2.74
N PRO A 84 2.66 -6.27 4.09
CA PRO A 84 3.21 -5.23 4.98
C PRO A 84 4.72 -5.07 4.82
N GLN A 85 5.42 -6.20 4.66
CA GLN A 85 6.87 -6.19 4.42
C GLN A 85 7.20 -5.73 2.99
N LEU A 86 6.36 -6.13 2.03
CA LEU A 86 6.50 -5.71 0.64
C LEU A 86 6.50 -4.18 0.50
N ILE A 87 5.44 -3.56 0.98
CA ILE A 87 5.29 -2.09 0.90
C ILE A 87 6.32 -1.36 1.78
N ASP A 88 6.50 -1.82 3.02
CA ASP A 88 7.43 -1.19 3.96
C ASP A 88 8.87 -1.15 3.40
N HIS A 89 9.38 -2.31 2.99
CA HIS A 89 10.74 -2.39 2.43
C HIS A 89 10.82 -1.67 1.07
N HIS A 90 9.78 -1.77 0.27
CA HIS A 90 9.73 -1.11 -1.05
C HIS A 90 9.71 0.42 -0.89
N TYR A 91 9.06 0.89 0.17
CA TYR A 91 8.98 2.32 0.50
C TYR A 91 10.34 2.85 0.98
N THR A 92 10.93 2.17 1.95
CA THR A 92 12.22 2.60 2.54
C THR A 92 13.38 2.51 1.54
N THR A 93 13.26 1.64 0.55
CA THR A 93 14.29 1.54 -0.52
C THR A 93 13.98 2.49 -1.69
N LYS A 94 12.80 3.11 -1.67
CA LYS A 94 12.38 4.06 -2.71
C LYS A 94 12.38 3.42 -4.11
N GLN A 95 12.09 2.12 -4.15
CA GLN A 95 12.05 1.37 -5.40
C GLN A 95 10.72 1.63 -6.16
N VAL A 96 10.76 1.64 -7.49
CA VAL A 96 9.53 1.89 -8.28
C VAL A 96 8.60 0.66 -8.26
N ILE A 97 7.28 0.91 -8.23
CA ILE A 97 6.28 -0.16 -8.23
C ILE A 97 6.44 -1.08 -9.44
N THR A 98 6.11 -0.56 -10.62
CA THR A 98 6.35 -1.27 -11.88
C THR A 98 7.21 -0.41 -12.80
N LYS A 99 8.22 -1.02 -13.43
CA LYS A 99 9.12 -0.29 -14.32
C LYS A 99 8.39 0.19 -15.58
N LYS A 100 7.23 -0.43 -15.85
CA LYS A 100 6.36 -0.01 -16.94
C LYS A 100 5.77 1.39 -16.68
N SER A 101 5.45 1.69 -15.42
CA SER A 101 4.81 2.97 -15.06
C SER A 101 5.82 3.98 -14.47
N GLY A 102 6.73 3.49 -13.61
CA GLY A 102 7.73 4.37 -13.00
C GLY A 102 7.20 5.21 -11.83
N VAL A 103 6.44 4.59 -10.93
CA VAL A 103 5.89 5.28 -9.76
C VAL A 103 6.62 4.89 -8.47
N VAL A 104 6.96 5.87 -7.64
CA VAL A 104 7.67 5.63 -6.37
C VAL A 104 6.76 5.88 -5.15
N LEU A 105 7.11 5.26 -4.01
CA LEU A 105 6.30 5.39 -2.79
C LEU A 105 6.83 6.49 -1.85
N LEU A 106 5.99 7.49 -1.58
CA LEU A 106 6.29 8.54 -0.61
C LEU A 106 5.03 8.93 0.18
N ASN A 107 5.22 9.50 1.38
CA ASN A 107 4.13 9.92 2.29
C ASN A 107 2.84 9.07 2.19
N PRO A 108 2.74 7.97 2.97
CA PRO A 108 1.54 7.10 2.97
C PRO A 108 0.32 7.77 3.63
N ILE A 109 -0.86 7.55 3.06
CA ILE A 109 -2.09 8.17 3.59
C ILE A 109 -2.81 7.24 4.59
N PRO A 110 -2.91 7.66 5.87
CA PRO A 110 -3.59 6.87 6.92
C PRO A 110 -5.09 6.68 6.67
N LYS A 111 -5.71 5.83 7.48
CA LYS A 111 -7.14 5.50 7.33
C LYS A 111 -7.97 5.94 8.53
N ASP A 112 -9.28 6.05 8.33
CA ASP A 112 -10.21 6.40 9.40
C ASP A 112 -10.77 5.13 10.09
N LYS A 113 -11.23 5.29 11.32
CA LYS A 113 -11.78 4.18 12.10
C LYS A 113 -13.27 4.00 11.82
N LYS A 114 -13.61 3.70 10.56
CA LYS A 114 -14.99 3.57 10.14
C LYS A 114 -15.66 2.32 10.73
N TRP A 115 -16.20 2.47 11.95
CA TRP A 115 -16.91 1.38 12.63
C TRP A 115 -18.28 1.10 11.98
N ILE A 116 -18.79 2.09 11.27
CA ILE A 116 -20.09 1.99 10.58
C ILE A 116 -20.06 0.93 9.46
N MET A 1 23.49 12.57 33.01
CA MET A 1 22.06 12.18 33.15
C MET A 1 21.42 11.80 31.81
N GLY A 2 22.25 11.30 30.87
CA GLY A 2 21.79 10.99 29.52
C GLY A 2 20.43 10.28 29.42
N HIS A 3 20.41 8.96 29.69
CA HIS A 3 19.17 8.17 29.64
C HIS A 3 18.51 8.23 28.25
N HIS A 4 19.28 8.62 27.24
CA HIS A 4 18.76 8.82 25.88
C HIS A 4 18.93 7.55 25.02
N HIS A 5 19.16 6.41 25.66
CA HIS A 5 19.32 5.14 24.94
C HIS A 5 17.99 4.72 24.29
N HIS A 6 17.86 4.99 22.99
CA HIS A 6 16.60 4.81 22.27
C HIS A 6 16.29 3.32 21.98
N HIS A 7 15.00 3.00 21.89
CA HIS A 7 14.54 1.64 21.58
C HIS A 7 14.23 1.47 20.08
N HIS A 8 13.64 0.33 19.72
CA HIS A 8 13.19 0.10 18.33
C HIS A 8 11.88 -0.72 18.31
N SER A 9 10.85 -0.17 17.69
CA SER A 9 9.53 -0.82 17.60
C SER A 9 9.49 -1.87 16.48
N HIS A 10 8.56 -2.83 16.59
CA HIS A 10 8.40 -3.86 15.56
C HIS A 10 7.41 -3.41 14.47
N MET A 11 7.22 -4.25 13.45
CA MET A 11 6.31 -3.93 12.35
C MET A 11 4.90 -4.48 12.59
N LYS A 12 3.90 -3.62 12.42
CA LYS A 12 2.50 -4.01 12.50
C LYS A 12 2.09 -4.95 11.34
N PRO A 13 1.10 -5.83 11.56
CA PRO A 13 0.53 -6.67 10.48
C PRO A 13 -0.30 -5.84 9.47
N LEU A 14 -0.62 -6.44 8.33
CA LEU A 14 -1.29 -5.75 7.21
C LEU A 14 -2.54 -4.96 7.66
N ALA A 15 -3.39 -5.59 8.46
CA ALA A 15 -4.62 -4.94 8.94
C ALA A 15 -4.32 -3.68 9.78
N GLU A 16 -3.29 -3.77 10.62
CA GLU A 16 -2.89 -2.65 11.49
C GLU A 16 -2.22 -1.53 10.67
N GLN A 17 -1.69 -1.89 9.50
CA GLN A 17 -1.08 -0.92 8.61
C GLN A 17 -2.06 0.21 8.24
N ASP A 18 -1.64 1.43 8.47
CA ASP A 18 -2.50 2.61 8.28
C ASP A 18 -2.80 2.89 6.79
N TRP A 19 -1.83 2.62 5.93
CA TRP A 19 -2.03 2.74 4.48
C TRP A 19 -3.04 1.70 3.94
N TYR A 20 -3.33 0.67 4.75
CA TYR A 20 -4.37 -0.30 4.41
C TYR A 20 -5.72 0.13 5.03
N HIS A 21 -6.68 0.50 4.17
CA HIS A 21 -7.96 1.06 4.65
C HIS A 21 -9.12 0.03 4.65
N GLY A 22 -8.78 -1.25 4.68
CA GLY A 22 -9.80 -2.30 4.83
C GLY A 22 -10.74 -2.48 3.64
N ALA A 23 -10.19 -2.54 2.43
CA ALA A 23 -10.96 -2.82 1.22
C ALA A 23 -12.05 -1.75 0.93
N ILE A 24 -11.62 -0.61 0.43
CA ILE A 24 -12.56 0.48 0.09
C ILE A 24 -12.86 0.50 -1.42
N PRO A 25 -13.95 1.19 -1.85
CA PRO A 25 -14.27 1.31 -3.28
C PRO A 25 -13.29 2.21 -4.04
N ARG A 26 -13.28 2.07 -5.37
CA ARG A 26 -12.38 2.87 -6.23
C ARG A 26 -12.61 4.38 -6.05
N ILE A 27 -13.87 4.78 -5.83
CA ILE A 27 -14.22 6.19 -5.63
C ILE A 27 -13.40 6.82 -4.50
N GLU A 28 -13.54 6.28 -3.28
CA GLU A 28 -12.79 6.79 -2.13
C GLU A 28 -11.28 6.64 -2.33
N ALA A 29 -10.88 5.58 -3.02
CA ALA A 29 -9.47 5.28 -3.26
C ALA A 29 -8.79 6.39 -4.07
N GLN A 30 -9.50 6.93 -5.06
CA GLN A 30 -8.94 7.98 -5.91
C GLN A 30 -9.18 9.39 -5.33
N GLU A 31 -10.31 9.57 -4.64
CA GLU A 31 -10.69 10.89 -4.09
C GLU A 31 -9.70 11.35 -3.00
N LEU A 32 -9.23 10.42 -2.17
CA LEU A 32 -8.26 10.77 -1.12
C LEU A 32 -6.88 11.10 -1.73
N LEU A 33 -6.64 10.57 -2.94
CA LEU A 33 -5.41 10.87 -3.68
C LEU A 33 -5.49 12.28 -4.28
N LYS A 34 -4.80 13.25 -3.67
CA LYS A 34 -4.94 14.66 -4.06
C LYS A 34 -3.59 15.40 -4.15
N LYS A 35 -2.49 14.70 -3.89
CA LYS A 35 -1.14 15.27 -4.06
C LYS A 35 -0.13 14.19 -4.47
N GLN A 36 0.95 14.61 -5.12
CA GLN A 36 1.99 13.68 -5.61
C GLN A 36 2.51 12.76 -4.50
N GLY A 37 2.31 11.45 -4.67
CA GLY A 37 2.87 10.48 -3.72
C GLY A 37 1.82 9.68 -2.95
N ASP A 38 0.63 10.25 -2.75
CA ASP A 38 -0.43 9.57 -1.99
C ASP A 38 -0.66 8.12 -2.48
N PHE A 39 -0.66 7.16 -1.57
CA PHE A 39 -0.92 5.76 -1.95
C PHE A 39 -1.57 4.96 -0.81
N LEU A 40 -2.30 3.91 -1.20
CA LEU A 40 -2.92 2.99 -0.23
C LEU A 40 -3.22 1.64 -0.89
N VAL A 41 -3.51 0.63 -0.08
CA VAL A 41 -3.88 -0.70 -0.59
C VAL A 41 -5.33 -1.06 -0.21
N ARG A 42 -6.11 -1.44 -1.21
CA ARG A 42 -7.51 -1.86 -1.00
C ARG A 42 -7.77 -3.26 -1.58
N GLU A 43 -8.36 -4.12 -0.77
CA GLU A 43 -8.70 -5.48 -1.22
C GLU A 43 -9.98 -5.46 -2.07
N SER A 44 -10.07 -6.37 -3.04
CA SER A 44 -11.25 -6.45 -3.91
C SER A 44 -12.42 -7.15 -3.21
N HIS A 45 -13.63 -6.69 -3.46
CA HIS A 45 -14.83 -7.33 -2.93
C HIS A 45 -15.35 -8.41 -3.90
N GLY A 46 -15.13 -8.18 -5.19
CA GLY A 46 -15.45 -9.19 -6.20
C GLY A 46 -14.52 -10.40 -6.12
N LYS A 47 -13.28 -10.17 -5.70
CA LYS A 47 -12.30 -11.24 -5.49
C LYS A 47 -11.63 -11.11 -4.11
N PRO A 48 -12.22 -11.73 -3.07
CA PRO A 48 -11.64 -11.69 -1.71
C PRO A 48 -10.26 -12.37 -1.64
N GLY A 49 -9.26 -11.62 -1.18
CA GLY A 49 -7.90 -12.16 -1.12
C GLY A 49 -6.94 -11.49 -2.09
N GLU A 50 -7.49 -10.78 -3.09
CA GLU A 50 -6.66 -10.03 -4.04
C GLU A 50 -6.64 -8.54 -3.69
N TYR A 51 -5.44 -7.98 -3.57
CA TYR A 51 -5.26 -6.58 -3.15
C TYR A 51 -4.84 -5.68 -4.31
N VAL A 52 -5.42 -4.49 -4.36
CA VAL A 52 -5.11 -3.52 -5.41
C VAL A 52 -4.47 -2.26 -4.82
N LEU A 53 -3.33 -1.86 -5.39
CA LEU A 53 -2.63 -0.66 -4.96
C LEU A 53 -3.15 0.58 -5.72
N SER A 54 -3.52 1.61 -4.99
CA SER A 54 -4.00 2.86 -5.59
C SER A 54 -3.06 4.02 -5.22
N VAL A 55 -2.42 4.60 -6.23
CA VAL A 55 -1.39 5.62 -6.01
C VAL A 55 -1.57 6.84 -6.93
N TYR A 56 -1.24 8.01 -6.38
CA TYR A 56 -1.33 9.27 -7.12
C TYR A 56 0.01 9.59 -7.80
N SER A 57 0.00 9.59 -9.13
CA SER A 57 1.22 9.86 -9.91
C SER A 57 0.99 10.94 -10.98
N ASP A 58 1.67 12.07 -10.81
CA ASP A 58 1.68 13.15 -11.82
C ASP A 58 0.25 13.58 -12.24
N GLY A 59 -0.60 13.85 -11.25
CA GLY A 59 -1.95 14.36 -11.53
C GLY A 59 -2.96 13.27 -11.91
N GLN A 60 -2.52 12.02 -11.97
CA GLN A 60 -3.40 10.90 -12.33
C GLN A 60 -3.41 9.82 -11.24
N ARG A 61 -4.59 9.26 -10.95
CA ARG A 61 -4.71 8.14 -10.00
C ARG A 61 -4.46 6.79 -10.71
N ARG A 62 -3.28 6.22 -10.49
CA ARG A 62 -2.91 4.95 -11.12
C ARG A 62 -3.18 3.76 -10.19
N HIS A 63 -3.45 2.58 -10.77
CA HIS A 63 -3.82 1.40 -9.97
C HIS A 63 -3.04 0.14 -10.39
N PHE A 64 -2.38 -0.50 -9.43
CA PHE A 64 -1.59 -1.71 -9.70
C PHE A 64 -2.03 -2.88 -8.80
N ILE A 65 -2.53 -3.96 -9.41
CA ILE A 65 -2.98 -5.13 -8.65
C ILE A 65 -1.80 -6.02 -8.23
N ILE A 66 -1.89 -6.61 -7.04
CA ILE A 66 -0.83 -7.48 -6.52
C ILE A 66 -1.05 -8.96 -6.93
N GLN A 67 -0.05 -9.55 -7.59
CA GLN A 67 -0.11 -10.96 -7.99
C GLN A 67 0.53 -11.89 -6.93
N TYR A 68 -0.22 -12.90 -6.52
CA TYR A 68 0.25 -13.90 -5.55
C TYR A 68 0.89 -15.10 -6.26
N VAL A 69 2.21 -15.15 -6.28
CA VAL A 69 2.95 -16.22 -6.97
C VAL A 69 4.04 -16.83 -6.07
N ASP A 70 4.10 -18.17 -6.02
CA ASP A 70 5.07 -18.90 -5.17
C ASP A 70 4.97 -18.46 -3.70
N ASN A 71 3.74 -18.28 -3.22
CA ASN A 71 3.47 -17.83 -1.85
C ASN A 71 4.10 -16.46 -1.54
N MET A 72 4.45 -15.71 -2.60
CA MET A 72 5.00 -14.36 -2.46
C MET A 72 4.20 -13.34 -3.27
N TYR A 73 3.93 -12.19 -2.68
CA TYR A 73 3.18 -11.12 -3.34
C TYR A 73 4.10 -10.22 -4.17
N ARG A 74 3.74 -9.98 -5.43
CA ARG A 74 4.58 -9.17 -6.33
C ARG A 74 3.72 -8.35 -7.31
N PHE A 75 4.38 -7.47 -8.06
CA PHE A 75 3.72 -6.72 -9.14
C PHE A 75 4.20 -7.21 -10.51
N GLU A 76 5.49 -7.05 -10.81
CA GLU A 76 6.08 -7.58 -12.05
C GLU A 76 7.02 -8.77 -11.79
N GLY A 77 8.19 -8.49 -11.21
CA GLY A 77 9.19 -9.55 -11.02
C GLY A 77 9.42 -9.95 -9.56
N THR A 78 10.19 -9.13 -8.83
CA THR A 78 10.56 -9.45 -7.45
C THR A 78 9.34 -9.51 -6.51
N GLY A 79 9.20 -10.62 -5.78
CA GLY A 79 8.09 -10.78 -4.84
C GLY A 79 8.54 -10.84 -3.38
N PHE A 80 7.62 -10.56 -2.47
CA PHE A 80 7.88 -10.63 -1.03
C PHE A 80 6.86 -11.57 -0.34
N SER A 81 7.33 -12.33 0.64
CA SER A 81 6.46 -13.29 1.34
C SER A 81 5.28 -12.61 2.04
N ASN A 82 5.43 -11.32 2.36
CA ASN A 82 4.37 -10.56 3.04
C ASN A 82 4.09 -9.23 2.32
N ILE A 83 2.80 -8.86 2.23
CA ILE A 83 2.40 -7.58 1.61
C ILE A 83 3.02 -6.36 2.32
N PRO A 84 3.00 -6.29 3.68
CA PRO A 84 3.69 -5.21 4.41
C PRO A 84 5.16 -5.06 3.99
N GLN A 85 5.86 -6.18 3.79
CA GLN A 85 7.25 -6.17 3.33
C GLN A 85 7.36 -5.65 1.89
N LEU A 86 6.42 -6.04 1.04
CA LEU A 86 6.38 -5.55 -0.34
C LEU A 86 6.36 -4.01 -0.39
N ILE A 87 5.36 -3.43 0.26
CA ILE A 87 5.21 -1.97 0.29
C ILE A 87 6.35 -1.30 1.07
N ASP A 88 6.59 -1.77 2.30
CA ASP A 88 7.62 -1.17 3.18
C ASP A 88 9.01 -1.17 2.52
N HIS A 89 9.42 -2.31 1.97
CA HIS A 89 10.75 -2.41 1.35
C HIS A 89 10.88 -1.44 0.16
N HIS A 90 9.86 -1.35 -0.67
CA HIS A 90 9.87 -0.38 -1.79
C HIS A 90 9.86 1.07 -1.25
N TYR A 91 9.10 1.31 -0.19
CA TYR A 91 9.00 2.64 0.43
C TYR A 91 10.36 3.09 1.02
N THR A 92 10.97 2.22 1.82
CA THR A 92 12.27 2.50 2.46
C THR A 92 13.37 2.70 1.41
N THR A 93 13.51 1.73 0.50
CA THR A 93 14.47 1.86 -0.63
C THR A 93 14.10 3.01 -1.56
N LYS A 94 12.85 3.47 -1.47
CA LYS A 94 12.34 4.59 -2.27
C LYS A 94 12.36 4.26 -3.78
N GLN A 95 12.25 2.98 -4.10
CA GLN A 95 12.24 2.53 -5.50
C GLN A 95 10.80 2.45 -6.05
N VAL A 96 10.71 2.20 -7.35
CA VAL A 96 9.42 2.17 -8.04
C VAL A 96 8.65 0.86 -7.80
N ILE A 97 7.33 0.92 -7.98
CA ILE A 97 6.46 -0.26 -7.88
C ILE A 97 6.68 -1.21 -9.07
N THR A 98 6.57 -0.65 -10.28
CA THR A 98 6.84 -1.42 -11.51
C THR A 98 7.71 -0.60 -12.48
N LYS A 99 8.65 -1.27 -13.15
CA LYS A 99 9.51 -0.60 -14.14
C LYS A 99 8.69 -0.17 -15.36
N LYS A 100 7.54 -0.83 -15.55
CA LYS A 100 6.61 -0.48 -16.63
C LYS A 100 5.91 0.87 -16.36
N SER A 101 5.89 1.31 -15.09
CA SER A 101 5.27 2.59 -14.71
C SER A 101 6.31 3.63 -14.29
N GLY A 102 7.03 3.33 -13.22
CA GLY A 102 8.01 4.27 -12.66
C GLY A 102 7.47 5.07 -11.49
N VAL A 103 6.41 4.56 -10.84
CA VAL A 103 5.78 5.24 -9.70
C VAL A 103 6.48 4.87 -8.37
N VAL A 104 6.84 5.90 -7.58
CA VAL A 104 7.55 5.70 -6.31
C VAL A 104 6.62 5.94 -5.10
N LEU A 105 6.93 5.31 -3.97
CA LEU A 105 6.11 5.43 -2.75
C LEU A 105 6.65 6.51 -1.79
N LEU A 106 5.83 7.55 -1.55
CA LEU A 106 6.14 8.57 -0.54
C LEU A 106 4.87 9.02 0.19
N ASN A 107 5.04 9.61 1.38
CA ASN A 107 3.92 10.06 2.26
C ASN A 107 2.63 9.19 2.14
N PRO A 108 2.56 8.09 2.91
CA PRO A 108 1.39 7.17 2.86
C PRO A 108 0.12 7.81 3.43
N ILE A 109 -1.04 7.32 2.99
CA ILE A 109 -2.33 7.78 3.50
C ILE A 109 -2.78 6.91 4.68
N PRO A 110 -2.68 7.43 5.92
CA PRO A 110 -2.90 6.63 7.14
C PRO A 110 -4.37 6.50 7.58
N LYS A 111 -4.58 5.84 8.71
CA LYS A 111 -5.90 5.68 9.31
C LYS A 111 -5.78 5.47 10.83
N ASP A 112 -6.91 5.49 11.53
CA ASP A 112 -6.95 5.21 12.96
C ASP A 112 -6.44 3.80 13.27
N LYS A 113 -5.50 3.68 14.20
CA LYS A 113 -5.01 2.37 14.65
C LYS A 113 -6.02 1.72 15.61
N LYS A 114 -7.21 1.40 15.08
CA LYS A 114 -8.34 0.95 15.91
C LYS A 114 -9.11 -0.20 15.25
N TRP A 115 -10.24 -0.56 15.87
CA TRP A 115 -11.13 -1.62 15.38
C TRP A 115 -12.51 -1.04 15.00
N ILE A 116 -12.53 0.24 14.63
CA ILE A 116 -13.78 0.95 14.34
C ILE A 116 -14.42 0.49 13.01
N MET A 1 18.22 -0.27 24.68
CA MET A 1 19.47 0.00 23.89
C MET A 1 20.24 1.20 24.47
N GLY A 2 19.70 1.80 25.53
CA GLY A 2 20.33 2.98 26.13
C GLY A 2 19.32 3.86 26.88
N HIS A 3 18.66 4.76 26.15
CA HIS A 3 17.64 5.64 26.74
C HIS A 3 16.36 4.86 27.06
N HIS A 4 16.20 3.69 26.45
CA HIS A 4 15.10 2.77 26.75
C HIS A 4 15.62 1.32 26.86
N HIS A 5 14.98 0.53 27.74
CA HIS A 5 15.34 -0.89 27.90
C HIS A 5 15.06 -1.68 26.60
N HIS A 6 14.17 -1.15 25.76
CA HIS A 6 13.88 -1.77 24.46
C HIS A 6 15.17 -1.99 23.64
N HIS A 7 15.31 -3.17 23.06
CA HIS A 7 16.51 -3.53 22.29
C HIS A 7 16.17 -3.83 20.82
N HIS A 8 14.95 -4.31 20.57
CA HIS A 8 14.52 -4.62 19.20
C HIS A 8 13.01 -4.38 19.02
N SER A 9 12.57 -4.14 17.79
CA SER A 9 11.17 -3.83 17.49
C SER A 9 10.56 -4.85 16.52
N HIS A 10 9.24 -5.07 16.63
CA HIS A 10 8.51 -5.96 15.70
C HIS A 10 7.76 -5.13 14.64
N MET A 11 7.62 -5.69 13.45
CA MET A 11 6.86 -5.04 12.38
C MET A 11 5.34 -5.22 12.58
N LYS A 12 4.56 -4.25 12.12
CA LYS A 12 3.09 -4.29 12.26
C LYS A 12 2.44 -5.18 11.18
N PRO A 13 1.37 -5.92 11.56
CA PRO A 13 0.57 -6.69 10.59
C PRO A 13 -0.16 -5.78 9.59
N LEU A 14 -0.62 -6.36 8.48
CA LEU A 14 -1.36 -5.60 7.46
C LEU A 14 -2.55 -4.84 8.07
N ALA A 15 -3.23 -5.49 9.02
CA ALA A 15 -4.40 -4.91 9.69
C ALA A 15 -4.07 -3.67 10.53
N GLU A 16 -2.78 -3.44 10.80
CA GLU A 16 -2.35 -2.28 11.60
C GLU A 16 -1.51 -1.29 10.78
N GLN A 17 -1.42 -1.51 9.47
CA GLN A 17 -0.67 -0.62 8.58
C GLN A 17 -1.53 0.59 8.16
N ASP A 18 -0.99 1.79 8.36
CA ASP A 18 -1.72 3.03 8.06
C ASP A 18 -2.02 3.18 6.56
N TRP A 19 -1.11 2.71 5.71
CA TRP A 19 -1.32 2.75 4.25
C TRP A 19 -2.40 1.75 3.80
N TYR A 20 -2.77 0.81 4.67
CA TYR A 20 -3.83 -0.15 4.37
C TYR A 20 -5.19 0.38 4.83
N HIS A 21 -6.10 0.64 3.89
CA HIS A 21 -7.42 1.24 4.23
C HIS A 21 -8.56 0.20 4.18
N GLY A 22 -8.21 -1.07 4.24
CA GLY A 22 -9.23 -2.13 4.29
C GLY A 22 -9.86 -2.42 2.93
N ALA A 23 -11.05 -3.02 2.95
CA ALA A 23 -11.76 -3.37 1.72
C ALA A 23 -12.70 -2.23 1.27
N ILE A 24 -12.14 -1.27 0.54
CA ILE A 24 -12.92 -0.15 0.01
C ILE A 24 -13.03 -0.22 -1.52
N PRO A 25 -14.13 0.30 -2.12
CA PRO A 25 -14.31 0.31 -3.58
C PRO A 25 -13.29 1.22 -4.30
N ARG A 26 -13.12 0.99 -5.61
CA ARG A 26 -12.16 1.75 -6.42
C ARG A 26 -12.42 3.26 -6.36
N ILE A 27 -13.71 3.63 -6.28
CA ILE A 27 -14.09 5.04 -6.14
C ILE A 27 -13.44 5.67 -4.90
N GLU A 28 -13.66 5.07 -3.73
CA GLU A 28 -13.07 5.56 -2.48
C GLU A 28 -11.53 5.63 -2.56
N ALA A 29 -10.95 4.69 -3.30
CA ALA A 29 -9.49 4.62 -3.46
C ALA A 29 -8.92 5.80 -4.26
N GLN A 30 -9.70 6.31 -5.22
CA GLN A 30 -9.25 7.45 -6.04
C GLN A 30 -9.59 8.80 -5.37
N GLU A 31 -10.71 8.83 -4.64
CA GLU A 31 -11.21 10.08 -4.02
C GLU A 31 -10.19 10.71 -3.05
N LEU A 32 -9.53 9.89 -2.23
CA LEU A 32 -8.60 10.41 -1.22
C LEU A 32 -7.23 10.76 -1.82
N LEU A 33 -7.01 10.41 -3.09
CA LEU A 33 -5.75 10.73 -3.77
C LEU A 33 -5.84 12.10 -4.45
N LYS A 34 -5.08 13.08 -3.94
CA LYS A 34 -5.21 14.47 -4.41
C LYS A 34 -3.85 15.11 -4.76
N LYS A 35 -2.77 14.65 -4.15
CA LYS A 35 -1.44 15.22 -4.41
C LYS A 35 -0.39 14.14 -4.71
N GLN A 36 0.64 14.50 -5.48
CA GLN A 36 1.67 13.56 -5.91
C GLN A 36 2.39 12.89 -4.73
N GLY A 37 2.01 11.66 -4.44
CA GLY A 37 2.60 10.92 -3.33
C GLY A 37 1.60 10.07 -2.57
N ASP A 38 0.36 10.57 -2.45
CA ASP A 38 -0.71 9.84 -1.76
C ASP A 38 -0.84 8.40 -2.27
N PHE A 39 -0.75 7.41 -1.38
CA PHE A 39 -0.94 6.01 -1.77
C PHE A 39 -1.62 5.18 -0.66
N LEU A 40 -2.32 4.14 -1.07
CA LEU A 40 -2.98 3.21 -0.13
C LEU A 40 -3.14 1.81 -0.74
N VAL A 41 -3.25 0.80 0.11
CA VAL A 41 -3.59 -0.55 -0.32
C VAL A 41 -5.02 -0.91 0.14
N ARG A 42 -5.82 -1.45 -0.77
CA ARG A 42 -7.21 -1.83 -0.47
C ARG A 42 -7.47 -3.30 -0.81
N GLU A 43 -8.61 -3.82 -0.36
CA GLU A 43 -9.04 -5.18 -0.72
C GLU A 43 -10.31 -5.12 -1.60
N SER A 44 -10.27 -5.81 -2.75
CA SER A 44 -11.42 -5.82 -3.67
C SER A 44 -12.61 -6.63 -3.11
N HIS A 45 -13.83 -6.19 -3.43
CA HIS A 45 -15.06 -6.87 -2.95
C HIS A 45 -15.49 -7.98 -3.92
N GLY A 46 -15.74 -7.62 -5.18
CA GLY A 46 -16.16 -8.60 -6.18
C GLY A 46 -15.08 -9.62 -6.51
N LYS A 47 -13.82 -9.22 -6.28
CA LYS A 47 -12.66 -10.10 -6.48
C LYS A 47 -11.97 -10.36 -5.12
N PRO A 48 -12.45 -11.38 -4.37
CA PRO A 48 -12.01 -11.64 -2.98
C PRO A 48 -10.53 -12.00 -2.87
N GLY A 49 -9.85 -11.37 -1.91
CA GLY A 49 -8.43 -11.65 -1.69
C GLY A 49 -7.49 -10.84 -2.57
N GLU A 50 -8.04 -10.10 -3.53
CA GLU A 50 -7.20 -9.27 -4.42
C GLU A 50 -6.94 -7.89 -3.82
N TYR A 51 -5.72 -7.69 -3.33
CA TYR A 51 -5.30 -6.39 -2.78
C TYR A 51 -4.75 -5.49 -3.90
N VAL A 52 -5.24 -4.25 -3.94
CA VAL A 52 -4.86 -3.31 -5.00
C VAL A 52 -4.20 -2.05 -4.42
N LEU A 53 -3.03 -1.71 -4.97
CA LEU A 53 -2.31 -0.48 -4.59
C LEU A 53 -2.80 0.71 -5.43
N SER A 54 -3.20 1.78 -4.78
CA SER A 54 -3.69 2.99 -5.46
C SER A 54 -2.85 4.21 -5.05
N VAL A 55 -2.19 4.84 -6.03
CA VAL A 55 -1.27 5.95 -5.75
C VAL A 55 -1.46 7.12 -6.73
N TYR A 56 -1.28 8.35 -6.24
CA TYR A 56 -1.40 9.54 -7.07
C TYR A 56 -0.03 9.93 -7.65
N SER A 57 0.20 9.61 -8.92
CA SER A 57 1.50 9.85 -9.58
C SER A 57 1.33 10.54 -10.94
N ASP A 58 2.22 11.48 -11.23
CA ASP A 58 2.22 12.19 -12.51
C ASP A 58 0.90 12.97 -12.74
N GLY A 59 0.14 13.16 -11.67
CA GLY A 59 -1.15 13.86 -11.76
C GLY A 59 -2.35 12.92 -11.94
N GLN A 60 -2.08 11.62 -12.09
CA GLN A 60 -3.15 10.63 -12.29
C GLN A 60 -3.16 9.58 -11.17
N ARG A 61 -4.30 8.89 -11.00
CA ARG A 61 -4.39 7.78 -10.04
C ARG A 61 -3.90 6.48 -10.66
N ARG A 62 -2.69 6.06 -10.28
CA ARG A 62 -2.11 4.79 -10.76
C ARG A 62 -2.63 3.62 -9.91
N HIS A 63 -2.92 2.49 -10.57
CA HIS A 63 -3.45 1.32 -9.88
C HIS A 63 -2.63 0.06 -10.16
N PHE A 64 -2.05 -0.52 -9.11
CA PHE A 64 -1.24 -1.73 -9.22
C PHE A 64 -1.89 -2.90 -8.48
N ILE A 65 -2.21 -3.98 -9.20
CA ILE A 65 -2.81 -5.17 -8.59
C ILE A 65 -1.73 -6.12 -8.07
N ILE A 66 -1.94 -6.64 -6.85
CA ILE A 66 -0.99 -7.58 -6.24
C ILE A 66 -1.31 -9.04 -6.63
N GLN A 67 -0.44 -9.65 -7.42
CA GLN A 67 -0.58 -11.07 -7.76
C GLN A 67 0.11 -11.96 -6.72
N TYR A 68 -0.64 -12.85 -6.08
CA TYR A 68 -0.05 -13.81 -5.15
C TYR A 68 0.37 -15.08 -5.91
N VAL A 69 1.65 -15.14 -6.27
CA VAL A 69 2.20 -16.23 -7.07
C VAL A 69 3.52 -16.74 -6.47
N ASP A 70 3.77 -18.04 -6.54
CA ASP A 70 4.95 -18.65 -5.92
C ASP A 70 4.96 -18.40 -4.39
N ASN A 71 3.77 -18.26 -3.82
CA ASN A 71 3.61 -17.91 -2.39
C ASN A 71 4.28 -16.56 -2.06
N MET A 72 4.36 -15.67 -3.05
CA MET A 72 4.91 -14.32 -2.86
C MET A 72 4.03 -13.25 -3.52
N TYR A 73 3.90 -12.12 -2.87
CA TYR A 73 3.12 -10.99 -3.39
C TYR A 73 3.96 -10.14 -4.35
N ARG A 74 3.52 -10.07 -5.60
CA ARG A 74 4.26 -9.35 -6.66
C ARG A 74 3.35 -8.41 -7.46
N PHE A 75 3.94 -7.38 -8.06
CA PHE A 75 3.19 -6.47 -8.95
C PHE A 75 3.49 -6.78 -10.43
N GLU A 76 4.77 -6.72 -10.80
CA GLU A 76 5.20 -7.08 -12.15
C GLU A 76 6.12 -8.32 -12.13
N GLY A 77 7.39 -8.11 -11.79
CA GLY A 77 8.33 -9.22 -11.70
C GLY A 77 8.37 -9.88 -10.32
N THR A 78 9.44 -9.63 -9.57
CA THR A 78 9.62 -10.25 -8.25
C THR A 78 8.71 -9.65 -7.17
N GLY A 79 8.72 -10.25 -5.98
CA GLY A 79 7.87 -9.80 -4.88
C GLY A 79 8.25 -10.39 -3.53
N PHE A 80 7.50 -10.05 -2.49
CA PHE A 80 7.79 -10.50 -1.12
C PHE A 80 6.69 -11.39 -0.56
N SER A 81 7.05 -12.35 0.30
CA SER A 81 6.07 -13.27 0.91
C SER A 81 5.13 -12.57 1.89
N ASN A 82 5.43 -11.31 2.21
CA ASN A 82 4.60 -10.52 3.14
C ASN A 82 4.19 -9.19 2.50
N ILE A 83 2.89 -8.86 2.56
CA ILE A 83 2.39 -7.59 2.02
C ILE A 83 3.06 -6.36 2.69
N PRO A 84 3.14 -6.32 4.06
CA PRO A 84 3.86 -5.24 4.77
C PRO A 84 5.30 -5.07 4.26
N GLN A 85 6.03 -6.18 4.10
CA GLN A 85 7.41 -6.14 3.59
C GLN A 85 7.48 -5.61 2.16
N LEU A 86 6.53 -6.01 1.32
CA LEU A 86 6.46 -5.55 -0.07
C LEU A 86 6.40 -4.01 -0.14
N ILE A 87 5.39 -3.43 0.51
CA ILE A 87 5.18 -1.98 0.49
C ILE A 87 6.25 -1.24 1.31
N ASP A 88 6.46 -1.67 2.56
CA ASP A 88 7.44 -1.02 3.45
C ASP A 88 8.85 -0.99 2.83
N HIS A 89 9.31 -2.12 2.30
CA HIS A 89 10.64 -2.18 1.71
C HIS A 89 10.75 -1.27 0.48
N HIS A 90 9.69 -1.18 -0.32
CA HIS A 90 9.65 -0.23 -1.44
C HIS A 90 9.73 1.22 -0.95
N TYR A 91 8.98 1.54 0.11
CA TYR A 91 8.97 2.89 0.67
C TYR A 91 10.34 3.28 1.26
N THR A 92 10.92 2.38 2.07
CA THR A 92 12.22 2.63 2.72
C THR A 92 13.35 2.74 1.68
N THR A 93 13.38 1.81 0.73
CA THR A 93 14.40 1.84 -0.35
C THR A 93 14.08 2.90 -1.40
N LYS A 94 12.84 3.41 -1.39
CA LYS A 94 12.41 4.46 -2.31
C LYS A 94 12.51 3.98 -3.78
N GLN A 95 12.25 2.69 -3.99
CA GLN A 95 12.30 2.08 -5.33
C GLN A 95 10.94 2.16 -6.04
N VAL A 96 10.96 1.89 -7.35
CA VAL A 96 9.74 1.93 -8.16
C VAL A 96 8.88 0.66 -7.98
N ILE A 97 7.56 0.82 -8.03
CA ILE A 97 6.63 -0.31 -7.97
C ILE A 97 6.77 -1.22 -9.21
N THR A 98 6.52 -0.63 -10.38
CA THR A 98 6.73 -1.33 -11.66
C THR A 98 7.48 -0.43 -12.65
N LYS A 99 8.53 -0.95 -13.27
CA LYS A 99 9.30 -0.18 -14.27
C LYS A 99 8.40 0.27 -15.42
N LYS A 100 7.34 -0.49 -15.67
CA LYS A 100 6.32 -0.12 -16.68
C LYS A 100 5.78 1.29 -16.42
N SER A 101 5.52 1.60 -15.15
CA SER A 101 4.98 2.91 -14.75
C SER A 101 6.10 3.87 -14.35
N GLY A 102 6.86 3.49 -13.33
CA GLY A 102 7.92 4.35 -12.80
C GLY A 102 7.49 5.10 -11.54
N VAL A 103 6.49 4.57 -10.85
CA VAL A 103 5.94 5.22 -9.65
C VAL A 103 6.70 4.82 -8.37
N VAL A 104 7.04 5.82 -7.55
CA VAL A 104 7.72 5.60 -6.26
C VAL A 104 6.79 5.99 -5.09
N LEU A 105 6.98 5.35 -3.93
CA LEU A 105 6.13 5.61 -2.76
C LEU A 105 6.71 6.69 -1.83
N LEU A 106 5.91 7.70 -1.53
CA LEU A 106 6.28 8.75 -0.56
C LEU A 106 5.06 9.19 0.26
N ASN A 107 5.33 9.78 1.45
CA ASN A 107 4.27 10.23 2.39
C ASN A 107 2.95 9.41 2.35
N PRO A 108 2.84 8.35 3.18
CA PRO A 108 1.66 7.46 3.19
C PRO A 108 0.41 8.11 3.84
N ILE A 109 -0.77 7.71 3.37
CA ILE A 109 -2.03 8.23 3.89
C ILE A 109 -2.59 7.32 5.01
N PRO A 110 -2.79 7.87 6.23
CA PRO A 110 -3.35 7.12 7.37
C PRO A 110 -4.71 6.46 7.06
N LYS A 111 -4.94 5.26 7.60
CA LYS A 111 -6.14 4.47 7.28
C LYS A 111 -7.42 5.09 7.84
N ASP A 112 -8.56 4.59 7.36
CA ASP A 112 -9.88 5.05 7.82
C ASP A 112 -10.45 4.10 8.89
N LYS A 113 -11.20 4.66 9.83
CA LYS A 113 -12.03 3.87 10.74
C LYS A 113 -13.46 3.77 10.18
N LYS A 114 -13.59 4.15 8.91
CA LYS A 114 -14.86 4.16 8.18
C LYS A 114 -15.62 2.83 8.30
N TRP A 115 -16.95 2.90 8.27
CA TRP A 115 -17.78 1.70 8.46
C TRP A 115 -17.82 0.83 7.20
N ILE A 116 -16.70 0.21 6.88
CA ILE A 116 -16.57 -0.65 5.69
C ILE A 116 -16.09 -2.06 6.05
N MET A 1 -4.30 -10.48 39.11
CA MET A 1 -3.08 -10.66 39.95
C MET A 1 -1.87 -11.06 39.09
N GLY A 2 -0.71 -10.46 39.39
CA GLY A 2 0.52 -10.79 38.67
C GLY A 2 0.47 -10.48 37.18
N HIS A 3 0.88 -9.27 36.81
CA HIS A 3 0.88 -8.87 35.40
C HIS A 3 1.94 -9.64 34.59
N HIS A 4 1.55 -10.82 34.09
CA HIS A 4 2.43 -11.59 33.20
C HIS A 4 2.35 -11.07 31.76
N HIS A 5 3.00 -9.93 31.53
CA HIS A 5 2.99 -9.28 30.21
C HIS A 5 4.06 -8.17 30.15
N HIS A 6 4.70 -8.02 29.00
CA HIS A 6 5.73 -7.01 28.79
C HIS A 6 5.52 -6.24 27.48
N HIS A 7 6.08 -5.04 27.39
CA HIS A 7 6.03 -4.25 26.15
C HIS A 7 6.81 -4.95 25.02
N HIS A 8 6.19 -5.97 24.44
CA HIS A 8 6.85 -6.84 23.46
C HIS A 8 6.71 -6.28 22.03
N SER A 9 7.83 -5.90 21.43
CA SER A 9 7.83 -5.33 20.07
C SER A 9 7.78 -6.42 18.99
N HIS A 10 6.99 -6.18 17.95
CA HIS A 10 6.90 -7.09 16.80
C HIS A 10 6.32 -6.37 15.57
N MET A 11 6.64 -6.86 14.38
CA MET A 11 6.12 -6.29 13.13
C MET A 11 4.58 -6.28 13.12
N LYS A 12 4.01 -5.20 12.58
CA LYS A 12 2.55 -5.06 12.52
C LYS A 12 1.95 -5.79 11.31
N PRO A 13 0.84 -6.55 11.51
CA PRO A 13 0.14 -7.22 10.40
C PRO A 13 -0.51 -6.21 9.43
N LEU A 14 -1.04 -6.72 8.32
CA LEU A 14 -1.61 -5.86 7.27
C LEU A 14 -2.68 -4.89 7.80
N ALA A 15 -3.58 -5.40 8.64
CA ALA A 15 -4.69 -4.58 9.17
C ALA A 15 -4.20 -3.41 10.06
N GLU A 16 -2.96 -3.49 10.54
CA GLU A 16 -2.38 -2.45 11.40
C GLU A 16 -1.60 -1.40 10.59
N GLN A 17 -1.46 -1.64 9.29
CA GLN A 17 -0.70 -0.73 8.41
C GLN A 17 -1.53 0.51 8.06
N ASP A 18 -0.97 1.69 8.31
CA ASP A 18 -1.68 2.95 8.11
C ASP A 18 -2.00 3.22 6.63
N TRP A 19 -1.17 2.68 5.73
CA TRP A 19 -1.41 2.82 4.28
C TRP A 19 -2.46 1.81 3.77
N TYR A 20 -2.89 0.91 4.66
CA TYR A 20 -3.93 -0.08 4.31
C TYR A 20 -5.31 0.40 4.77
N HIS A 21 -6.27 0.49 3.85
CA HIS A 21 -7.61 1.01 4.17
C HIS A 21 -8.73 -0.02 3.97
N GLY A 22 -8.36 -1.30 3.84
CA GLY A 22 -9.35 -2.37 3.72
C GLY A 22 -9.95 -2.52 2.32
N ALA A 23 -10.99 -3.35 2.20
CA ALA A 23 -11.67 -3.57 0.92
C ALA A 23 -12.65 -2.44 0.60
N ILE A 24 -12.12 -1.35 0.06
CA ILE A 24 -12.94 -0.18 -0.33
C ILE A 24 -13.06 -0.06 -1.86
N PRO A 25 -14.19 0.51 -2.36
CA PRO A 25 -14.40 0.71 -3.81
C PRO A 25 -13.34 1.62 -4.46
N ARG A 26 -13.24 1.54 -5.80
CA ARG A 26 -12.28 2.36 -6.56
C ARG A 26 -12.44 3.86 -6.24
N ILE A 27 -13.70 4.28 -6.08
CA ILE A 27 -14.01 5.68 -5.75
C ILE A 27 -13.28 6.12 -4.46
N GLU A 28 -13.51 5.41 -3.36
CA GLU A 28 -12.88 5.72 -2.08
C GLU A 28 -11.34 5.74 -2.18
N ALA A 29 -10.80 4.91 -3.07
CA ALA A 29 -9.34 4.86 -3.27
C ALA A 29 -8.80 6.11 -3.98
N GLN A 30 -9.58 6.68 -4.90
CA GLN A 30 -9.14 7.86 -5.67
C GLN A 30 -9.48 9.19 -4.96
N GLU A 31 -10.60 9.22 -4.24
CA GLU A 31 -11.10 10.46 -3.61
C GLU A 31 -10.10 11.07 -2.60
N LEU A 32 -9.49 10.23 -1.78
CA LEU A 32 -8.59 10.71 -0.71
C LEU A 32 -7.26 11.25 -1.29
N LEU A 33 -6.90 10.79 -2.48
CA LEU A 33 -5.67 11.21 -3.15
C LEU A 33 -5.76 12.70 -3.54
N LYS A 34 -4.97 13.55 -2.88
CA LYS A 34 -5.07 15.01 -3.06
C LYS A 34 -3.77 15.62 -3.61
N LYS A 35 -2.64 14.95 -3.39
CA LYS A 35 -1.34 15.40 -3.89
C LYS A 35 -0.49 14.22 -4.37
N GLN A 36 0.56 14.49 -5.15
CA GLN A 36 1.42 13.43 -5.67
C GLN A 36 2.13 12.66 -4.54
N GLY A 37 2.24 11.36 -4.71
CA GLY A 37 2.87 10.51 -3.70
C GLY A 37 1.85 9.72 -2.89
N ASP A 38 0.72 10.35 -2.59
CA ASP A 38 -0.35 9.72 -1.80
C ASP A 38 -0.69 8.33 -2.34
N PHE A 39 -0.52 7.30 -1.50
CA PHE A 39 -0.82 5.93 -1.91
C PHE A 39 -1.50 5.14 -0.79
N LEU A 40 -2.31 4.16 -1.19
CA LEU A 40 -2.95 3.23 -0.25
C LEU A 40 -3.16 1.86 -0.89
N VAL A 41 -3.24 0.82 -0.05
CA VAL A 41 -3.54 -0.53 -0.53
C VAL A 41 -4.94 -0.96 -0.10
N ARG A 42 -5.71 -1.46 -1.05
CA ARG A 42 -7.08 -1.93 -0.78
C ARG A 42 -7.28 -3.35 -1.33
N GLU A 43 -8.22 -4.10 -0.76
CA GLU A 43 -8.58 -5.41 -1.28
C GLU A 43 -9.77 -5.29 -2.25
N SER A 44 -9.71 -6.01 -3.37
CA SER A 44 -10.81 -6.01 -4.33
C SER A 44 -12.06 -6.65 -3.72
N HIS A 45 -13.12 -5.86 -3.55
CA HIS A 45 -14.32 -6.30 -2.81
C HIS A 45 -14.95 -7.55 -3.44
N GLY A 46 -14.89 -7.65 -4.76
CA GLY A 46 -15.45 -8.82 -5.45
C GLY A 46 -14.40 -9.89 -5.77
N LYS A 47 -13.15 -9.63 -5.40
CA LYS A 47 -12.04 -10.56 -5.65
C LYS A 47 -11.24 -10.82 -4.36
N PRO A 48 -11.70 -11.77 -3.53
CA PRO A 48 -11.12 -12.03 -2.20
C PRO A 48 -9.67 -12.52 -2.24
N GLY A 49 -8.78 -11.84 -1.51
CA GLY A 49 -7.38 -12.24 -1.45
C GLY A 49 -6.49 -11.53 -2.47
N GLU A 50 -7.09 -10.73 -3.36
CA GLU A 50 -6.30 -9.96 -4.34
C GLU A 50 -6.37 -8.45 -4.05
N TYR A 51 -5.21 -7.87 -3.74
CA TYR A 51 -5.11 -6.47 -3.33
C TYR A 51 -4.61 -5.57 -4.47
N VAL A 52 -5.14 -4.35 -4.53
CA VAL A 52 -4.73 -3.38 -5.55
C VAL A 52 -4.13 -2.10 -4.92
N LEU A 53 -3.03 -1.65 -5.47
CA LEU A 53 -2.37 -0.41 -5.01
C LEU A 53 -2.96 0.80 -5.73
N SER A 54 -3.21 1.87 -4.98
CA SER A 54 -3.75 3.11 -5.54
C SER A 54 -2.87 4.30 -5.15
N VAL A 55 -2.09 4.80 -6.11
CA VAL A 55 -1.16 5.91 -5.86
C VAL A 55 -1.38 7.07 -6.85
N TYR A 56 -1.33 8.29 -6.33
CA TYR A 56 -1.55 9.48 -7.16
C TYR A 56 -0.20 10.07 -7.62
N SER A 57 0.06 10.04 -8.93
CA SER A 57 1.33 10.54 -9.49
C SER A 57 1.12 11.17 -10.86
N ASP A 58 1.85 12.26 -11.13
CA ASP A 58 1.78 12.97 -12.42
C ASP A 58 0.37 13.54 -12.67
N GLY A 59 -0.39 13.76 -11.59
CA GLY A 59 -1.77 14.22 -11.73
C GLY A 59 -2.72 13.13 -12.24
N GLN A 60 -2.30 11.88 -12.07
CA GLN A 60 -3.09 10.72 -12.52
C GLN A 60 -3.20 9.65 -11.41
N ARG A 61 -4.29 8.91 -11.41
CA ARG A 61 -4.46 7.79 -10.47
C ARG A 61 -3.84 6.49 -11.01
N ARG A 62 -2.67 6.13 -10.50
CA ARG A 62 -1.99 4.89 -10.90
C ARG A 62 -2.49 3.71 -10.07
N HIS A 63 -2.87 2.61 -10.74
CA HIS A 63 -3.38 1.42 -10.04
C HIS A 63 -2.62 0.15 -10.46
N PHE A 64 -2.04 -0.54 -9.49
CA PHE A 64 -1.26 -1.77 -9.76
C PHE A 64 -1.79 -2.95 -8.93
N ILE A 65 -2.08 -4.06 -9.61
CA ILE A 65 -2.65 -5.24 -8.96
C ILE A 65 -1.57 -6.15 -8.38
N ILE A 66 -1.80 -6.67 -7.16
CA ILE A 66 -0.84 -7.56 -6.49
C ILE A 66 -1.19 -9.05 -6.73
N GLN A 67 -0.33 -9.74 -7.48
CA GLN A 67 -0.51 -11.17 -7.72
C GLN A 67 0.18 -12.01 -6.63
N TYR A 68 -0.57 -12.91 -6.00
CA TYR A 68 -0.03 -13.83 -4.99
C TYR A 68 0.57 -15.07 -5.67
N VAL A 69 1.89 -15.07 -5.85
CA VAL A 69 2.57 -16.15 -6.57
C VAL A 69 3.69 -16.79 -5.71
N ASP A 70 3.60 -18.11 -5.52
CA ASP A 70 4.61 -18.87 -4.78
C ASP A 70 4.88 -18.29 -3.38
N ASN A 71 3.80 -18.03 -2.65
CA ASN A 71 3.89 -17.48 -1.28
C ASN A 71 4.44 -16.05 -1.25
N MET A 72 4.62 -15.44 -2.42
CA MET A 72 5.16 -14.08 -2.52
C MET A 72 4.20 -13.14 -3.28
N TYR A 73 3.95 -11.97 -2.71
CA TYR A 73 3.09 -10.96 -3.34
C TYR A 73 3.90 -10.05 -4.27
N ARG A 74 3.55 -10.05 -5.56
CA ARG A 74 4.32 -9.31 -6.57
C ARG A 74 3.41 -8.47 -7.48
N PHE A 75 3.93 -7.33 -7.95
CA PHE A 75 3.19 -6.44 -8.87
C PHE A 75 3.37 -6.87 -10.34
N GLU A 76 4.61 -7.15 -10.74
CA GLU A 76 4.88 -7.69 -12.09
C GLU A 76 6.04 -8.70 -12.07
N GLY A 77 7.12 -8.38 -11.37
CA GLY A 77 8.26 -9.29 -11.26
C GLY A 77 8.66 -9.58 -9.82
N THR A 78 9.42 -8.68 -9.22
CA THR A 78 9.92 -8.85 -7.85
C THR A 78 8.78 -8.74 -6.82
N GLY A 79 8.70 -9.71 -5.91
CA GLY A 79 7.66 -9.70 -4.88
C GLY A 79 8.17 -10.08 -3.50
N PHE A 80 7.39 -9.79 -2.46
CA PHE A 80 7.77 -10.10 -1.07
C PHE A 80 6.75 -11.05 -0.43
N SER A 81 7.23 -11.94 0.43
CA SER A 81 6.37 -12.97 1.08
C SER A 81 5.26 -12.35 1.95
N ASN A 82 5.43 -11.08 2.33
CA ASN A 82 4.43 -10.37 3.15
C ASN A 82 3.93 -9.11 2.45
N ILE A 83 2.61 -8.91 2.43
CA ILE A 83 2.03 -7.69 1.83
C ILE A 83 2.59 -6.41 2.50
N PRO A 84 2.62 -6.35 3.86
CA PRO A 84 3.24 -5.21 4.57
C PRO A 84 4.68 -4.93 4.09
N GLN A 85 5.52 -5.97 4.04
CA GLN A 85 6.92 -5.83 3.62
C GLN A 85 7.04 -5.44 2.13
N LEU A 86 6.10 -5.89 1.30
CA LEU A 86 6.08 -5.49 -0.11
C LEU A 86 6.08 -3.96 -0.26
N ILE A 87 5.09 -3.32 0.35
CA ILE A 87 4.96 -1.86 0.32
C ILE A 87 6.02 -1.18 1.22
N ASP A 88 6.14 -1.68 2.45
CA ASP A 88 7.10 -1.14 3.44
C ASP A 88 8.53 -1.08 2.88
N HIS A 89 9.02 -2.21 2.37
CA HIS A 89 10.40 -2.29 1.87
C HIS A 89 10.55 -1.54 0.54
N HIS A 90 9.46 -1.41 -0.23
CA HIS A 90 9.47 -0.53 -1.41
C HIS A 90 9.65 0.94 -0.98
N TYR A 91 8.94 1.32 0.09
CA TYR A 91 9.02 2.68 0.64
C TYR A 91 10.42 2.98 1.21
N THR A 92 10.96 2.03 1.98
CA THR A 92 12.30 2.18 2.58
C THR A 92 13.40 2.27 1.52
N THR A 93 13.31 1.45 0.48
CA THR A 93 14.28 1.48 -0.62
C THR A 93 14.01 2.65 -1.58
N LYS A 94 12.81 3.23 -1.49
CA LYS A 94 12.38 4.32 -2.38
C LYS A 94 12.44 3.88 -3.85
N GLN A 95 12.16 2.59 -4.09
CA GLN A 95 12.24 2.00 -5.43
C GLN A 95 10.87 1.96 -6.12
N VAL A 96 10.88 1.77 -7.43
CA VAL A 96 9.66 1.75 -8.25
C VAL A 96 8.77 0.52 -7.94
N ILE A 97 7.47 0.69 -8.12
CA ILE A 97 6.50 -0.41 -7.97
C ILE A 97 6.52 -1.32 -9.21
N THR A 98 6.12 -0.76 -10.35
CA THR A 98 6.18 -1.47 -11.64
C THR A 98 7.05 -0.72 -12.64
N LYS A 99 7.92 -1.43 -13.34
CA LYS A 99 8.83 -0.84 -14.31
C LYS A 99 8.07 -0.22 -15.50
N LYS A 100 6.86 -0.72 -15.76
CA LYS A 100 6.04 -0.24 -16.88
C LYS A 100 5.57 1.22 -16.69
N SER A 101 5.49 1.69 -15.45
CA SER A 101 5.09 3.09 -15.17
C SER A 101 6.18 3.84 -14.39
N GLY A 102 6.86 3.14 -13.50
CA GLY A 102 7.97 3.73 -12.74
C GLY A 102 7.52 4.64 -11.59
N VAL A 103 6.46 4.23 -10.88
CA VAL A 103 5.94 5.01 -9.74
C VAL A 103 6.63 4.60 -8.42
N VAL A 104 7.07 5.60 -7.66
CA VAL A 104 7.73 5.37 -6.37
C VAL A 104 6.79 5.69 -5.19
N LEU A 105 7.02 5.04 -4.05
CA LEU A 105 6.19 5.25 -2.85
C LEU A 105 6.75 6.36 -1.95
N LEU A 106 5.96 7.41 -1.75
CA LEU A 106 6.31 8.50 -0.83
C LEU A 106 5.06 9.03 -0.11
N ASN A 107 5.25 9.52 1.12
CA ASN A 107 4.15 10.07 1.96
C ASN A 107 2.83 9.27 1.87
N PRO A 108 2.69 8.18 2.66
CA PRO A 108 1.48 7.36 2.68
C PRO A 108 0.32 8.01 3.46
N ILE A 109 -0.92 7.74 3.04
CA ILE A 109 -2.11 8.27 3.72
C ILE A 109 -2.58 7.33 4.84
N PRO A 110 -2.46 7.75 6.12
CA PRO A 110 -2.81 6.91 7.28
C PRO A 110 -4.33 6.67 7.43
N LYS A 111 -4.71 5.80 8.38
CA LYS A 111 -6.11 5.51 8.64
C LYS A 111 -6.45 5.55 10.14
N ASP A 112 -7.46 6.35 10.48
CA ASP A 112 -8.01 6.39 11.83
C ASP A 112 -9.17 5.37 11.96
N LYS A 113 -9.94 5.46 13.04
CA LYS A 113 -11.12 4.59 13.22
C LYS A 113 -12.27 5.30 13.96
N LYS A 114 -12.28 6.63 13.97
CA LYS A 114 -13.31 7.38 14.70
C LYS A 114 -14.55 7.63 13.81
N TRP A 115 -15.73 7.41 14.38
CA TRP A 115 -17.00 7.64 13.67
C TRP A 115 -17.65 8.95 14.13
N ILE A 116 -17.02 9.58 15.13
CA ILE A 116 -17.49 10.86 15.70
C ILE A 116 -18.83 10.70 16.46
N MET A 1 17.65 20.20 22.36
CA MET A 1 16.77 19.09 22.76
C MET A 1 16.77 17.98 21.71
N GLY A 2 16.67 16.73 22.16
CA GLY A 2 16.73 15.59 21.27
C GLY A 2 15.54 15.47 20.32
N HIS A 3 15.79 15.65 19.03
CA HIS A 3 14.74 15.47 18.01
C HIS A 3 14.79 14.05 17.43
N HIS A 4 13.87 13.20 17.88
CA HIS A 4 13.81 11.81 17.40
C HIS A 4 12.99 11.68 16.11
N HIS A 5 13.47 10.86 15.18
CA HIS A 5 12.77 10.61 13.92
C HIS A 5 11.59 9.65 14.10
N HIS A 6 10.64 9.70 13.19
CA HIS A 6 9.42 8.91 13.30
C HIS A 6 9.55 7.56 12.57
N HIS A 7 9.92 6.53 13.32
CA HIS A 7 10.09 5.18 12.76
C HIS A 7 10.23 4.14 13.88
N HIS A 8 9.17 3.38 14.14
CA HIS A 8 9.17 2.37 15.21
C HIS A 8 9.96 1.11 14.79
N SER A 9 10.79 0.60 15.69
CA SER A 9 11.66 -0.56 15.40
C SER A 9 10.86 -1.78 14.93
N HIS A 10 10.09 -2.40 15.83
CA HIS A 10 9.25 -3.55 15.46
C HIS A 10 8.15 -3.12 14.47
N MET A 11 7.95 -3.93 13.44
CA MET A 11 6.96 -3.62 12.40
C MET A 11 5.54 -4.03 12.82
N LYS A 12 4.60 -3.99 11.88
CA LYS A 12 3.20 -4.33 12.13
C LYS A 12 2.59 -5.12 10.96
N PRO A 13 1.61 -6.01 11.22
CA PRO A 13 0.89 -6.74 10.16
C PRO A 13 0.04 -5.82 9.26
N LEU A 14 -0.59 -6.40 8.25
CA LEU A 14 -1.32 -5.63 7.22
C LEU A 14 -2.48 -4.81 7.81
N ALA A 15 -3.28 -5.44 8.66
CA ALA A 15 -4.44 -4.77 9.29
C ALA A 15 -4.01 -3.61 10.22
N GLU A 16 -2.75 -3.63 10.64
CA GLU A 16 -2.21 -2.60 11.54
C GLU A 16 -1.58 -1.43 10.77
N GLN A 17 -1.52 -1.55 9.45
CA GLN A 17 -0.87 -0.53 8.62
C GLN A 17 -1.77 0.68 8.35
N ASP A 18 -1.20 1.88 8.47
CA ASP A 18 -1.94 3.12 8.26
C ASP A 18 -2.37 3.30 6.79
N TRP A 19 -1.51 2.89 5.86
CA TRP A 19 -1.80 2.99 4.43
C TRP A 19 -2.79 1.89 3.96
N TYR A 20 -3.20 1.01 4.87
CA TYR A 20 -4.17 -0.05 4.54
C TYR A 20 -5.60 0.36 4.96
N HIS A 21 -6.47 0.58 3.97
CA HIS A 21 -7.84 1.06 4.23
C HIS A 21 -8.89 -0.06 4.08
N GLY A 22 -8.43 -1.31 3.95
CA GLY A 22 -9.36 -2.44 3.85
C GLY A 22 -9.94 -2.64 2.45
N ALA A 23 -11.11 -3.27 2.38
CA ALA A 23 -11.75 -3.55 1.08
C ALA A 23 -12.71 -2.42 0.67
N ILE A 24 -12.16 -1.35 0.10
CA ILE A 24 -12.95 -0.21 -0.35
C ILE A 24 -13.02 -0.15 -1.89
N PRO A 25 -14.10 0.42 -2.45
CA PRO A 25 -14.28 0.56 -3.92
C PRO A 25 -13.30 1.54 -4.57
N ARG A 26 -13.34 1.64 -5.91
CA ARG A 26 -12.44 2.51 -6.66
C ARG A 26 -12.56 3.97 -6.21
N ILE A 27 -13.80 4.42 -6.04
CA ILE A 27 -14.07 5.80 -5.61
C ILE A 27 -13.36 6.13 -4.29
N GLU A 28 -13.64 5.37 -3.25
CA GLU A 28 -13.04 5.60 -1.92
C GLU A 28 -11.50 5.60 -1.98
N ALA A 29 -10.94 4.82 -2.89
CA ALA A 29 -9.48 4.72 -3.03
C ALA A 29 -8.89 5.95 -3.73
N GLN A 30 -9.58 6.47 -4.74
CA GLN A 30 -9.07 7.58 -5.54
C GLN A 30 -9.43 8.95 -4.93
N GLU A 31 -10.56 9.02 -4.21
CA GLU A 31 -11.05 10.29 -3.64
C GLU A 31 -10.00 10.98 -2.75
N LEU A 32 -9.24 10.20 -1.99
CA LEU A 32 -8.23 10.76 -1.08
C LEU A 32 -6.96 11.20 -1.83
N LEU A 33 -6.67 10.51 -2.94
CA LEU A 33 -5.48 10.81 -3.75
C LEU A 33 -5.54 12.23 -4.35
N LYS A 34 -4.69 13.13 -3.87
CA LYS A 34 -4.75 14.54 -4.28
C LYS A 34 -3.39 15.08 -4.79
N LYS A 35 -2.29 14.67 -4.15
CA LYS A 35 -0.96 15.12 -4.57
C LYS A 35 -0.06 13.95 -4.96
N GLN A 36 0.93 14.20 -5.81
CA GLN A 36 1.85 13.15 -6.27
C GLN A 36 2.56 12.47 -5.09
N GLY A 37 2.19 11.23 -4.81
CA GLY A 37 2.80 10.48 -3.73
C GLY A 37 1.79 9.71 -2.89
N ASP A 38 0.61 10.31 -2.66
CA ASP A 38 -0.43 9.67 -1.87
C ASP A 38 -0.71 8.23 -2.36
N PHE A 39 -0.60 7.25 -1.46
CA PHE A 39 -0.86 5.86 -1.82
C PHE A 39 -1.56 5.08 -0.70
N LEU A 40 -2.33 4.06 -1.10
CA LEU A 40 -3.00 3.17 -0.15
C LEU A 40 -3.18 1.77 -0.75
N VAL A 41 -3.24 0.76 0.11
CA VAL A 41 -3.54 -0.61 -0.34
C VAL A 41 -4.96 -1.02 0.08
N ARG A 42 -5.73 -1.47 -0.89
CA ARG A 42 -7.11 -1.92 -0.63
C ARG A 42 -7.30 -3.37 -1.09
N GLU A 43 -8.38 -4.00 -0.64
CA GLU A 43 -8.76 -5.32 -1.14
C GLU A 43 -10.01 -5.22 -2.02
N SER A 44 -10.10 -6.04 -3.06
CA SER A 44 -11.29 -6.08 -3.91
C SER A 44 -12.49 -6.64 -3.14
N HIS A 45 -13.52 -5.81 -2.94
CA HIS A 45 -14.68 -6.17 -2.11
C HIS A 45 -15.36 -7.48 -2.57
N GLY A 46 -15.30 -7.76 -3.88
CA GLY A 46 -15.90 -8.98 -4.41
C GLY A 46 -14.88 -10.10 -4.69
N LYS A 47 -13.60 -9.82 -4.46
CA LYS A 47 -12.53 -10.78 -4.75
C LYS A 47 -11.59 -10.96 -3.53
N PRO A 48 -11.87 -11.95 -2.67
CA PRO A 48 -11.05 -12.19 -1.46
C PRO A 48 -9.60 -12.61 -1.79
N GLY A 49 -8.63 -11.88 -1.25
CA GLY A 49 -7.23 -12.19 -1.50
C GLY A 49 -6.61 -11.39 -2.64
N GLU A 50 -7.42 -10.56 -3.30
CA GLU A 50 -6.93 -9.70 -4.38
C GLU A 50 -6.77 -8.25 -3.88
N TYR A 51 -5.53 -7.83 -3.65
CA TYR A 51 -5.25 -6.49 -3.13
C TYR A 51 -4.77 -5.55 -4.24
N VAL A 52 -5.38 -4.36 -4.30
CA VAL A 52 -5.04 -3.36 -5.31
C VAL A 52 -4.39 -2.12 -4.68
N LEU A 53 -3.21 -1.77 -5.18
CA LEU A 53 -2.50 -0.56 -4.73
C LEU A 53 -2.95 0.66 -5.54
N SER A 54 -3.18 1.78 -4.86
CA SER A 54 -3.58 3.02 -5.54
C SER A 54 -2.71 4.20 -5.11
N VAL A 55 -2.12 4.89 -6.08
CA VAL A 55 -1.20 5.99 -5.81
C VAL A 55 -1.37 7.14 -6.81
N TYR A 56 -1.34 8.38 -6.33
CA TYR A 56 -1.48 9.56 -7.21
C TYR A 56 -0.15 9.89 -7.87
N SER A 57 -0.07 9.66 -9.18
CA SER A 57 1.17 9.85 -9.94
C SER A 57 0.90 10.34 -11.36
N ASP A 58 1.75 11.23 -11.88
CA ASP A 58 1.63 11.76 -13.24
C ASP A 58 0.40 12.65 -13.42
N GLY A 59 -0.17 13.10 -12.30
CA GLY A 59 -1.40 13.88 -12.33
C GLY A 59 -2.65 13.02 -12.28
N GLN A 60 -2.47 11.70 -12.39
CA GLN A 60 -3.58 10.73 -12.39
C GLN A 60 -3.53 9.83 -11.16
N ARG A 61 -4.60 9.05 -10.97
CA ARG A 61 -4.62 8.02 -9.92
C ARG A 61 -4.18 6.66 -10.50
N ARG A 62 -2.95 6.26 -10.20
CA ARG A 62 -2.42 4.97 -10.66
C ARG A 62 -2.98 3.80 -9.83
N HIS A 63 -3.13 2.64 -10.47
CA HIS A 63 -3.64 1.45 -9.79
C HIS A 63 -2.84 0.19 -10.18
N PHE A 64 -2.19 -0.43 -9.19
CA PHE A 64 -1.38 -1.63 -9.42
C PHE A 64 -1.89 -2.80 -8.57
N ILE A 65 -2.41 -3.84 -9.22
CA ILE A 65 -2.89 -5.04 -8.51
C ILE A 65 -1.70 -5.92 -8.11
N ILE A 66 -1.74 -6.48 -6.90
CA ILE A 66 -0.66 -7.33 -6.42
C ILE A 66 -0.77 -8.76 -6.99
N GLN A 67 0.17 -9.13 -7.86
CA GLN A 67 0.20 -10.48 -8.44
C GLN A 67 0.58 -11.54 -7.40
N TYR A 68 -0.34 -12.46 -7.12
CA TYR A 68 -0.08 -13.56 -6.19
C TYR A 68 0.59 -14.73 -6.93
N VAL A 69 1.91 -14.81 -6.84
CA VAL A 69 2.69 -15.81 -7.59
C VAL A 69 3.59 -16.63 -6.66
N ASP A 70 3.47 -17.96 -6.75
CA ASP A 70 4.26 -18.88 -5.93
C ASP A 70 4.01 -18.63 -4.42
N ASN A 71 2.76 -18.26 -4.11
CA ASN A 71 2.36 -17.91 -2.74
C ASN A 71 3.07 -16.64 -2.23
N MET A 72 3.66 -15.88 -3.15
CA MET A 72 4.34 -14.62 -2.79
C MET A 72 3.64 -13.42 -3.44
N TYR A 73 3.71 -12.27 -2.77
CA TYR A 73 3.08 -11.03 -3.27
C TYR A 73 4.09 -10.19 -4.07
N ARG A 74 3.76 -9.89 -5.32
CA ARG A 74 4.68 -9.15 -6.20
C ARG A 74 3.93 -8.22 -7.17
N PHE A 75 4.67 -7.36 -7.86
CA PHE A 75 4.12 -6.53 -8.94
C PHE A 75 4.79 -6.88 -10.29
N GLU A 76 5.90 -6.20 -10.59
CA GLU A 76 6.64 -6.44 -11.85
C GLU A 76 7.95 -7.20 -11.60
N GLY A 77 8.39 -7.26 -10.34
CA GLY A 77 9.68 -7.89 -10.02
C GLY A 77 9.64 -8.80 -8.80
N THR A 78 10.40 -8.43 -7.76
CA THR A 78 10.56 -9.26 -6.55
C THR A 78 9.22 -9.55 -5.84
N GLY A 79 9.09 -10.76 -5.30
CA GLY A 79 7.90 -11.14 -4.54
C GLY A 79 8.21 -11.42 -3.07
N PHE A 80 7.45 -10.82 -2.15
CA PHE A 80 7.66 -11.00 -0.71
C PHE A 80 6.60 -11.90 -0.07
N SER A 81 6.92 -12.46 1.09
CA SER A 81 6.01 -13.38 1.80
C SER A 81 4.76 -12.64 2.33
N ASN A 82 4.94 -11.38 2.75
CA ASN A 82 3.82 -10.58 3.28
C ASN A 82 3.68 -9.23 2.55
N ILE A 83 2.44 -8.76 2.42
CA ILE A 83 2.13 -7.47 1.77
C ILE A 83 2.81 -6.27 2.49
N PRO A 84 2.68 -6.14 3.84
CA PRO A 84 3.30 -5.03 4.58
C PRO A 84 4.83 -4.96 4.34
N GLN A 85 5.44 -6.13 4.15
CA GLN A 85 6.87 -6.21 3.85
C GLN A 85 7.18 -5.75 2.42
N LEU A 86 6.33 -6.18 1.48
CA LEU A 86 6.44 -5.75 0.08
C LEU A 86 6.41 -4.21 -0.03
N ILE A 87 5.42 -3.59 0.59
CA ILE A 87 5.26 -2.14 0.57
C ILE A 87 6.38 -1.43 1.35
N ASP A 88 6.61 -1.83 2.60
CA ASP A 88 7.67 -1.24 3.44
C ASP A 88 9.04 -1.27 2.73
N HIS A 89 9.40 -2.44 2.19
CA HIS A 89 10.69 -2.60 1.52
C HIS A 89 10.83 -1.61 0.35
N HIS A 90 9.78 -1.47 -0.47
CA HIS A 90 9.80 -0.49 -1.57
C HIS A 90 9.87 0.96 -1.04
N TYR A 91 9.02 1.28 -0.07
CA TYR A 91 8.95 2.64 0.50
C TYR A 91 10.31 3.09 1.06
N THR A 92 10.86 2.31 1.98
CA THR A 92 12.13 2.66 2.65
C THR A 92 13.31 2.74 1.68
N THR A 93 13.36 1.81 0.72
CA THR A 93 14.43 1.81 -0.29
C THR A 93 14.18 2.86 -1.40
N LYS A 94 13.02 3.52 -1.34
CA LYS A 94 12.63 4.53 -2.32
C LYS A 94 12.58 3.92 -3.75
N GLN A 95 12.22 2.64 -3.82
CA GLN A 95 12.15 1.92 -5.09
C GLN A 95 10.78 2.07 -5.78
N VAL A 96 10.77 1.87 -7.08
CA VAL A 96 9.56 2.00 -7.89
C VAL A 96 8.71 0.72 -7.86
N ILE A 97 7.41 0.87 -8.13
CA ILE A 97 6.49 -0.28 -8.19
C ILE A 97 6.67 -1.06 -9.51
N THR A 98 6.46 -0.37 -10.64
CA THR A 98 6.66 -0.97 -11.97
C THR A 98 7.53 -0.06 -12.85
N LYS A 99 8.44 -0.67 -13.61
CA LYS A 99 9.36 0.10 -14.47
C LYS A 99 8.65 0.72 -15.67
N LYS A 100 7.53 0.11 -16.09
CA LYS A 100 6.75 0.64 -17.21
C LYS A 100 5.99 1.92 -16.83
N SER A 101 5.88 2.20 -15.52
CA SER A 101 5.18 3.41 -15.04
C SER A 101 6.14 4.38 -14.34
N GLY A 102 7.00 3.84 -13.48
CA GLY A 102 7.98 4.67 -12.77
C GLY A 102 7.38 5.44 -11.58
N VAL A 103 6.59 4.75 -10.76
CA VAL A 103 5.96 5.38 -9.59
C VAL A 103 6.63 4.90 -8.28
N VAL A 104 6.97 5.85 -7.41
CA VAL A 104 7.60 5.55 -6.11
C VAL A 104 6.62 5.81 -4.94
N LEU A 105 6.83 5.14 -3.82
CA LEU A 105 5.97 5.29 -2.63
C LEU A 105 6.49 6.37 -1.66
N LEU A 106 5.69 7.42 -1.46
CA LEU A 106 6.03 8.48 -0.49
C LEU A 106 4.77 9.00 0.23
N ASN A 107 4.98 9.70 1.35
CA ASN A 107 3.89 10.23 2.21
C ASN A 107 2.58 9.39 2.17
N PRO A 108 2.50 8.31 2.97
CA PRO A 108 1.33 7.42 3.01
C PRO A 108 0.09 8.06 3.68
N ILE A 109 -1.10 7.69 3.21
CA ILE A 109 -2.35 8.22 3.76
C ILE A 109 -2.95 7.27 4.82
N PRO A 110 -3.03 7.72 6.08
CA PRO A 110 -3.47 6.86 7.20
C PRO A 110 -4.95 6.46 7.14
N LYS A 111 -5.31 5.41 7.88
CA LYS A 111 -6.69 4.91 7.96
C LYS A 111 -7.40 5.38 9.24
N ASP A 112 -8.73 5.48 9.16
CA ASP A 112 -9.56 5.93 10.28
C ASP A 112 -10.45 4.79 10.82
N LYS A 113 -11.32 5.13 11.76
CA LYS A 113 -12.36 4.20 12.24
C LYS A 113 -13.69 4.93 12.42
N LYS A 114 -13.93 5.94 11.58
CA LYS A 114 -15.15 6.74 11.62
C LYS A 114 -16.39 5.90 11.29
N TRP A 115 -17.27 5.72 12.27
CA TRP A 115 -18.58 5.12 12.03
C TRP A 115 -19.61 6.19 11.61
N ILE A 116 -19.11 7.40 11.36
CA ILE A 116 -19.93 8.57 11.04
C ILE A 116 -19.99 8.82 9.51
N MET A 1 10.46 11.14 14.45
CA MET A 1 10.02 11.28 15.87
C MET A 1 10.53 10.13 16.75
N GLY A 2 11.20 9.15 16.14
CA GLY A 2 11.63 7.97 16.87
C GLY A 2 12.67 8.23 17.96
N HIS A 3 12.27 8.08 19.22
CA HIS A 3 13.20 8.12 20.35
C HIS A 3 13.13 6.80 21.13
N HIS A 4 13.91 5.81 20.69
CA HIS A 4 13.82 4.44 21.22
C HIS A 4 14.90 3.53 20.61
N HIS A 5 15.23 2.44 21.29
CA HIS A 5 16.16 1.43 20.75
C HIS A 5 15.41 0.31 20.01
N HIS A 6 14.89 -0.66 20.76
CA HIS A 6 14.26 -1.85 20.19
C HIS A 6 15.22 -2.61 19.24
N HIS A 7 16.46 -2.80 19.66
CA HIS A 7 17.46 -3.51 18.84
C HIS A 7 16.95 -4.89 18.40
N HIS A 8 16.07 -5.48 19.21
CA HIS A 8 15.36 -6.70 18.82
C HIS A 8 14.06 -6.33 18.09
N SER A 9 14.20 -5.97 16.81
CA SER A 9 13.09 -5.40 16.03
C SER A 9 11.97 -6.41 15.75
N HIS A 10 10.77 -5.88 15.51
CA HIS A 10 9.58 -6.69 15.24
C HIS A 10 8.62 -5.93 14.30
N MET A 11 8.26 -6.56 13.18
CA MET A 11 7.42 -5.91 12.17
C MET A 11 5.92 -5.98 12.53
N LYS A 12 5.14 -5.09 11.91
CA LYS A 12 3.69 -5.04 12.09
C LYS A 12 2.97 -5.77 10.93
N PRO A 13 1.99 -6.66 11.24
CA PRO A 13 1.19 -7.34 10.21
C PRO A 13 0.33 -6.37 9.38
N LEU A 14 -0.39 -6.89 8.40
CA LEU A 14 -1.13 -6.05 7.44
C LEU A 14 -2.22 -5.20 8.12
N ALA A 15 -3.00 -5.81 9.02
CA ALA A 15 -4.09 -5.12 9.72
C ALA A 15 -3.57 -3.96 10.60
N GLU A 16 -2.29 -3.98 10.93
CA GLU A 16 -1.68 -2.92 11.77
C GLU A 16 -1.22 -1.72 10.92
N GLN A 17 -1.34 -1.83 9.61
CA GLN A 17 -0.85 -0.80 8.68
C GLN A 17 -1.92 0.27 8.39
N ASP A 18 -1.53 1.54 8.53
CA ASP A 18 -2.46 2.66 8.30
C ASP A 18 -2.75 2.86 6.80
N TRP A 19 -1.77 2.53 5.96
CA TRP A 19 -1.95 2.57 4.50
C TRP A 19 -2.86 1.42 4.01
N TYR A 20 -3.22 0.52 4.92
CA TYR A 20 -4.17 -0.56 4.62
C TYR A 20 -5.60 -0.12 4.99
N HIS A 21 -6.45 0.07 3.97
CA HIS A 21 -7.81 0.60 4.17
C HIS A 21 -8.89 -0.49 4.07
N GLY A 22 -8.47 -1.75 4.02
CA GLY A 22 -9.42 -2.84 3.83
C GLY A 22 -10.05 -2.84 2.44
N ALA A 23 -11.32 -3.20 2.33
CA ALA A 23 -12.02 -3.21 1.04
C ALA A 23 -12.93 -1.99 0.88
N ILE A 24 -12.43 -0.97 0.19
CA ILE A 24 -13.20 0.27 -0.05
C ILE A 24 -13.48 0.49 -1.54
N PRO A 25 -14.60 1.17 -1.88
CA PRO A 25 -14.97 1.48 -3.29
C PRO A 25 -13.86 2.22 -4.07
N ARG A 26 -13.81 2.00 -5.39
CA ARG A 26 -12.80 2.62 -6.25
C ARG A 26 -12.83 4.15 -6.15
N ILE A 27 -14.04 4.72 -6.13
CA ILE A 27 -14.20 6.17 -6.00
C ILE A 27 -13.50 6.71 -4.74
N GLU A 28 -13.80 6.11 -3.59
CA GLU A 28 -13.17 6.49 -2.31
C GLU A 28 -11.65 6.41 -2.39
N ALA A 29 -11.14 5.35 -3.00
CA ALA A 29 -9.70 5.13 -3.15
C ALA A 29 -9.02 6.25 -3.96
N GLN A 30 -9.69 6.74 -5.00
CA GLN A 30 -9.13 7.80 -5.85
C GLN A 30 -9.45 9.21 -5.32
N GLU A 31 -10.55 9.34 -4.56
CA GLU A 31 -10.94 10.63 -3.96
C GLU A 31 -9.85 11.19 -3.03
N LEU A 32 -9.18 10.31 -2.29
CA LEU A 32 -8.11 10.75 -1.38
C LEU A 32 -6.82 11.11 -2.15
N LEU A 33 -6.64 10.48 -3.32
CA LEU A 33 -5.49 10.75 -4.18
C LEU A 33 -5.59 12.15 -4.82
N LYS A 34 -4.97 13.15 -4.20
CA LYS A 34 -5.10 14.55 -4.64
C LYS A 34 -3.75 15.21 -4.94
N LYS A 35 -2.69 14.71 -4.30
CA LYS A 35 -1.34 15.24 -4.51
C LYS A 35 -0.34 14.10 -4.79
N GLN A 36 0.90 14.47 -5.07
CA GLN A 36 1.93 13.50 -5.47
C GLN A 36 2.34 12.57 -4.33
N GLY A 37 2.44 11.28 -4.63
CA GLY A 37 2.93 10.31 -3.65
C GLY A 37 1.83 9.56 -2.91
N ASP A 38 0.65 10.18 -2.79
CA ASP A 38 -0.47 9.58 -2.08
C ASP A 38 -0.72 8.14 -2.54
N PHE A 39 -0.65 7.17 -1.63
CA PHE A 39 -0.87 5.77 -1.98
C PHE A 39 -1.55 4.98 -0.84
N LEU A 40 -2.26 3.91 -1.21
CA LEU A 40 -2.88 2.99 -0.25
C LEU A 40 -3.08 1.60 -0.86
N VAL A 41 -3.10 0.58 -0.01
CA VAL A 41 -3.41 -0.78 -0.44
C VAL A 41 -4.77 -1.23 0.08
N ARG A 42 -5.62 -1.72 -0.82
CA ARG A 42 -6.96 -2.19 -0.45
C ARG A 42 -7.20 -3.62 -0.94
N GLU A 43 -8.21 -4.29 -0.39
CA GLU A 43 -8.68 -5.56 -0.92
C GLU A 43 -9.91 -5.31 -1.82
N SER A 44 -10.06 -6.11 -2.87
CA SER A 44 -11.21 -5.98 -3.77
C SER A 44 -12.51 -6.38 -3.05
N HIS A 45 -13.49 -5.48 -3.04
CA HIS A 45 -14.74 -5.69 -2.30
C HIS A 45 -15.52 -6.92 -2.81
N GLY A 46 -15.48 -8.01 -2.04
CA GLY A 46 -16.16 -9.24 -2.43
C GLY A 46 -15.24 -10.26 -3.11
N LYS A 47 -13.97 -9.92 -3.24
CA LYS A 47 -12.98 -10.79 -3.90
C LYS A 47 -11.81 -11.11 -2.94
N PRO A 48 -11.92 -12.22 -2.19
CA PRO A 48 -10.97 -12.55 -1.10
C PRO A 48 -9.52 -12.79 -1.55
N GLY A 49 -8.60 -11.99 -1.01
CA GLY A 49 -7.18 -12.17 -1.30
C GLY A 49 -6.67 -11.33 -2.46
N GLU A 50 -7.58 -10.68 -3.19
CA GLU A 50 -7.19 -9.84 -4.32
C GLU A 50 -6.96 -8.39 -3.87
N TYR A 51 -5.71 -8.02 -3.63
CA TYR A 51 -5.37 -6.67 -3.18
C TYR A 51 -4.91 -5.79 -4.35
N VAL A 52 -5.33 -4.52 -4.33
CA VAL A 52 -4.98 -3.57 -5.38
C VAL A 52 -4.40 -2.27 -4.79
N LEU A 53 -3.26 -1.85 -5.33
CA LEU A 53 -2.61 -0.59 -4.93
C LEU A 53 -3.15 0.61 -5.72
N SER A 54 -3.36 1.73 -5.04
CA SER A 54 -3.80 2.97 -5.69
C SER A 54 -2.88 4.13 -5.30
N VAL A 55 -2.31 4.80 -6.29
CA VAL A 55 -1.35 5.88 -6.06
C VAL A 55 -1.52 7.03 -7.06
N TYR A 56 -1.32 8.27 -6.59
CA TYR A 56 -1.41 9.44 -7.45
C TYR A 56 -0.04 9.77 -8.08
N SER A 57 0.11 9.47 -9.37
CA SER A 57 1.40 9.66 -10.07
C SER A 57 1.18 10.13 -11.50
N ASP A 58 2.06 11.02 -11.98
CA ASP A 58 1.97 11.58 -13.33
C ASP A 58 0.68 12.41 -13.49
N GLY A 59 0.20 12.97 -12.38
CA GLY A 59 -1.02 13.75 -12.39
C GLY A 59 -2.29 12.90 -12.44
N GLN A 60 -2.14 11.58 -12.54
CA GLN A 60 -3.29 10.69 -12.68
C GLN A 60 -3.34 9.63 -11.56
N ARG A 61 -4.53 9.11 -11.29
CA ARG A 61 -4.71 8.02 -10.33
C ARG A 61 -4.35 6.66 -10.96
N ARG A 62 -3.18 6.13 -10.60
CA ARG A 62 -2.72 4.84 -11.13
C ARG A 62 -3.04 3.69 -10.17
N HIS A 63 -3.50 2.57 -10.72
CA HIS A 63 -3.91 1.42 -9.91
C HIS A 63 -3.13 0.16 -10.33
N PHE A 64 -2.37 -0.41 -9.40
CA PHE A 64 -1.57 -1.61 -9.67
C PHE A 64 -2.11 -2.82 -8.89
N ILE A 65 -2.58 -3.84 -9.61
CA ILE A 65 -3.08 -5.06 -8.97
C ILE A 65 -1.91 -5.94 -8.49
N ILE A 66 -2.05 -6.52 -7.30
CA ILE A 66 -1.01 -7.40 -6.75
C ILE A 66 -1.19 -8.85 -7.23
N GLN A 67 -0.25 -9.32 -8.06
CA GLN A 67 -0.30 -10.70 -8.54
C GLN A 67 0.24 -11.68 -7.49
N TYR A 68 -0.60 -12.63 -7.09
CA TYR A 68 -0.21 -13.64 -6.12
C TYR A 68 0.49 -14.82 -6.80
N VAL A 69 1.82 -14.81 -6.79
CA VAL A 69 2.62 -15.84 -7.50
C VAL A 69 3.70 -16.44 -6.59
N ASP A 70 3.76 -17.78 -6.53
CA ASP A 70 4.68 -18.49 -5.62
C ASP A 70 4.43 -18.11 -4.16
N ASN A 71 3.15 -17.88 -3.81
CA ASN A 71 2.75 -17.45 -2.47
C ASN A 71 3.32 -16.06 -2.12
N MET A 72 3.79 -15.35 -3.13
CA MET A 72 4.38 -14.02 -2.93
C MET A 72 3.52 -12.93 -3.56
N TYR A 73 3.50 -11.76 -2.94
CA TYR A 73 2.79 -10.59 -3.46
C TYR A 73 3.74 -9.73 -4.31
N ARG A 74 3.40 -9.52 -5.58
CA ARG A 74 4.26 -8.75 -6.49
C ARG A 74 3.46 -7.84 -7.43
N PHE A 75 4.17 -6.91 -8.08
CA PHE A 75 3.57 -6.04 -9.09
C PHE A 75 4.22 -6.27 -10.46
N GLU A 76 5.50 -5.89 -10.59
CA GLU A 76 6.25 -6.07 -11.83
C GLU A 76 6.62 -7.54 -12.07
N GLY A 77 7.53 -8.06 -11.27
CA GLY A 77 7.97 -9.45 -11.39
C GLY A 77 8.54 -9.99 -10.08
N THR A 78 9.36 -9.18 -9.42
CA THR A 78 9.88 -9.50 -8.08
C THR A 78 8.85 -9.14 -7.00
N GLY A 79 8.87 -9.86 -5.88
CA GLY A 79 7.90 -9.62 -4.81
C GLY A 79 8.34 -10.17 -3.45
N PHE A 80 7.46 -10.02 -2.45
CA PHE A 80 7.74 -10.48 -1.09
C PHE A 80 6.61 -11.38 -0.54
N SER A 81 6.93 -12.22 0.44
CA SER A 81 5.96 -13.14 1.04
C SER A 81 4.87 -12.40 1.83
N ASN A 82 5.21 -11.25 2.40
CA ASN A 82 4.24 -10.43 3.16
C ASN A 82 3.95 -9.10 2.44
N ILE A 83 2.69 -8.68 2.46
CA ILE A 83 2.31 -7.36 1.90
C ILE A 83 3.01 -6.20 2.65
N PRO A 84 2.98 -6.18 4.00
CA PRO A 84 3.69 -5.14 4.78
C PRO A 84 5.19 -5.06 4.42
N GLN A 85 5.84 -6.22 4.28
CA GLN A 85 7.26 -6.27 3.89
C GLN A 85 7.45 -5.76 2.45
N LEU A 86 6.55 -6.13 1.56
CA LEU A 86 6.58 -5.64 0.17
C LEU A 86 6.55 -4.10 0.12
N ILE A 87 5.53 -3.51 0.71
CA ILE A 87 5.35 -2.05 0.70
C ILE A 87 6.45 -1.33 1.51
N ASP A 88 6.67 -1.75 2.75
CA ASP A 88 7.67 -1.14 3.62
C ASP A 88 9.07 -1.16 2.97
N HIS A 89 9.44 -2.28 2.36
CA HIS A 89 10.74 -2.41 1.70
C HIS A 89 10.89 -1.36 0.59
N HIS A 90 9.92 -1.30 -0.33
CA HIS A 90 9.95 -0.29 -1.41
C HIS A 90 9.92 1.14 -0.86
N TYR A 91 9.07 1.38 0.13
CA TYR A 91 8.91 2.72 0.74
C TYR A 91 10.22 3.21 1.39
N THR A 92 10.84 2.36 2.21
CA THR A 92 12.08 2.71 2.90
C THR A 92 13.27 2.84 1.93
N THR A 93 13.43 1.86 1.04
CA THR A 93 14.48 1.93 -0.01
C THR A 93 14.14 2.98 -1.07
N LYS A 94 12.89 3.46 -1.04
CA LYS A 94 12.41 4.50 -1.97
C LYS A 94 12.47 4.01 -3.44
N GLN A 95 12.25 2.70 -3.62
CA GLN A 95 12.27 2.09 -4.96
C GLN A 95 10.88 2.09 -5.60
N VAL A 96 10.85 2.11 -6.93
CA VAL A 96 9.60 2.17 -7.70
C VAL A 96 8.73 0.92 -7.52
N ILE A 97 7.46 1.01 -7.91
CA ILE A 97 6.53 -0.12 -7.90
C ILE A 97 6.84 -1.10 -9.05
N THR A 98 6.76 -0.61 -10.28
CA THR A 98 7.14 -1.39 -11.47
C THR A 98 8.05 -0.55 -12.39
N LYS A 99 8.91 -1.21 -13.15
CA LYS A 99 9.81 -0.51 -14.07
C LYS A 99 9.02 0.06 -15.26
N LYS A 100 7.87 -0.53 -15.54
CA LYS A 100 6.94 -0.04 -16.56
C LYS A 100 6.26 1.28 -16.12
N SER A 101 6.12 1.49 -14.80
CA SER A 101 5.41 2.65 -14.27
C SER A 101 6.37 3.75 -13.79
N GLY A 102 7.38 3.37 -13.02
CA GLY A 102 8.33 4.34 -12.46
C GLY A 102 7.74 5.16 -11.30
N VAL A 103 6.71 4.60 -10.65
CA VAL A 103 6.04 5.29 -9.53
C VAL A 103 6.78 5.04 -8.20
N VAL A 104 7.02 6.12 -7.45
CA VAL A 104 7.74 6.03 -6.17
C VAL A 104 6.78 6.23 -4.97
N LEU A 105 7.07 5.56 -3.85
CA LEU A 105 6.20 5.63 -2.65
C LEU A 105 6.69 6.69 -1.64
N LEU A 106 5.87 7.73 -1.45
CA LEU A 106 6.12 8.75 -0.42
C LEU A 106 4.80 9.22 0.22
N ASN A 107 4.89 9.80 1.43
CA ASN A 107 3.71 10.26 2.21
C ASN A 107 2.48 9.30 2.10
N PRO A 108 2.45 8.25 2.94
CA PRO A 108 1.35 7.27 2.95
C PRO A 108 0.03 7.84 3.48
N ILE A 109 -1.10 7.36 2.96
CA ILE A 109 -2.41 7.84 3.38
C ILE A 109 -3.04 6.91 4.44
N PRO A 110 -3.27 7.42 5.67
CA PRO A 110 -3.87 6.62 6.75
C PRO A 110 -5.39 6.43 6.59
N LYS A 111 -6.01 5.72 7.54
CA LYS A 111 -7.46 5.51 7.51
C LYS A 111 -8.11 5.77 8.88
N ASP A 112 -9.43 5.91 8.89
CA ASP A 112 -10.18 6.23 10.12
C ASP A 112 -11.64 5.78 9.99
N LYS A 113 -12.41 5.96 11.06
CA LYS A 113 -13.84 5.58 11.07
C LYS A 113 -14.77 6.81 11.07
N LYS A 114 -14.20 8.00 11.11
CA LYS A 114 -15.00 9.24 11.08
C LYS A 114 -15.45 9.58 9.65
N TRP A 115 -16.76 9.51 9.42
CA TRP A 115 -17.33 9.82 8.10
C TRP A 115 -17.46 11.34 7.88
N ILE A 116 -16.33 12.05 7.93
CA ILE A 116 -16.32 13.51 7.76
C ILE A 116 -15.10 14.01 6.94
N MET A 1 13.66 16.90 32.75
CA MET A 1 14.23 17.31 31.44
C MET A 1 15.35 16.35 31.01
N GLY A 2 15.74 16.39 29.74
CA GLY A 2 16.81 15.53 29.27
C GLY A 2 16.62 15.04 27.84
N HIS A 3 16.77 13.73 27.63
CA HIS A 3 16.68 13.12 26.30
C HIS A 3 15.40 12.30 26.13
N HIS A 4 14.72 12.47 25.01
CA HIS A 4 13.46 11.74 24.74
C HIS A 4 13.73 10.38 24.09
N HIS A 5 12.96 9.36 24.48
CA HIS A 5 13.13 8.00 23.98
C HIS A 5 12.16 7.70 22.82
N HIS A 6 12.60 6.88 21.86
CA HIS A 6 11.73 6.41 20.77
C HIS A 6 11.44 4.91 20.92
N HIS A 7 10.16 4.54 20.95
CA HIS A 7 9.77 3.14 21.16
C HIS A 7 9.20 2.49 19.87
N HIS A 8 10.04 1.74 19.17
CA HIS A 8 9.61 0.96 18.01
C HIS A 8 9.20 -0.47 18.43
N SER A 9 7.90 -0.73 18.46
CA SER A 9 7.40 -2.08 18.78
C SER A 9 7.53 -3.02 17.57
N HIS A 10 6.96 -4.22 17.67
CA HIS A 10 7.08 -5.23 16.60
C HIS A 10 6.38 -4.79 15.31
N MET A 11 6.88 -5.30 14.18
CA MET A 11 6.32 -4.96 12.86
C MET A 11 4.86 -5.37 12.74
N LYS A 12 3.99 -4.38 12.53
CA LYS A 12 2.55 -4.60 12.48
C LYS A 12 2.10 -5.36 11.22
N PRO A 13 1.09 -6.24 11.35
CA PRO A 13 0.49 -6.92 10.19
C PRO A 13 -0.22 -5.95 9.23
N LEU A 14 -0.72 -6.48 8.12
CA LEU A 14 -1.35 -5.65 7.07
C LEU A 14 -2.51 -4.79 7.62
N ALA A 15 -3.42 -5.41 8.37
CA ALA A 15 -4.58 -4.70 8.93
C ALA A 15 -4.18 -3.52 9.84
N GLU A 16 -3.01 -3.63 10.48
CA GLU A 16 -2.55 -2.61 11.43
C GLU A 16 -1.80 -1.46 10.73
N GLN A 17 -1.74 -1.50 9.39
CA GLN A 17 -1.03 -0.48 8.61
C GLN A 17 -1.97 0.71 8.27
N ASP A 18 -1.44 1.93 8.41
CA ASP A 18 -2.20 3.15 8.12
C ASP A 18 -2.53 3.29 6.63
N TRP A 19 -1.63 2.81 5.77
CA TRP A 19 -1.85 2.87 4.32
C TRP A 19 -2.85 1.81 3.82
N TYR A 20 -3.23 0.88 4.71
CA TYR A 20 -4.22 -0.15 4.37
C TYR A 20 -5.63 0.26 4.84
N HIS A 21 -6.47 0.67 3.89
CA HIS A 21 -7.83 1.15 4.20
C HIS A 21 -8.87 0.02 4.21
N GLY A 22 -8.47 -1.16 3.75
CA GLY A 22 -9.38 -2.31 3.75
C GLY A 22 -10.16 -2.45 2.45
N ALA A 23 -11.25 -3.20 2.50
CA ALA A 23 -12.08 -3.44 1.31
C ALA A 23 -12.98 -2.23 0.98
N ILE A 24 -12.37 -1.17 0.43
CA ILE A 24 -13.11 0.03 0.02
C ILE A 24 -13.30 0.09 -1.50
N PRO A 25 -14.31 0.83 -1.99
CA PRO A 25 -14.56 0.98 -3.44
C PRO A 25 -13.50 1.84 -4.16
N ARG A 26 -13.39 1.65 -5.48
CA ARG A 26 -12.40 2.39 -6.30
C ARG A 26 -12.57 3.91 -6.15
N ILE A 27 -13.81 4.38 -6.03
CA ILE A 27 -14.09 5.81 -5.86
C ILE A 27 -13.38 6.38 -4.63
N GLU A 28 -13.64 5.81 -3.45
CA GLU A 28 -13.02 6.28 -2.20
C GLU A 28 -11.49 6.19 -2.26
N ALA A 29 -10.97 5.22 -3.02
CA ALA A 29 -9.53 5.02 -3.17
C ALA A 29 -8.88 6.21 -3.90
N GLN A 30 -9.58 6.77 -4.90
CA GLN A 30 -9.04 7.89 -5.67
C GLN A 30 -9.35 9.24 -5.01
N GLU A 31 -10.53 9.36 -4.39
CA GLU A 31 -11.01 10.63 -3.83
C GLU A 31 -10.11 11.16 -2.69
N LEU A 32 -9.35 10.28 -2.06
CA LEU A 32 -8.45 10.68 -0.97
C LEU A 32 -7.04 11.02 -1.49
N LEU A 33 -6.76 10.62 -2.73
CA LEU A 33 -5.47 10.90 -3.37
C LEU A 33 -5.45 12.32 -3.98
N LYS A 34 -4.60 13.19 -3.43
CA LYS A 34 -4.62 14.62 -3.82
C LYS A 34 -3.26 15.13 -4.35
N LYS A 35 -2.17 14.73 -3.70
CA LYS A 35 -0.82 15.19 -4.11
C LYS A 35 0.04 14.03 -4.63
N GLN A 36 1.03 14.35 -5.46
CA GLN A 36 1.91 13.34 -6.04
C GLN A 36 2.72 12.61 -4.95
N GLY A 37 2.28 11.40 -4.62
CA GLY A 37 2.92 10.60 -3.60
C GLY A 37 1.93 9.74 -2.83
N ASP A 38 0.76 10.30 -2.52
CA ASP A 38 -0.26 9.60 -1.73
C ASP A 38 -0.55 8.20 -2.28
N PHE A 39 -0.55 7.18 -1.40
CA PHE A 39 -0.86 5.81 -1.81
C PHE A 39 -1.61 5.04 -0.72
N LEU A 40 -2.45 4.10 -1.15
CA LEU A 40 -3.18 3.22 -0.23
C LEU A 40 -3.39 1.83 -0.85
N VAL A 41 -3.58 0.82 0.00
CA VAL A 41 -3.92 -0.53 -0.47
C VAL A 41 -5.35 -0.91 -0.06
N ARG A 42 -6.13 -1.42 -1.02
CA ARG A 42 -7.51 -1.83 -0.74
C ARG A 42 -7.74 -3.29 -1.14
N GLU A 43 -8.80 -3.90 -0.61
CA GLU A 43 -9.14 -5.29 -0.92
C GLU A 43 -10.42 -5.35 -1.79
N SER A 44 -10.41 -6.19 -2.82
CA SER A 44 -11.56 -6.35 -3.71
C SER A 44 -12.67 -7.21 -3.08
N HIS A 45 -13.92 -6.92 -3.41
CA HIS A 45 -15.07 -7.71 -2.92
C HIS A 45 -15.43 -8.82 -3.91
N GLY A 46 -15.37 -8.51 -5.20
CA GLY A 46 -15.63 -9.52 -6.23
C GLY A 46 -14.56 -10.60 -6.27
N LYS A 47 -13.30 -10.19 -6.07
CA LYS A 47 -12.18 -11.12 -5.97
C LYS A 47 -11.63 -11.15 -4.53
N PRO A 48 -12.22 -12.00 -3.66
CA PRO A 48 -11.83 -12.07 -2.23
C PRO A 48 -10.34 -12.41 -2.04
N GLY A 49 -9.55 -11.40 -1.69
CA GLY A 49 -8.11 -11.60 -1.50
C GLY A 49 -7.27 -10.77 -2.47
N GLU A 50 -7.91 -10.11 -3.44
CA GLU A 50 -7.20 -9.24 -4.38
C GLU A 50 -6.92 -7.86 -3.77
N TYR A 51 -5.64 -7.55 -3.55
CA TYR A 51 -5.25 -6.25 -3.01
C TYR A 51 -4.73 -5.33 -4.11
N VAL A 52 -5.35 -4.15 -4.23
CA VAL A 52 -4.99 -3.18 -5.26
C VAL A 52 -4.33 -1.94 -4.64
N LEU A 53 -3.12 -1.62 -5.09
CA LEU A 53 -2.41 -0.42 -4.63
C LEU A 53 -2.80 0.78 -5.50
N SER A 54 -3.12 1.89 -4.85
CA SER A 54 -3.52 3.11 -5.56
C SER A 54 -2.64 4.30 -5.15
N VAL A 55 -1.73 4.68 -6.04
CA VAL A 55 -0.79 5.78 -5.78
C VAL A 55 -0.98 6.93 -6.79
N TYR A 56 -1.00 8.16 -6.30
CA TYR A 56 -1.20 9.34 -7.13
C TYR A 56 0.14 9.91 -7.61
N SER A 57 0.40 9.80 -8.92
CA SER A 57 1.64 10.35 -9.49
C SER A 57 1.41 10.87 -10.92
N ASP A 58 2.02 12.01 -11.25
CA ASP A 58 1.94 12.59 -12.59
C ASP A 58 0.48 12.95 -12.95
N GLY A 59 -0.30 13.34 -11.93
CA GLY A 59 -1.67 13.77 -12.15
C GLY A 59 -2.66 12.62 -12.36
N GLN A 60 -2.20 11.39 -12.16
CA GLN A 60 -3.07 10.21 -12.35
C GLN A 60 -3.07 9.29 -11.12
N ARG A 61 -4.18 8.60 -10.93
CA ARG A 61 -4.26 7.54 -9.91
C ARG A 61 -3.78 6.20 -10.49
N ARG A 62 -2.56 5.81 -10.14
CA ARG A 62 -1.97 4.56 -10.62
C ARG A 62 -2.41 3.38 -9.75
N HIS A 63 -3.13 2.43 -10.34
CA HIS A 63 -3.63 1.26 -9.62
C HIS A 63 -2.88 -0.02 -10.04
N PHE A 64 -2.20 -0.65 -9.10
CA PHE A 64 -1.43 -1.87 -9.35
C PHE A 64 -2.00 -3.05 -8.57
N ILE A 65 -2.35 -4.13 -9.26
CA ILE A 65 -2.87 -5.34 -8.62
C ILE A 65 -1.71 -6.26 -8.17
N ILE A 66 -1.81 -6.79 -6.96
CA ILE A 66 -0.77 -7.68 -6.41
C ILE A 66 -0.97 -9.13 -6.88
N GLN A 67 -0.01 -9.65 -7.65
CA GLN A 67 -0.06 -11.05 -8.10
C GLN A 67 0.55 -11.99 -7.03
N TYR A 68 -0.06 -13.16 -6.87
CA TYR A 68 0.39 -14.15 -5.89
C TYR A 68 1.21 -15.27 -6.59
N VAL A 69 2.54 -15.18 -6.52
CA VAL A 69 3.42 -16.14 -7.20
C VAL A 69 4.44 -16.76 -6.23
N ASP A 70 4.51 -18.10 -6.21
CA ASP A 70 5.39 -18.84 -5.30
C ASP A 70 5.14 -18.46 -3.83
N ASN A 71 3.86 -18.21 -3.50
CA ASN A 71 3.45 -17.80 -2.15
C ASN A 71 4.00 -16.41 -1.79
N MET A 72 4.52 -15.68 -2.78
CA MET A 72 5.04 -14.33 -2.57
C MET A 72 4.21 -13.29 -3.34
N TYR A 73 3.97 -12.15 -2.70
CA TYR A 73 3.20 -11.07 -3.30
C TYR A 73 4.09 -10.15 -4.14
N ARG A 74 3.75 -9.97 -5.42
CA ARG A 74 4.58 -9.20 -6.35
C ARG A 74 3.75 -8.28 -7.27
N PHE A 75 4.32 -7.12 -7.60
CA PHE A 75 3.67 -6.16 -8.52
C PHE A 75 4.15 -6.34 -9.97
N GLU A 76 5.40 -5.97 -10.22
CA GLU A 76 5.99 -6.06 -11.56
C GLU A 76 6.56 -7.46 -11.82
N GLY A 77 7.61 -7.81 -11.08
CA GLY A 77 8.21 -9.14 -11.17
C GLY A 77 8.73 -9.64 -9.83
N THR A 78 9.41 -8.75 -9.10
CA THR A 78 9.91 -9.08 -7.75
C THR A 78 8.81 -8.95 -6.69
N GLY A 79 8.91 -9.78 -5.65
CA GLY A 79 7.90 -9.77 -4.58
C GLY A 79 8.41 -10.30 -3.25
N PHE A 80 7.57 -10.20 -2.22
CA PHE A 80 7.95 -10.63 -0.86
C PHE A 80 6.91 -11.58 -0.25
N SER A 81 7.31 -12.29 0.80
CA SER A 81 6.43 -13.27 1.47
C SER A 81 5.25 -12.60 2.18
N ASN A 82 5.39 -11.31 2.50
CA ASN A 82 4.32 -10.54 3.16
C ASN A 82 4.04 -9.22 2.44
N ILE A 83 2.75 -8.87 2.31
CA ILE A 83 2.36 -7.59 1.69
C ILE A 83 2.99 -6.37 2.39
N PRO A 84 2.89 -6.25 3.74
CA PRO A 84 3.50 -5.13 4.48
C PRO A 84 5.00 -4.99 4.21
N GLN A 85 5.68 -6.13 4.04
CA GLN A 85 7.12 -6.14 3.72
C GLN A 85 7.39 -5.66 2.28
N LEU A 86 6.58 -6.14 1.35
CA LEU A 86 6.64 -5.70 -0.05
C LEU A 86 6.53 -4.15 -0.16
N ILE A 87 5.45 -3.61 0.39
CA ILE A 87 5.22 -2.16 0.38
C ILE A 87 6.31 -1.40 1.15
N ASP A 88 6.59 -1.82 2.38
CA ASP A 88 7.59 -1.15 3.23
C ASP A 88 8.98 -1.14 2.56
N HIS A 89 9.40 -2.29 2.04
CA HIS A 89 10.74 -2.41 1.46
C HIS A 89 10.92 -1.53 0.22
N HIS A 90 9.85 -1.34 -0.56
CA HIS A 90 9.90 -0.42 -1.71
C HIS A 90 9.86 1.05 -1.23
N TYR A 91 9.10 1.31 -0.18
CA TYR A 91 8.99 2.66 0.40
C TYR A 91 10.33 3.11 1.01
N THR A 92 10.95 2.23 1.79
CA THR A 92 12.25 2.52 2.44
C THR A 92 13.36 2.73 1.42
N THR A 93 13.54 1.76 0.53
CA THR A 93 14.59 1.83 -0.51
C THR A 93 14.31 2.93 -1.53
N LYS A 94 13.07 3.45 -1.55
CA LYS A 94 12.68 4.51 -2.49
C LYS A 94 12.72 4.02 -3.94
N GLN A 95 12.45 2.71 -4.13
CA GLN A 95 12.45 2.10 -5.47
C GLN A 95 11.05 2.05 -6.08
N VAL A 96 10.98 1.86 -7.40
CA VAL A 96 9.71 1.84 -8.13
C VAL A 96 8.84 0.63 -7.77
N ILE A 97 7.55 0.74 -8.04
CA ILE A 97 6.61 -0.37 -7.87
C ILE A 97 6.56 -1.24 -9.15
N THR A 98 6.27 -0.59 -10.27
CA THR A 98 6.29 -1.25 -11.59
C THR A 98 7.02 -0.38 -12.62
N LYS A 99 7.93 -0.98 -13.39
CA LYS A 99 8.67 -0.25 -14.43
C LYS A 99 7.74 0.21 -15.56
N LYS A 100 6.56 -0.38 -15.64
CA LYS A 100 5.53 0.03 -16.61
C LYS A 100 5.14 1.51 -16.40
N SER A 101 5.02 1.94 -15.15
CA SER A 101 4.61 3.32 -14.84
C SER A 101 5.75 4.14 -14.19
N GLY A 102 6.71 3.44 -13.59
CA GLY A 102 7.84 4.12 -12.95
C GLY A 102 7.44 4.94 -11.73
N VAL A 103 6.48 4.45 -10.95
CA VAL A 103 6.00 5.17 -9.77
C VAL A 103 6.65 4.65 -8.47
N VAL A 104 7.01 5.58 -7.58
CA VAL A 104 7.61 5.25 -6.29
C VAL A 104 6.71 5.68 -5.13
N LEU A 105 6.84 5.02 -3.97
CA LEU A 105 5.99 5.30 -2.80
C LEU A 105 6.58 6.37 -1.87
N LEU A 106 5.82 7.44 -1.64
CA LEU A 106 6.17 8.47 -0.66
C LEU A 106 4.93 9.01 0.06
N ASN A 107 5.08 9.42 1.33
CA ASN A 107 3.99 9.97 2.17
C ASN A 107 2.64 9.19 2.04
N PRO A 108 2.44 8.16 2.89
CA PRO A 108 1.19 7.36 2.89
C PRO A 108 0.00 8.07 3.55
N ILE A 109 -1.22 7.67 3.19
CA ILE A 109 -2.45 8.26 3.75
C ILE A 109 -3.07 7.35 4.83
N PRO A 110 -3.24 7.86 6.07
CA PRO A 110 -3.85 7.09 7.18
C PRO A 110 -5.23 6.53 6.82
N LYS A 111 -5.61 5.39 7.41
CA LYS A 111 -6.83 4.69 7.02
C LYS A 111 -8.02 4.98 7.95
N ASP A 112 -9.22 4.80 7.39
CA ASP A 112 -10.48 5.10 8.07
C ASP A 112 -10.76 4.12 9.23
N LYS A 113 -10.85 4.64 10.45
CA LYS A 113 -11.28 3.83 11.60
C LYS A 113 -12.81 3.70 11.66
N LYS A 114 -13.50 4.34 10.70
CA LYS A 114 -14.96 4.29 10.63
C LYS A 114 -15.46 2.88 10.28
N TRP A 115 -15.68 2.07 11.31
CA TRP A 115 -16.21 0.71 11.15
C TRP A 115 -17.69 0.71 10.72
N ILE A 116 -18.27 1.90 10.63
CA ILE A 116 -19.67 2.07 10.21
C ILE A 116 -19.82 2.08 8.66
N MET A 1 -0.57 21.72 29.09
CA MET A 1 -0.75 20.27 28.79
C MET A 1 0.31 19.77 27.79
N GLY A 2 0.65 18.49 27.87
CA GLY A 2 1.67 17.92 26.99
C GLY A 2 1.49 16.43 26.72
N HIS A 3 2.22 15.59 27.46
CA HIS A 3 2.17 14.13 27.28
C HIS A 3 2.65 13.69 25.89
N HIS A 4 3.93 13.36 25.78
CA HIS A 4 4.51 12.88 24.53
C HIS A 4 4.01 11.47 24.21
N HIS A 5 2.81 11.39 23.62
CA HIS A 5 2.22 10.11 23.23
C HIS A 5 2.96 9.50 22.04
N HIS A 6 3.87 8.58 22.32
CA HIS A 6 4.70 7.93 21.31
C HIS A 6 4.20 6.51 21.00
N HIS A 7 4.81 5.87 19.99
CA HIS A 7 4.40 4.52 19.59
C HIS A 7 5.58 3.54 19.57
N HIS A 8 5.82 2.86 20.70
CA HIS A 8 6.85 1.81 20.75
C HIS A 8 6.35 0.51 20.09
N SER A 9 6.36 0.49 18.76
CA SER A 9 5.76 -0.62 18.00
C SER A 9 6.79 -1.37 17.14
N HIS A 10 6.38 -2.52 16.63
CA HIS A 10 7.23 -3.34 15.74
C HIS A 10 6.51 -3.58 14.41
N MET A 11 7.04 -4.48 13.59
CA MET A 11 6.39 -4.86 12.33
C MET A 11 4.97 -5.41 12.59
N LYS A 12 3.97 -4.79 11.99
CA LYS A 12 2.57 -5.16 12.24
C LYS A 12 1.96 -6.01 11.13
N PRO A 13 0.83 -6.69 11.44
CA PRO A 13 0.02 -7.44 10.44
C PRO A 13 -0.61 -6.51 9.38
N LEU A 14 -1.08 -7.09 8.28
CA LEU A 14 -1.63 -6.32 7.16
C LEU A 14 -2.80 -5.41 7.58
N ALA A 15 -3.74 -5.95 8.36
CA ALA A 15 -4.93 -5.18 8.78
C ALA A 15 -4.57 -3.99 9.68
N GLU A 16 -3.42 -4.07 10.36
CA GLU A 16 -2.99 -3.00 11.26
C GLU A 16 -2.08 -1.98 10.54
N GLN A 17 -1.76 -2.25 9.28
CA GLN A 17 -0.92 -1.35 8.49
C GLN A 17 -1.63 -0.01 8.21
N ASP A 18 -0.99 1.08 8.60
CA ASP A 18 -1.59 2.41 8.49
C ASP A 18 -1.78 2.86 7.03
N TRP A 19 -1.04 2.24 6.12
CA TRP A 19 -1.20 2.52 4.68
C TRP A 19 -2.25 1.60 4.04
N TYR A 20 -2.84 0.71 4.84
CA TYR A 20 -3.85 -0.24 4.37
C TYR A 20 -5.27 0.23 4.75
N HIS A 21 -6.15 0.26 3.76
CA HIS A 21 -7.56 0.58 3.98
C HIS A 21 -8.46 -0.54 3.43
N GLY A 22 -8.91 -1.41 4.34
CA GLY A 22 -9.59 -2.65 3.95
C GLY A 22 -10.97 -2.48 3.30
N ALA A 23 -11.14 -3.13 2.13
CA ALA A 23 -12.44 -3.28 1.48
C ALA A 23 -13.18 -1.95 1.19
N ILE A 24 -12.43 -0.86 1.01
CA ILE A 24 -13.05 0.42 0.62
C ILE A 24 -13.30 0.47 -0.89
N PRO A 25 -14.40 1.10 -1.34
CA PRO A 25 -14.73 1.22 -2.78
C PRO A 25 -13.62 1.92 -3.59
N ARG A 26 -13.51 1.57 -4.88
CA ARG A 26 -12.48 2.15 -5.75
C ARG A 26 -12.60 3.67 -5.83
N ILE A 27 -13.85 4.16 -5.89
CA ILE A 27 -14.12 5.60 -5.92
C ILE A 27 -13.41 6.33 -4.77
N GLU A 28 -13.69 5.92 -3.53
CA GLU A 28 -13.03 6.51 -2.37
C GLU A 28 -11.50 6.45 -2.48
N ALA A 29 -10.98 5.34 -3.00
CA ALA A 29 -9.53 5.14 -3.14
C ALA A 29 -8.90 6.13 -4.13
N GLN A 30 -9.62 6.46 -5.21
CA GLN A 30 -9.11 7.38 -6.24
C GLN A 30 -9.37 8.86 -5.89
N GLU A 31 -10.53 9.13 -5.28
CA GLU A 31 -10.91 10.50 -4.93
C GLU A 31 -10.00 11.09 -3.84
N LEU A 32 -9.60 10.26 -2.87
CA LEU A 32 -8.73 10.73 -1.76
C LEU A 32 -7.32 11.10 -2.26
N LEU A 33 -6.93 10.51 -3.39
CA LEU A 33 -5.65 10.81 -4.02
C LEU A 33 -5.68 12.21 -4.66
N LYS A 34 -5.00 13.18 -4.03
CA LYS A 34 -5.10 14.58 -4.46
C LYS A 34 -3.76 15.18 -4.90
N LYS A 35 -2.66 14.76 -4.28
CA LYS A 35 -1.32 15.29 -4.62
C LYS A 35 -0.35 14.16 -4.99
N GLN A 36 0.66 14.50 -5.80
CA GLN A 36 1.68 13.53 -6.20
C GLN A 36 2.38 12.90 -4.98
N GLY A 37 2.12 11.62 -4.76
CA GLY A 37 2.71 10.92 -3.62
C GLY A 37 1.71 10.06 -2.87
N ASP A 38 0.49 10.58 -2.69
CA ASP A 38 -0.56 9.87 -1.94
C ASP A 38 -0.72 8.43 -2.43
N PHE A 39 -0.55 7.46 -1.54
CA PHE A 39 -0.76 6.05 -1.88
C PHE A 39 -1.41 5.27 -0.73
N LEU A 40 -2.19 4.26 -1.09
CA LEU A 40 -2.78 3.33 -0.11
C LEU A 40 -3.04 1.96 -0.75
N VAL A 41 -2.99 0.91 0.05
CA VAL A 41 -3.34 -0.43 -0.41
C VAL A 41 -4.73 -0.83 0.12
N ARG A 42 -5.63 -1.19 -0.78
CA ARG A 42 -6.98 -1.59 -0.41
C ARG A 42 -7.27 -3.02 -0.86
N GLU A 43 -8.25 -3.66 -0.24
CA GLU A 43 -8.75 -4.94 -0.74
C GLU A 43 -10.02 -4.72 -1.57
N SER A 44 -10.11 -5.38 -2.71
CA SER A 44 -11.28 -5.26 -3.59
C SER A 44 -12.55 -5.79 -2.91
N HIS A 45 -13.54 -4.92 -2.74
CA HIS A 45 -14.78 -5.26 -2.04
C HIS A 45 -15.54 -6.41 -2.74
N GLY A 46 -15.44 -6.46 -4.07
CA GLY A 46 -16.11 -7.51 -4.84
C GLY A 46 -15.21 -8.70 -5.17
N LYS A 47 -13.95 -8.65 -4.73
CA LYS A 47 -13.01 -9.76 -4.98
C LYS A 47 -12.28 -10.15 -3.68
N PRO A 48 -12.74 -11.23 -3.01
CA PRO A 48 -12.11 -11.70 -1.76
C PRO A 48 -10.66 -12.15 -1.97
N GLY A 49 -9.71 -11.48 -1.30
CA GLY A 49 -8.30 -11.84 -1.41
C GLY A 49 -7.56 -11.12 -2.53
N GLU A 50 -8.18 -10.07 -3.09
CA GLU A 50 -7.53 -9.25 -4.13
C GLU A 50 -7.16 -7.87 -3.56
N TYR A 51 -5.89 -7.49 -3.73
CA TYR A 51 -5.40 -6.23 -3.18
C TYR A 51 -4.88 -5.29 -4.29
N VAL A 52 -5.30 -4.03 -4.23
CA VAL A 52 -4.92 -3.04 -5.23
C VAL A 52 -4.25 -1.82 -4.59
N LEU A 53 -3.05 -1.48 -5.06
CA LEU A 53 -2.34 -0.28 -4.63
C LEU A 53 -2.76 0.93 -5.47
N SER A 54 -3.17 2.00 -4.81
CA SER A 54 -3.62 3.23 -5.49
C SER A 54 -2.72 4.41 -5.11
N VAL A 55 -1.93 4.87 -6.08
CA VAL A 55 -0.99 5.98 -5.86
C VAL A 55 -1.18 7.11 -6.89
N TYR A 56 -1.10 8.35 -6.44
CA TYR A 56 -1.27 9.52 -7.31
C TYR A 56 0.07 9.96 -7.91
N SER A 57 0.21 9.84 -9.23
CA SER A 57 1.46 10.25 -9.91
C SER A 57 1.16 10.89 -11.27
N ASP A 58 1.70 12.10 -11.48
CA ASP A 58 1.60 12.80 -12.76
C ASP A 58 0.14 13.06 -13.16
N GLY A 59 -0.70 13.37 -12.16
CA GLY A 59 -2.10 13.67 -12.42
C GLY A 59 -2.99 12.42 -12.53
N GLN A 60 -2.37 11.25 -12.67
CA GLN A 60 -3.13 10.00 -12.83
C GLN A 60 -3.23 9.23 -11.51
N ARG A 61 -4.39 8.61 -11.28
CA ARG A 61 -4.51 7.63 -10.20
C ARG A 61 -4.01 6.26 -10.67
N ARG A 62 -2.80 5.89 -10.28
CA ARG A 62 -2.19 4.64 -10.71
C ARG A 62 -2.62 3.47 -9.80
N HIS A 63 -3.23 2.45 -10.39
CA HIS A 63 -3.70 1.28 -9.63
C HIS A 63 -2.95 0.01 -10.04
N PHE A 64 -2.23 -0.59 -9.08
CA PHE A 64 -1.47 -1.82 -9.34
C PHE A 64 -2.02 -2.99 -8.51
N ILE A 65 -2.33 -4.10 -9.18
CA ILE A 65 -2.87 -5.29 -8.49
C ILE A 65 -1.74 -6.21 -7.99
N ILE A 66 -1.93 -6.81 -6.82
CA ILE A 66 -0.94 -7.72 -6.24
C ILE A 66 -1.21 -9.18 -6.61
N GLN A 67 -0.27 -9.82 -7.33
CA GLN A 67 -0.37 -11.23 -7.68
C GLN A 67 0.38 -12.11 -6.66
N TYR A 68 -0.22 -13.25 -6.30
CA TYR A 68 0.42 -14.22 -5.39
C TYR A 68 1.08 -15.35 -6.19
N VAL A 69 2.39 -15.24 -6.41
CA VAL A 69 3.14 -16.21 -7.23
C VAL A 69 4.32 -16.81 -6.45
N ASP A 70 4.41 -18.14 -6.42
CA ASP A 70 5.49 -18.85 -5.70
C ASP A 70 5.62 -18.37 -4.24
N ASN A 71 4.48 -18.19 -3.57
CA ASN A 71 4.44 -17.75 -2.17
C ASN A 71 5.01 -16.34 -1.99
N MET A 72 5.04 -15.55 -3.06
CA MET A 72 5.50 -14.16 -3.02
C MET A 72 4.48 -13.20 -3.65
N TYR A 73 4.17 -12.13 -2.93
CA TYR A 73 3.28 -11.08 -3.44
C TYR A 73 4.05 -10.08 -4.31
N ARG A 74 3.54 -9.83 -5.51
CA ARG A 74 4.24 -8.99 -6.50
C ARG A 74 3.28 -8.08 -7.27
N PHE A 75 3.80 -6.96 -7.77
CA PHE A 75 3.03 -6.06 -8.65
C PHE A 75 3.37 -6.28 -10.12
N GLU A 76 4.63 -6.63 -10.39
CA GLU A 76 5.11 -6.82 -11.76
C GLU A 76 5.84 -8.16 -11.90
N GLY A 77 7.15 -8.17 -11.63
CA GLY A 77 7.93 -9.41 -11.67
C GLY A 77 8.48 -9.79 -10.30
N THR A 78 9.27 -8.89 -9.70
CA THR A 78 9.82 -9.13 -8.36
C THR A 78 8.78 -8.88 -7.25
N GLY A 79 8.91 -9.60 -6.14
CA GLY A 79 7.95 -9.46 -5.05
C GLY A 79 8.48 -9.97 -3.70
N PHE A 80 7.62 -9.93 -2.68
CA PHE A 80 7.99 -10.37 -1.31
C PHE A 80 6.93 -11.31 -0.73
N SER A 81 7.36 -12.28 0.07
CA SER A 81 6.44 -13.28 0.66
C SER A 81 5.37 -12.66 1.57
N ASN A 82 5.57 -11.40 1.97
CA ASN A 82 4.59 -10.68 2.81
C ASN A 82 4.24 -9.32 2.19
N ILE A 83 2.94 -9.00 2.10
CA ILE A 83 2.49 -7.70 1.60
C ILE A 83 3.08 -6.52 2.41
N PRO A 84 3.04 -6.57 3.77
CA PRO A 84 3.69 -5.55 4.61
C PRO A 84 5.16 -5.31 4.22
N GLN A 85 5.90 -6.40 3.95
CA GLN A 85 7.32 -6.30 3.57
C GLN A 85 7.47 -5.76 2.14
N LEU A 86 6.56 -6.14 1.25
CA LEU A 86 6.55 -5.64 -0.13
C LEU A 86 6.51 -4.09 -0.15
N ILE A 87 5.53 -3.52 0.54
CA ILE A 87 5.37 -2.06 0.62
C ILE A 87 6.48 -1.41 1.49
N ASP A 88 6.73 -1.98 2.68
CA ASP A 88 7.77 -1.47 3.58
C ASP A 88 9.14 -1.39 2.89
N HIS A 89 9.56 -2.49 2.27
CA HIS A 89 10.86 -2.55 1.60
C HIS A 89 10.94 -1.53 0.44
N HIS A 90 9.85 -1.36 -0.30
CA HIS A 90 9.81 -0.36 -1.39
C HIS A 90 9.83 1.08 -0.85
N TYR A 91 9.07 1.34 0.21
CA TYR A 91 8.99 2.69 0.80
C TYR A 91 10.33 3.12 1.41
N THR A 92 10.93 2.24 2.21
CA THR A 92 12.22 2.52 2.86
C THR A 92 13.35 2.73 1.83
N THR A 93 13.39 1.87 0.81
CA THR A 93 14.38 1.99 -0.27
C THR A 93 14.04 3.14 -1.22
N LYS A 94 12.76 3.53 -1.23
CA LYS A 94 12.26 4.60 -2.11
C LYS A 94 12.41 4.17 -3.59
N GLN A 95 12.29 2.86 -3.82
CA GLN A 95 12.47 2.28 -5.17
C GLN A 95 11.10 2.05 -5.84
N VAL A 96 11.06 2.14 -7.17
CA VAL A 96 9.80 2.09 -7.93
C VAL A 96 9.00 0.79 -7.71
N ILE A 97 7.68 0.88 -7.89
CA ILE A 97 6.79 -0.28 -7.78
C ILE A 97 6.92 -1.20 -9.00
N THR A 98 6.43 -0.74 -10.16
CA THR A 98 6.58 -1.49 -11.42
C THR A 98 7.41 -0.69 -12.42
N LYS A 99 8.32 -1.36 -13.12
CA LYS A 99 9.19 -0.70 -14.10
C LYS A 99 8.40 -0.26 -15.35
N LYS A 100 7.21 -0.84 -15.53
CA LYS A 100 6.29 -0.40 -16.59
C LYS A 100 5.74 1.00 -16.31
N SER A 101 5.90 1.49 -15.09
CA SER A 101 5.42 2.82 -14.70
C SER A 101 6.56 3.71 -14.19
N GLY A 102 7.22 3.25 -13.13
CA GLY A 102 8.30 4.03 -12.51
C GLY A 102 7.81 4.90 -11.36
N VAL A 103 6.69 4.51 -10.74
CA VAL A 103 6.11 5.27 -9.62
C VAL A 103 6.76 4.88 -8.27
N VAL A 104 7.02 5.89 -7.44
CA VAL A 104 7.66 5.67 -6.13
C VAL A 104 6.68 5.92 -4.97
N LEU A 105 6.91 5.28 -3.82
CA LEU A 105 6.05 5.42 -2.65
C LEU A 105 6.53 6.52 -1.69
N LEU A 106 5.69 7.54 -1.48
CA LEU A 106 5.96 8.59 -0.50
C LEU A 106 4.68 9.05 0.21
N ASN A 107 4.82 9.52 1.46
CA ASN A 107 3.68 9.96 2.30
C ASN A 107 2.43 9.06 2.21
N PRO A 108 2.37 7.99 3.02
CA PRO A 108 1.22 7.06 3.05
C PRO A 108 -0.06 7.69 3.64
N ILE A 109 -1.21 7.40 3.02
CA ILE A 109 -2.49 7.94 3.49
C ILE A 109 -2.93 7.29 4.82
N PRO A 110 -3.00 8.10 5.91
CA PRO A 110 -3.31 7.60 7.27
C PRO A 110 -4.53 6.67 7.34
N LYS A 111 -4.38 5.57 8.08
CA LYS A 111 -5.45 4.58 8.26
C LYS A 111 -6.58 5.12 9.16
N ASP A 112 -7.79 4.64 8.91
CA ASP A 112 -8.98 5.03 9.67
C ASP A 112 -8.82 4.72 11.17
N LYS A 113 -8.64 5.77 11.98
CA LYS A 113 -8.52 5.61 13.43
C LYS A 113 -9.84 5.12 14.06
N LYS A 114 -10.95 5.71 13.60
CA LYS A 114 -12.28 5.34 14.11
C LYS A 114 -13.34 5.47 13.00
N TRP A 115 -14.23 4.48 12.93
CA TRP A 115 -15.34 4.50 11.95
C TRP A 115 -16.56 5.22 12.52
N ILE A 116 -16.37 5.93 13.63
CA ILE A 116 -17.41 6.76 14.24
C ILE A 116 -17.52 8.13 13.53
N MET A 1 23.21 -8.86 31.09
CA MET A 1 22.36 -8.56 32.27
C MET A 1 21.12 -7.74 31.87
N GLY A 2 20.08 -7.80 32.69
CA GLY A 2 18.92 -6.95 32.52
C GLY A 2 17.98 -7.35 31.38
N HIS A 3 18.44 -8.21 30.47
CA HIS A 3 17.66 -8.58 29.27
C HIS A 3 17.27 -7.32 28.47
N HIS A 4 18.15 -6.33 28.49
CA HIS A 4 17.88 -5.02 27.87
C HIS A 4 17.48 -5.11 26.40
N HIS A 5 16.70 -4.13 25.94
CA HIS A 5 16.25 -4.05 24.56
C HIS A 5 16.30 -2.60 24.03
N HIS A 6 17.35 -2.28 23.27
CA HIS A 6 17.59 -0.90 22.83
C HIS A 6 16.59 -0.44 21.75
N HIS A 7 16.11 -1.36 20.90
CA HIS A 7 15.14 -1.01 19.86
C HIS A 7 13.71 -1.43 20.25
N HIS A 8 12.76 -0.51 20.15
CA HIS A 8 11.35 -0.81 20.44
C HIS A 8 10.62 -1.30 19.16
N SER A 9 11.34 -1.26 18.04
CA SER A 9 10.79 -1.62 16.73
C SER A 9 10.11 -3.00 16.72
N HIS A 10 8.81 -3.00 16.44
CA HIS A 10 8.03 -4.23 16.28
C HIS A 10 6.91 -4.02 15.23
N MET A 11 6.65 -5.05 14.43
CA MET A 11 5.75 -4.93 13.29
C MET A 11 4.26 -5.00 13.69
N LYS A 12 3.45 -4.15 13.05
CA LYS A 12 1.99 -4.20 13.20
C LYS A 12 1.37 -5.08 12.12
N PRO A 13 0.31 -5.86 12.44
CA PRO A 13 -0.42 -6.67 11.44
C PRO A 13 -0.98 -5.80 10.30
N LEU A 14 -1.18 -6.42 9.13
CA LEU A 14 -1.66 -5.69 7.94
C LEU A 14 -2.91 -4.84 8.23
N ALA A 15 -3.83 -5.39 9.02
CA ALA A 15 -5.09 -4.70 9.33
C ALA A 15 -4.90 -3.45 10.22
N GLU A 16 -3.74 -3.35 10.87
CA GLU A 16 -3.45 -2.20 11.75
C GLU A 16 -2.58 -1.15 11.04
N GLN A 17 -2.30 -1.37 9.76
CA GLN A 17 -1.48 -0.44 8.97
C GLN A 17 -2.30 0.77 8.50
N ASP A 18 -1.80 1.97 8.78
CA ASP A 18 -2.50 3.21 8.42
C ASP A 18 -2.65 3.37 6.89
N TRP A 19 -1.68 2.85 6.14
CA TRP A 19 -1.74 2.88 4.67
C TRP A 19 -2.71 1.82 4.12
N TYR A 20 -3.13 0.89 4.98
CA TYR A 20 -4.11 -0.14 4.60
C TYR A 20 -5.53 0.32 4.95
N HIS A 21 -6.37 0.49 3.92
CA HIS A 21 -7.74 0.99 4.12
C HIS A 21 -8.81 -0.11 3.96
N GLY A 22 -8.35 -1.35 3.86
CA GLY A 22 -9.28 -2.48 3.77
C GLY A 22 -9.92 -2.66 2.40
N ALA A 23 -10.95 -3.50 2.33
CA ALA A 23 -11.69 -3.73 1.09
C ALA A 23 -12.61 -2.56 0.75
N ILE A 24 -12.10 -1.59 -0.01
CA ILE A 24 -12.88 -0.41 -0.41
C ILE A 24 -12.95 -0.27 -1.94
N PRO A 25 -14.01 0.37 -2.46
CA PRO A 25 -14.18 0.62 -3.91
C PRO A 25 -13.04 1.44 -4.52
N ARG A 26 -12.83 1.31 -5.83
CA ARG A 26 -11.80 2.06 -6.54
C ARG A 26 -11.99 3.58 -6.36
N ILE A 27 -13.25 3.99 -6.22
CA ILE A 27 -13.60 5.40 -5.97
C ILE A 27 -12.98 5.88 -4.64
N GLU A 28 -13.30 5.20 -3.55
CA GLU A 28 -12.74 5.54 -2.22
C GLU A 28 -11.21 5.59 -2.25
N ALA A 29 -10.62 4.77 -3.11
CA ALA A 29 -9.16 4.76 -3.28
C ALA A 29 -8.63 6.06 -3.89
N GLN A 30 -9.29 6.55 -4.95
CA GLN A 30 -8.85 7.79 -5.62
C GLN A 30 -9.22 9.05 -4.83
N GLU A 31 -10.38 9.02 -4.17
CA GLU A 31 -10.90 10.20 -3.46
C GLU A 31 -9.91 10.76 -2.42
N LEU A 32 -9.19 9.88 -1.75
CA LEU A 32 -8.27 10.31 -0.70
C LEU A 32 -6.89 10.73 -1.26
N LEU A 33 -6.62 10.38 -2.51
CA LEU A 33 -5.35 10.73 -3.17
C LEU A 33 -5.42 12.14 -3.77
N LYS A 34 -4.81 13.13 -3.10
CA LYS A 34 -4.89 14.52 -3.56
C LYS A 34 -3.55 15.06 -4.10
N LYS A 35 -2.45 14.77 -3.42
CA LYS A 35 -1.13 15.26 -3.84
C LYS A 35 -0.21 14.12 -4.32
N GLN A 36 0.93 14.49 -4.89
CA GLN A 36 1.89 13.51 -5.43
C GLN A 36 2.49 12.62 -4.32
N GLY A 37 2.59 11.32 -4.60
CA GLY A 37 3.18 10.38 -3.66
C GLY A 37 2.14 9.58 -2.88
N ASP A 38 1.02 10.23 -2.57
CA ASP A 38 -0.06 9.63 -1.78
C ASP A 38 -0.46 8.24 -2.31
N PHE A 39 -0.42 7.24 -1.45
CA PHE A 39 -0.81 5.88 -1.84
C PHE A 39 -1.55 5.13 -0.72
N LEU A 40 -2.31 4.11 -1.11
CA LEU A 40 -2.99 3.22 -0.16
C LEU A 40 -3.12 1.81 -0.73
N VAL A 41 -3.24 0.83 0.15
CA VAL A 41 -3.51 -0.55 -0.27
C VAL A 41 -4.94 -0.98 0.12
N ARG A 42 -5.67 -1.53 -0.83
CA ARG A 42 -7.05 -1.96 -0.59
C ARG A 42 -7.25 -3.41 -1.04
N GLU A 43 -8.43 -3.97 -0.76
CA GLU A 43 -8.81 -5.29 -1.27
C GLU A 43 -10.03 -5.19 -2.18
N SER A 44 -10.06 -5.99 -3.24
CA SER A 44 -11.17 -5.96 -4.22
C SER A 44 -12.42 -6.66 -3.66
N HIS A 45 -13.59 -6.11 -3.94
CA HIS A 45 -14.86 -6.71 -3.49
C HIS A 45 -15.29 -7.89 -4.40
N GLY A 46 -15.28 -7.67 -5.71
CA GLY A 46 -15.66 -8.71 -6.65
C GLY A 46 -14.73 -9.93 -6.62
N LYS A 47 -13.50 -9.71 -6.18
CA LYS A 47 -12.51 -10.79 -6.05
C LYS A 47 -11.88 -10.77 -4.64
N PRO A 48 -12.46 -11.52 -3.68
CA PRO A 48 -11.97 -11.54 -2.29
C PRO A 48 -10.51 -12.00 -2.18
N GLY A 49 -9.70 -11.27 -1.41
CA GLY A 49 -8.29 -11.60 -1.26
C GLY A 49 -7.38 -10.95 -2.29
N GLU A 50 -7.97 -10.36 -3.34
CA GLU A 50 -7.20 -9.68 -4.38
C GLU A 50 -6.89 -8.23 -4.00
N TYR A 51 -5.68 -8.01 -3.49
CA TYR A 51 -5.26 -6.68 -3.05
C TYR A 51 -4.82 -5.79 -4.22
N VAL A 52 -5.24 -4.53 -4.18
CA VAL A 52 -4.90 -3.55 -5.21
C VAL A 52 -4.28 -2.28 -4.62
N LEU A 53 -3.13 -1.88 -5.15
CA LEU A 53 -2.46 -0.64 -4.74
C LEU A 53 -2.98 0.57 -5.54
N SER A 54 -3.12 1.71 -4.89
CA SER A 54 -3.57 2.94 -5.56
C SER A 54 -2.73 4.13 -5.13
N VAL A 55 -2.07 4.79 -6.10
CA VAL A 55 -1.14 5.87 -5.81
C VAL A 55 -1.30 7.07 -6.78
N TYR A 56 -1.01 8.27 -6.29
CA TYR A 56 -1.08 9.48 -7.12
C TYR A 56 0.31 9.91 -7.63
N SER A 57 0.53 9.76 -8.93
CA SER A 57 1.84 10.10 -9.54
C SER A 57 1.67 10.69 -10.94
N ASP A 58 2.47 11.71 -11.26
CA ASP A 58 2.42 12.39 -12.56
C ASP A 58 1.01 12.94 -12.86
N GLY A 59 0.29 13.31 -11.80
CA GLY A 59 -1.08 13.80 -11.96
C GLY A 59 -2.07 12.70 -12.36
N GLN A 60 -1.76 11.46 -11.98
CA GLN A 60 -2.60 10.30 -12.33
C GLN A 60 -2.80 9.40 -11.10
N ARG A 61 -4.00 8.82 -10.95
CA ARG A 61 -4.21 7.77 -9.96
C ARG A 61 -3.91 6.39 -10.58
N ARG A 62 -2.75 5.84 -10.25
CA ARG A 62 -2.32 4.53 -10.76
C ARG A 62 -2.84 3.40 -9.86
N HIS A 63 -3.41 2.37 -10.47
CA HIS A 63 -3.93 1.22 -9.71
C HIS A 63 -3.18 -0.06 -10.12
N PHE A 64 -2.47 -0.67 -9.17
CA PHE A 64 -1.68 -1.87 -9.43
C PHE A 64 -2.26 -3.11 -8.73
N ILE A 65 -2.52 -4.17 -9.49
CA ILE A 65 -3.04 -5.42 -8.92
C ILE A 65 -1.89 -6.33 -8.47
N ILE A 66 -2.01 -6.89 -7.26
CA ILE A 66 -0.97 -7.77 -6.72
C ILE A 66 -1.15 -9.23 -7.16
N GLN A 67 -0.19 -9.76 -7.91
CA GLN A 67 -0.21 -11.17 -8.32
C GLN A 67 0.48 -12.05 -7.27
N TYR A 68 -0.28 -12.94 -6.65
CA TYR A 68 0.27 -13.88 -5.66
C TYR A 68 0.97 -15.04 -6.36
N VAL A 69 2.29 -14.98 -6.46
CA VAL A 69 3.08 -15.97 -7.19
C VAL A 69 4.19 -16.59 -6.31
N ASP A 70 4.20 -17.92 -6.20
CA ASP A 70 5.20 -18.64 -5.40
C ASP A 70 5.29 -18.11 -3.96
N ASN A 71 4.12 -17.93 -3.33
CA ASN A 71 4.03 -17.44 -1.94
C ASN A 71 4.57 -16.00 -1.80
N MET A 72 4.75 -15.31 -2.92
CA MET A 72 5.26 -13.93 -2.92
C MET A 72 4.26 -12.97 -3.58
N TYR A 73 3.99 -11.85 -2.91
CA TYR A 73 3.17 -10.77 -3.46
C TYR A 73 4.01 -9.85 -4.36
N ARG A 74 3.65 -9.76 -5.64
CA ARG A 74 4.41 -8.94 -6.60
C ARG A 74 3.48 -8.07 -7.47
N PHE A 75 3.94 -6.87 -7.79
CA PHE A 75 3.21 -5.97 -8.70
C PHE A 75 3.62 -6.22 -10.16
N GLU A 76 4.84 -6.72 -10.36
CA GLU A 76 5.37 -7.00 -11.69
C GLU A 76 6.51 -8.03 -11.62
N GLY A 77 7.70 -7.59 -11.19
CA GLY A 77 8.85 -8.49 -11.10
C GLY A 77 9.19 -8.88 -9.66
N THR A 78 9.85 -7.98 -8.94
CA THR A 78 10.23 -8.22 -7.54
C THR A 78 8.99 -8.29 -6.62
N GLY A 79 9.07 -9.14 -5.61
CA GLY A 79 7.95 -9.33 -4.69
C GLY A 79 8.37 -9.92 -3.34
N PHE A 80 7.51 -9.76 -2.33
CA PHE A 80 7.81 -10.24 -0.97
C PHE A 80 6.71 -11.17 -0.43
N SER A 81 7.09 -12.06 0.49
CA SER A 81 6.14 -12.98 1.12
C SER A 81 5.08 -12.24 1.95
N ASN A 82 5.43 -11.05 2.43
CA ASN A 82 4.52 -10.23 3.23
C ASN A 82 4.15 -8.93 2.53
N ILE A 83 2.85 -8.63 2.48
CA ILE A 83 2.36 -7.37 1.90
C ILE A 83 3.01 -6.13 2.56
N PRO A 84 3.03 -6.05 3.91
CA PRO A 84 3.68 -4.92 4.61
C PRO A 84 5.16 -4.76 4.24
N GLN A 85 5.86 -5.89 4.05
CA GLN A 85 7.28 -5.86 3.69
C GLN A 85 7.51 -5.44 2.23
N LEU A 86 6.58 -5.83 1.35
CA LEU A 86 6.61 -5.40 -0.05
C LEU A 86 6.57 -3.86 -0.13
N ILE A 87 5.53 -3.28 0.48
CA ILE A 87 5.38 -1.82 0.54
C ILE A 87 6.54 -1.16 1.29
N ASP A 88 6.84 -1.67 2.49
CA ASP A 88 7.91 -1.14 3.34
C ASP A 88 9.27 -1.10 2.59
N HIS A 89 9.68 -2.23 2.02
CA HIS A 89 11.00 -2.32 1.40
C HIS A 89 11.12 -1.42 0.16
N HIS A 90 10.01 -1.18 -0.55
CA HIS A 90 10.01 -0.23 -1.68
C HIS A 90 9.98 1.22 -1.18
N TYR A 91 9.30 1.45 -0.06
CA TYR A 91 9.21 2.77 0.57
C TYR A 91 10.59 3.22 1.10
N THR A 92 11.30 2.28 1.74
CA THR A 92 12.63 2.55 2.29
C THR A 92 13.67 2.77 1.18
N THR A 93 13.79 1.80 0.29
CA THR A 93 14.76 1.88 -0.82
C THR A 93 14.35 2.95 -1.85
N LYS A 94 13.08 3.33 -1.86
CA LYS A 94 12.54 4.31 -2.81
C LYS A 94 12.56 3.73 -4.23
N GLN A 95 12.34 2.42 -4.32
CA GLN A 95 12.43 1.68 -5.60
C GLN A 95 11.02 1.54 -6.23
N VAL A 96 10.96 1.55 -7.57
CA VAL A 96 9.70 1.65 -8.31
C VAL A 96 8.75 0.47 -8.06
N ILE A 97 7.51 0.59 -8.55
CA ILE A 97 6.51 -0.47 -8.48
C ILE A 97 6.49 -1.32 -9.76
N THR A 98 6.09 -0.71 -10.88
CA THR A 98 6.10 -1.39 -12.20
C THR A 98 6.84 -0.54 -13.24
N LYS A 99 7.55 -1.19 -14.16
CA LYS A 99 8.30 -0.47 -15.20
C LYS A 99 7.35 0.17 -16.24
N LYS A 100 6.10 -0.29 -16.26
CA LYS A 100 5.09 0.26 -17.19
C LYS A 100 4.60 1.66 -16.73
N SER A 101 4.82 1.99 -15.46
CA SER A 101 4.44 3.32 -14.93
C SER A 101 5.66 4.07 -14.37
N GLY A 102 6.47 3.38 -13.59
CA GLY A 102 7.65 4.00 -12.97
C GLY A 102 7.32 4.78 -11.70
N VAL A 103 6.28 4.35 -11.00
CA VAL A 103 5.83 5.04 -9.78
C VAL A 103 6.54 4.52 -8.52
N VAL A 104 6.82 5.43 -7.59
CA VAL A 104 7.47 5.08 -6.32
C VAL A 104 6.55 5.43 -5.13
N LEU A 105 6.74 4.74 -4.00
CA LEU A 105 5.87 4.94 -2.82
C LEU A 105 6.49 5.91 -1.80
N LEU A 106 5.81 7.02 -1.55
CA LEU A 106 6.20 7.99 -0.52
C LEU A 106 4.96 8.58 0.18
N ASN A 107 5.13 9.04 1.43
CA ASN A 107 4.04 9.62 2.25
C ASN A 107 2.69 8.86 2.12
N PRO A 108 2.47 7.83 2.96
CA PRO A 108 1.23 7.04 2.92
C PRO A 108 0.03 7.75 3.59
N ILE A 109 -1.17 7.54 3.06
CA ILE A 109 -2.39 8.13 3.63
C ILE A 109 -2.95 7.25 4.75
N PRO A 110 -3.10 7.80 5.98
CA PRO A 110 -3.55 7.03 7.15
C PRO A 110 -5.07 6.83 7.23
N LYS A 111 -5.51 6.02 8.21
CA LYS A 111 -6.94 5.84 8.50
C LYS A 111 -7.19 5.68 10.01
N ASP A 112 -8.07 6.51 10.55
CA ASP A 112 -8.43 6.45 11.98
C ASP A 112 -9.35 5.26 12.28
N LYS A 113 -10.03 5.28 13.43
CA LYS A 113 -10.89 4.16 13.84
C LYS A 113 -12.36 4.37 13.42
N LYS A 114 -12.74 5.62 13.17
CA LYS A 114 -14.14 5.94 12.87
C LYS A 114 -14.49 5.66 11.40
N TRP A 115 -14.85 4.41 11.12
CA TRP A 115 -15.25 3.99 9.76
C TRP A 115 -16.75 4.22 9.53
N ILE A 116 -17.44 4.69 10.57
CA ILE A 116 -18.90 4.89 10.52
C ILE A 116 -19.38 5.81 9.37
N MET A 1 10.39 11.76 29.96
CA MET A 1 9.51 11.28 28.85
C MET A 1 10.25 11.33 27.50
N GLY A 2 10.66 12.54 27.09
CA GLY A 2 11.50 12.69 25.91
C GLY A 2 10.89 12.16 24.62
N HIS A 3 11.76 11.80 23.67
CA HIS A 3 11.33 11.33 22.34
C HIS A 3 10.94 9.85 22.35
N HIS A 4 10.25 9.42 23.41
CA HIS A 4 9.82 8.02 23.56
C HIS A 4 9.01 7.54 22.34
N HIS A 5 9.30 6.33 21.88
CA HIS A 5 8.68 5.77 20.68
C HIS A 5 7.59 4.72 21.02
N HIS A 6 6.75 4.40 20.05
CA HIS A 6 5.74 3.34 20.20
C HIS A 6 6.32 1.95 19.87
N HIS A 7 7.23 1.91 18.89
CA HIS A 7 7.88 0.64 18.49
C HIS A 7 9.10 0.88 17.59
N HIS A 8 10.19 0.17 17.90
CA HIS A 8 11.43 0.27 17.10
C HIS A 8 11.79 -1.11 16.52
N SER A 9 11.81 -1.23 15.19
CA SER A 9 12.10 -2.51 14.50
C SER A 9 11.05 -3.58 14.83
N HIS A 10 9.86 -3.13 15.23
CA HIS A 10 8.74 -4.03 15.53
C HIS A 10 7.53 -3.68 14.65
N MET A 11 7.21 -4.55 13.71
CA MET A 11 6.17 -4.27 12.71
C MET A 11 4.75 -4.61 13.24
N LYS A 12 3.76 -3.81 12.82
CA LYS A 12 2.35 -4.11 13.06
C LYS A 12 1.77 -4.95 11.91
N PRO A 13 0.70 -5.75 12.15
CA PRO A 13 0.07 -6.55 11.07
C PRO A 13 -0.54 -5.67 9.97
N LEU A 14 -0.77 -6.27 8.79
CA LEU A 14 -1.30 -5.54 7.63
C LEU A 14 -2.55 -4.71 7.99
N ALA A 15 -3.45 -5.30 8.76
CA ALA A 15 -4.69 -4.61 9.17
C ALA A 15 -4.39 -3.34 9.99
N GLU A 16 -3.33 -3.37 10.79
CA GLU A 16 -2.97 -2.24 11.66
C GLU A 16 -2.04 -1.24 10.96
N GLN A 17 -1.72 -1.48 9.69
CA GLN A 17 -0.89 -0.55 8.91
C GLN A 17 -1.70 0.70 8.53
N ASP A 18 -1.14 1.88 8.83
CA ASP A 18 -1.82 3.15 8.59
C ASP A 18 -2.08 3.41 7.09
N TRP A 19 -1.23 2.90 6.23
CA TRP A 19 -1.40 3.05 4.78
C TRP A 19 -2.38 2.00 4.20
N TYR A 20 -2.76 1.01 5.02
CA TYR A 20 -3.76 0.01 4.63
C TYR A 20 -5.16 0.42 5.11
N HIS A 21 -6.09 0.67 4.19
CA HIS A 21 -7.43 1.19 4.55
C HIS A 21 -8.51 0.10 4.52
N GLY A 22 -8.15 -1.13 4.16
CA GLY A 22 -9.11 -2.23 4.16
C GLY A 22 -9.78 -2.46 2.81
N ALA A 23 -10.92 -3.15 2.83
CA ALA A 23 -11.67 -3.44 1.60
C ALA A 23 -12.60 -2.27 1.22
N ILE A 24 -12.10 -1.37 0.38
CA ILE A 24 -12.88 -0.20 -0.05
C ILE A 24 -13.07 -0.18 -1.59
N PRO A 25 -14.11 0.51 -2.08
CA PRO A 25 -14.34 0.67 -3.53
C PRO A 25 -13.23 1.49 -4.22
N ARG A 26 -13.09 1.31 -5.52
CA ARG A 26 -12.04 1.96 -6.31
C ARG A 26 -12.15 3.49 -6.24
N ILE A 27 -13.37 4.00 -6.40
CA ILE A 27 -13.61 5.45 -6.42
C ILE A 27 -13.08 6.12 -5.13
N GLU A 28 -13.56 5.67 -3.97
CA GLU A 28 -13.12 6.23 -2.69
C GLU A 28 -11.60 6.14 -2.50
N ALA A 29 -11.00 5.06 -3.02
CA ALA A 29 -9.55 4.85 -2.93
C ALA A 29 -8.77 5.89 -3.73
N GLN A 30 -9.28 6.22 -4.91
CA GLN A 30 -8.60 7.17 -5.80
C GLN A 30 -8.97 8.63 -5.47
N GLU A 31 -10.15 8.85 -4.90
CA GLU A 31 -10.61 10.19 -4.55
C GLU A 31 -9.83 10.80 -3.36
N LEU A 32 -9.29 9.95 -2.50
CA LEU A 32 -8.49 10.43 -1.36
C LEU A 32 -7.06 10.82 -1.81
N LEU A 33 -6.67 10.33 -2.99
CA LEU A 33 -5.36 10.65 -3.58
C LEU A 33 -5.39 12.07 -4.20
N LYS A 34 -4.54 12.97 -3.69
CA LYS A 34 -4.62 14.40 -4.10
C LYS A 34 -3.26 15.01 -4.50
N LYS A 35 -2.16 14.43 -4.02
CA LYS A 35 -0.81 14.91 -4.41
C LYS A 35 0.10 13.73 -4.81
N GLN A 36 0.99 13.97 -5.76
CA GLN A 36 1.89 12.91 -6.28
C GLN A 36 2.66 12.23 -5.13
N GLY A 37 2.35 10.96 -4.90
CA GLY A 37 2.98 10.21 -3.83
C GLY A 37 1.97 9.44 -2.99
N ASP A 38 0.81 10.06 -2.73
CA ASP A 38 -0.23 9.43 -1.91
C ASP A 38 -0.54 8.01 -2.39
N PHE A 39 -0.38 7.04 -1.51
CA PHE A 39 -0.68 5.64 -1.85
C PHE A 39 -1.37 4.91 -0.68
N LEU A 40 -2.20 3.94 -1.03
CA LEU A 40 -2.85 3.09 -0.01
C LEU A 40 -3.04 1.67 -0.54
N VAL A 41 -3.08 0.70 0.39
CA VAL A 41 -3.37 -0.69 0.03
C VAL A 41 -4.81 -1.05 0.43
N ARG A 42 -5.57 -1.57 -0.53
CA ARG A 42 -6.97 -1.94 -0.30
C ARG A 42 -7.26 -3.37 -0.78
N GLU A 43 -8.20 -4.03 -0.11
CA GLU A 43 -8.63 -5.37 -0.50
C GLU A 43 -9.81 -5.29 -1.49
N SER A 44 -9.68 -5.93 -2.64
CA SER A 44 -10.74 -5.91 -3.65
C SER A 44 -11.99 -6.64 -3.18
N HIS A 45 -13.09 -5.91 -3.02
CA HIS A 45 -14.35 -6.53 -2.59
C HIS A 45 -15.03 -7.23 -3.78
N GLY A 46 -14.61 -6.89 -5.00
CA GLY A 46 -15.09 -7.57 -6.20
C GLY A 46 -14.31 -8.85 -6.48
N LYS A 47 -13.04 -8.85 -6.05
CA LYS A 47 -12.18 -10.04 -6.16
C LYS A 47 -11.63 -10.41 -4.76
N PRO A 48 -12.42 -11.14 -3.95
CA PRO A 48 -12.09 -11.44 -2.54
C PRO A 48 -10.68 -12.03 -2.35
N GLY A 49 -9.90 -11.42 -1.44
CA GLY A 49 -8.56 -11.91 -1.13
C GLY A 49 -7.46 -11.25 -1.95
N GLU A 50 -7.84 -10.58 -3.04
CA GLU A 50 -6.87 -9.91 -3.92
C GLU A 50 -6.69 -8.44 -3.52
N TYR A 51 -5.44 -8.01 -3.37
CA TYR A 51 -5.14 -6.64 -2.94
C TYR A 51 -4.67 -5.75 -4.10
N VAL A 52 -5.10 -4.49 -4.08
CA VAL A 52 -4.73 -3.53 -5.12
C VAL A 52 -4.11 -2.25 -4.52
N LEU A 53 -2.95 -1.87 -5.03
CA LEU A 53 -2.29 -0.63 -4.61
C LEU A 53 -2.79 0.57 -5.44
N SER A 54 -3.16 1.65 -4.77
CA SER A 54 -3.64 2.86 -5.45
C SER A 54 -2.79 4.08 -5.07
N VAL A 55 -2.11 4.65 -6.07
CA VAL A 55 -1.16 5.75 -5.84
C VAL A 55 -1.36 6.91 -6.84
N TYR A 56 -1.08 8.13 -6.40
CA TYR A 56 -1.26 9.33 -7.24
C TYR A 56 0.03 9.71 -7.99
N SER A 57 -0.01 9.67 -9.33
CA SER A 57 1.14 10.07 -10.15
C SER A 57 0.70 10.72 -11.47
N ASP A 58 1.41 11.77 -11.89
CA ASP A 58 1.14 12.47 -13.17
C ASP A 58 -0.25 13.15 -13.17
N GLY A 59 -0.79 13.41 -11.99
CA GLY A 59 -2.16 13.94 -11.87
C GLY A 59 -3.22 12.86 -11.97
N GLN A 60 -2.80 11.63 -12.30
CA GLN A 60 -3.72 10.49 -12.41
C GLN A 60 -3.60 9.57 -11.19
N ARG A 61 -4.64 8.78 -10.92
CA ARG A 61 -4.60 7.78 -9.86
C ARG A 61 -4.24 6.40 -10.44
N ARG A 62 -3.00 5.99 -10.24
CA ARG A 62 -2.50 4.72 -10.75
C ARG A 62 -3.00 3.55 -9.89
N HIS A 63 -3.43 2.46 -10.53
CA HIS A 63 -3.89 1.28 -9.81
C HIS A 63 -3.08 0.03 -10.22
N PHE A 64 -2.37 -0.55 -9.27
CA PHE A 64 -1.55 -1.75 -9.51
C PHE A 64 -2.03 -2.93 -8.67
N ILE A 65 -2.42 -4.02 -9.32
CA ILE A 65 -2.90 -5.21 -8.62
C ILE A 65 -1.72 -6.08 -8.13
N ILE A 66 -1.86 -6.62 -6.92
CA ILE A 66 -0.85 -7.52 -6.36
C ILE A 66 -1.16 -8.99 -6.73
N GLN A 67 -0.31 -9.58 -7.57
CA GLN A 67 -0.49 -10.99 -7.98
C GLN A 67 0.22 -11.93 -6.99
N TYR A 68 -0.49 -12.96 -6.55
CA TYR A 68 0.10 -14.00 -5.71
C TYR A 68 0.77 -15.09 -6.57
N VAL A 69 2.09 -14.98 -6.74
CA VAL A 69 2.84 -15.91 -7.59
C VAL A 69 4.07 -16.47 -6.86
N ASP A 70 4.33 -17.78 -7.02
CA ASP A 70 5.47 -18.45 -6.36
C ASP A 70 5.40 -18.30 -4.84
N ASN A 71 4.17 -18.29 -4.30
CA ASN A 71 3.94 -18.11 -2.85
C ASN A 71 4.36 -16.71 -2.38
N MET A 72 4.52 -15.78 -3.32
CA MET A 72 4.93 -14.40 -3.00
C MET A 72 3.94 -13.38 -3.57
N TYR A 73 3.89 -12.21 -2.94
CA TYR A 73 3.06 -11.10 -3.42
C TYR A 73 3.89 -10.10 -4.25
N ARG A 74 3.45 -9.84 -5.48
CA ARG A 74 4.21 -9.02 -6.42
C ARG A 74 3.31 -8.12 -7.30
N PHE A 75 3.94 -7.19 -8.03
CA PHE A 75 3.20 -6.28 -8.93
C PHE A 75 3.53 -6.57 -10.41
N GLU A 76 4.82 -6.48 -10.76
CA GLU A 76 5.26 -6.67 -12.15
C GLU A 76 6.33 -7.77 -12.26
N GLY A 77 7.34 -7.69 -11.41
CA GLY A 77 8.42 -8.67 -11.43
C GLY A 77 8.45 -9.55 -10.18
N THR A 78 9.44 -9.32 -9.31
CA THR A 78 9.58 -10.08 -8.06
C THR A 78 8.72 -9.48 -6.93
N GLY A 79 8.68 -10.18 -5.79
CA GLY A 79 7.88 -9.71 -4.66
C GLY A 79 8.32 -10.32 -3.33
N PHE A 80 7.50 -10.12 -2.29
CA PHE A 80 7.81 -10.60 -0.94
C PHE A 80 6.72 -11.54 -0.41
N SER A 81 7.10 -12.41 0.54
CA SER A 81 6.16 -13.39 1.11
C SER A 81 4.97 -12.73 1.83
N ASN A 82 5.16 -11.49 2.29
CA ASN A 82 4.09 -10.76 2.98
C ASN A 82 3.85 -9.38 2.37
N ILE A 83 2.58 -8.97 2.33
CA ILE A 83 2.17 -7.68 1.74
C ILE A 83 2.81 -6.48 2.48
N PRO A 84 2.74 -6.42 3.84
CA PRO A 84 3.38 -5.34 4.60
C PRO A 84 4.87 -5.19 4.27
N GLN A 85 5.57 -6.32 4.14
CA GLN A 85 7.00 -6.32 3.81
C GLN A 85 7.23 -5.84 2.36
N LEU A 86 6.36 -6.27 1.45
CA LEU A 86 6.42 -5.83 0.05
C LEU A 86 6.35 -4.30 -0.06
N ILE A 87 5.28 -3.71 0.48
CA ILE A 87 5.06 -2.26 0.43
C ILE A 87 6.14 -1.49 1.23
N ASP A 88 6.36 -1.89 2.48
CA ASP A 88 7.35 -1.24 3.35
C ASP A 88 8.74 -1.23 2.70
N HIS A 89 9.19 -2.37 2.18
CA HIS A 89 10.51 -2.47 1.55
C HIS A 89 10.66 -1.49 0.38
N HIS A 90 9.62 -1.35 -0.43
CA HIS A 90 9.65 -0.38 -1.55
C HIS A 90 9.73 1.07 -1.03
N TYR A 91 8.99 1.37 0.05
CA TYR A 91 9.02 2.71 0.64
C TYR A 91 10.40 3.04 1.23
N THR A 92 10.94 2.10 2.01
CA THR A 92 12.26 2.29 2.65
C THR A 92 13.38 2.46 1.62
N THR A 93 13.47 1.53 0.67
CA THR A 93 14.45 1.62 -0.41
C THR A 93 14.11 2.75 -1.40
N LYS A 94 12.88 3.25 -1.32
CA LYS A 94 12.38 4.33 -2.19
C LYS A 94 12.39 3.89 -3.66
N GLN A 95 12.27 2.58 -3.87
CA GLN A 95 12.33 1.99 -5.22
C GLN A 95 10.92 1.87 -5.83
N VAL A 96 10.82 2.09 -7.14
CA VAL A 96 9.54 2.15 -7.84
C VAL A 96 8.74 0.84 -7.77
N ILE A 97 7.42 0.96 -7.90
CA ILE A 97 6.52 -0.21 -7.92
C ILE A 97 6.64 -0.97 -9.25
N THR A 98 6.25 -0.31 -10.35
CA THR A 98 6.39 -0.90 -11.69
C THR A 98 7.29 -0.03 -12.58
N LYS A 99 8.35 -0.63 -13.12
CA LYS A 99 9.29 0.07 -14.01
C LYS A 99 8.58 0.73 -15.19
N LYS A 100 7.47 0.13 -15.62
CA LYS A 100 6.71 0.59 -16.78
C LYS A 100 6.10 2.00 -16.55
N SER A 101 5.65 2.26 -15.33
CA SER A 101 5.02 3.57 -15.01
C SER A 101 5.94 4.49 -14.20
N GLY A 102 6.97 3.91 -13.57
CA GLY A 102 7.94 4.69 -12.79
C GLY A 102 7.31 5.43 -11.61
N VAL A 103 6.61 4.70 -10.75
CA VAL A 103 5.95 5.30 -9.58
C VAL A 103 6.67 4.96 -8.27
N VAL A 104 6.99 5.98 -7.47
CA VAL A 104 7.69 5.79 -6.18
C VAL A 104 6.71 5.95 -5.00
N LEU A 105 7.04 5.33 -3.86
CA LEU A 105 6.20 5.43 -2.65
C LEU A 105 6.69 6.55 -1.72
N LEU A 106 5.89 7.61 -1.58
CA LEU A 106 6.20 8.72 -0.67
C LEU A 106 4.91 9.26 -0.02
N ASN A 107 5.06 9.91 1.15
CA ASN A 107 3.94 10.48 1.93
C ASN A 107 2.64 9.63 1.88
N PRO A 108 2.58 8.56 2.69
CA PRO A 108 1.40 7.67 2.74
C PRO A 108 0.19 8.32 3.44
N ILE A 109 -1.01 7.84 3.12
CA ILE A 109 -2.24 8.35 3.75
C ILE A 109 -2.64 7.46 4.94
N PRO A 110 -2.55 8.00 6.18
CA PRO A 110 -2.88 7.24 7.41
C PRO A 110 -4.39 6.91 7.54
N LYS A 111 -4.71 5.96 8.42
CA LYS A 111 -6.10 5.55 8.65
C LYS A 111 -6.37 5.28 10.14
N ASP A 112 -7.61 4.96 10.46
CA ASP A 112 -7.99 4.52 11.80
C ASP A 112 -9.22 3.60 11.74
N LYS A 113 -9.38 2.72 12.72
CA LYS A 113 -10.42 1.67 12.66
C LYS A 113 -11.67 2.00 13.51
N LYS A 114 -11.87 3.27 13.83
CA LYS A 114 -13.11 3.73 14.48
C LYS A 114 -13.75 4.86 13.67
N TRP A 115 -15.01 5.16 13.93
CA TRP A 115 -15.70 6.26 13.25
C TRP A 115 -15.34 7.61 13.88
N ILE A 116 -14.08 8.02 13.69
CA ILE A 116 -13.57 9.29 14.27
C ILE A 116 -13.36 10.35 13.17
N MET A 1 6.81 0.20 38.13
CA MET A 1 8.03 0.62 38.91
C MET A 1 9.32 0.10 38.27
N GLY A 2 9.32 -1.15 37.82
CA GLY A 2 10.54 -1.78 37.31
C GLY A 2 10.80 -1.49 35.83
N HIS A 3 11.03 -2.55 35.05
CA HIS A 3 11.40 -2.41 33.62
C HIS A 3 10.26 -2.89 32.71
N HIS A 4 9.92 -2.07 31.71
CA HIS A 4 8.83 -2.39 30.79
C HIS A 4 9.35 -2.94 29.45
N HIS A 5 8.50 -3.71 28.76
CA HIS A 5 8.82 -4.20 27.42
C HIS A 5 8.25 -3.26 26.34
N HIS A 6 7.83 -2.06 26.76
CA HIS A 6 7.18 -1.09 25.87
C HIS A 6 8.16 -0.49 24.84
N HIS A 7 8.05 -0.95 23.59
CA HIS A 7 8.84 -0.38 22.48
C HIS A 7 8.22 -0.78 21.13
N HIS A 8 8.33 0.09 20.13
CA HIS A 8 7.68 -0.12 18.83
C HIS A 8 8.52 -1.01 17.88
N SER A 9 9.73 -1.36 18.31
CA SER A 9 10.64 -2.18 17.48
C SER A 9 10.09 -3.61 17.26
N HIS A 10 9.21 -3.75 16.26
CA HIS A 10 8.62 -5.04 15.90
C HIS A 10 7.67 -4.89 14.70
N MET A 11 7.66 -5.89 13.81
CA MET A 11 6.83 -5.85 12.60
C MET A 11 5.32 -5.80 12.93
N LYS A 12 4.58 -4.99 12.16
CA LYS A 12 3.12 -4.90 12.28
C LYS A 12 2.42 -5.62 11.12
N PRO A 13 1.31 -6.34 11.39
CA PRO A 13 0.53 -7.03 10.34
C PRO A 13 -0.15 -6.05 9.36
N LEU A 14 -0.78 -6.60 8.33
CA LEU A 14 -1.42 -5.78 7.29
C LEU A 14 -2.51 -4.87 7.88
N ALA A 15 -3.33 -5.42 8.78
CA ALA A 15 -4.43 -4.66 9.40
C ALA A 15 -3.95 -3.48 10.27
N GLU A 16 -2.66 -3.48 10.62
CA GLU A 16 -2.06 -2.39 11.41
C GLU A 16 -1.46 -1.29 10.50
N GLN A 17 -1.25 -1.63 9.23
CA GLN A 17 -0.64 -0.71 8.28
C GLN A 17 -1.57 0.47 7.94
N ASP A 18 -1.11 1.69 8.17
CA ASP A 18 -1.90 2.89 7.92
C ASP A 18 -2.27 3.08 6.44
N TRP A 19 -1.38 2.65 5.55
CA TRP A 19 -1.66 2.74 4.10
C TRP A 19 -2.66 1.68 3.64
N TYR A 20 -3.03 0.75 4.53
CA TYR A 20 -4.03 -0.28 4.22
C TYR A 20 -5.43 0.15 4.70
N HIS A 21 -6.37 0.31 3.77
CA HIS A 21 -7.72 0.78 4.10
C HIS A 21 -8.77 -0.34 4.03
N GLY A 22 -8.36 -1.55 3.66
CA GLY A 22 -9.28 -2.68 3.57
C GLY A 22 -9.76 -2.96 2.15
N ALA A 23 -11.02 -3.38 2.01
CA ALA A 23 -11.59 -3.69 0.68
C ALA A 23 -12.50 -2.56 0.18
N ILE A 24 -12.04 -1.32 0.35
CA ILE A 24 -12.83 -0.14 0.01
C ILE A 24 -13.06 0.01 -1.51
N PRO A 25 -14.10 0.77 -1.92
CA PRO A 25 -14.39 1.04 -3.33
C PRO A 25 -13.38 2.00 -3.98
N ARG A 26 -13.33 1.98 -5.33
CA ARG A 26 -12.40 2.82 -6.07
C ARG A 26 -12.62 4.32 -5.75
N ILE A 27 -13.86 4.68 -5.43
CA ILE A 27 -14.19 6.07 -5.06
C ILE A 27 -13.35 6.55 -3.86
N GLU A 28 -13.45 5.85 -2.73
CA GLU A 28 -12.69 6.23 -1.53
C GLU A 28 -11.18 6.18 -1.78
N ALA A 29 -10.76 5.28 -2.68
CA ALA A 29 -9.35 5.14 -3.02
C ALA A 29 -8.80 6.38 -3.74
N GLN A 30 -9.53 6.86 -4.76
CA GLN A 30 -9.06 8.00 -5.56
C GLN A 30 -9.34 9.36 -4.90
N GLU A 31 -10.44 9.47 -4.16
CA GLU A 31 -10.83 10.74 -3.53
C GLU A 31 -9.78 11.23 -2.52
N LEU A 32 -9.16 10.30 -1.79
CA LEU A 32 -8.13 10.66 -0.81
C LEU A 32 -6.79 11.01 -1.50
N LEU A 33 -6.65 10.56 -2.75
CA LEU A 33 -5.46 10.87 -3.56
C LEU A 33 -5.58 12.28 -4.15
N LYS A 34 -4.78 13.22 -3.66
CA LYS A 34 -4.89 14.62 -4.11
C LYS A 34 -3.55 15.38 -4.12
N LYS A 35 -2.45 14.66 -3.91
CA LYS A 35 -1.10 15.25 -4.09
C LYS A 35 -0.14 14.19 -4.65
N GLN A 36 0.79 14.60 -5.50
CA GLN A 36 1.71 13.65 -6.15
C GLN A 36 2.46 12.80 -5.12
N GLY A 37 2.13 11.51 -5.09
CA GLY A 37 2.78 10.59 -4.17
C GLY A 37 1.81 9.71 -3.40
N ASP A 38 0.64 10.28 -3.03
CA ASP A 38 -0.35 9.58 -2.20
C ASP A 38 -0.62 8.16 -2.70
N PHE A 39 -0.45 7.17 -1.83
CA PHE A 39 -0.74 5.78 -2.19
C PHE A 39 -1.45 5.03 -1.05
N LEU A 40 -2.28 4.05 -1.43
CA LEU A 40 -2.90 3.15 -0.46
C LEU A 40 -3.08 1.75 -1.05
N VAL A 41 -2.97 0.73 -0.20
CA VAL A 41 -3.20 -0.65 -0.63
C VAL A 41 -4.56 -1.15 -0.12
N ARG A 42 -5.37 -1.67 -1.03
CA ARG A 42 -6.69 -2.18 -0.69
C ARG A 42 -6.96 -3.50 -1.43
N GLU A 43 -7.90 -4.30 -0.93
CA GLU A 43 -8.36 -5.47 -1.69
C GLU A 43 -9.39 -5.02 -2.73
N SER A 44 -9.40 -5.64 -3.90
CA SER A 44 -10.44 -5.34 -4.89
C SER A 44 -11.82 -5.73 -4.31
N HIS A 45 -12.71 -4.76 -4.21
CA HIS A 45 -14.00 -4.95 -3.52
C HIS A 45 -14.70 -6.26 -3.92
N GLY A 46 -14.56 -7.28 -3.09
CA GLY A 46 -15.18 -8.58 -3.35
C GLY A 46 -14.30 -9.52 -4.17
N LYS A 47 -12.98 -9.39 -4.01
CA LYS A 47 -12.02 -10.21 -4.77
C LYS A 47 -10.99 -10.85 -3.81
N PRO A 48 -11.38 -11.95 -3.14
CA PRO A 48 -10.53 -12.59 -2.11
C PRO A 48 -9.11 -12.94 -2.60
N GLY A 49 -8.11 -12.34 -1.96
CA GLY A 49 -6.72 -12.67 -2.26
C GLY A 49 -6.16 -11.93 -3.46
N GLU A 50 -6.75 -10.79 -3.82
CA GLU A 50 -6.22 -9.94 -4.89
C GLU A 50 -6.33 -8.45 -4.52
N TYR A 51 -5.20 -7.84 -4.17
CA TYR A 51 -5.16 -6.46 -3.71
C TYR A 51 -4.74 -5.49 -4.83
N VAL A 52 -5.36 -4.32 -4.85
CA VAL A 52 -5.04 -3.28 -5.83
C VAL A 52 -4.43 -2.04 -5.16
N LEU A 53 -3.24 -1.64 -5.60
CA LEU A 53 -2.58 -0.43 -5.13
C LEU A 53 -3.04 0.78 -5.94
N SER A 54 -3.43 1.86 -5.26
CA SER A 54 -3.87 3.08 -5.93
C SER A 54 -3.03 4.28 -5.50
N VAL A 55 -2.40 4.95 -6.46
CA VAL A 55 -1.43 6.03 -6.17
C VAL A 55 -1.64 7.25 -7.09
N TYR A 56 -1.33 8.43 -6.56
CA TYR A 56 -1.55 9.70 -7.29
C TYR A 56 -0.26 10.16 -8.00
N SER A 57 -0.26 10.13 -9.33
CA SER A 57 0.93 10.51 -10.12
C SER A 57 0.59 11.58 -11.17
N ASP A 58 1.23 12.74 -11.04
CA ASP A 58 1.09 13.85 -12.01
C ASP A 58 -0.36 14.38 -12.14
N GLY A 59 -1.24 13.94 -11.26
CA GLY A 59 -2.65 14.32 -11.34
C GLY A 59 -3.58 13.13 -11.60
N GLN A 60 -3.01 12.06 -12.15
CA GLN A 60 -3.77 10.85 -12.49
C GLN A 60 -3.65 9.79 -11.39
N ARG A 61 -4.75 9.10 -11.07
CA ARG A 61 -4.69 8.05 -10.04
C ARG A 61 -4.42 6.67 -10.67
N ARG A 62 -3.19 6.19 -10.52
CA ARG A 62 -2.75 4.92 -11.10
C ARG A 62 -3.21 3.74 -10.23
N HIS A 63 -3.41 2.58 -10.86
CA HIS A 63 -3.88 1.38 -10.16
C HIS A 63 -3.09 0.14 -10.59
N PHE A 64 -2.40 -0.48 -9.65
CA PHE A 64 -1.60 -1.69 -9.93
C PHE A 64 -2.14 -2.89 -9.12
N ILE A 65 -2.20 -4.06 -9.75
CA ILE A 65 -2.75 -5.27 -9.12
C ILE A 65 -1.63 -6.19 -8.59
N ILE A 66 -1.83 -6.72 -7.38
CA ILE A 66 -0.87 -7.65 -6.78
C ILE A 66 -1.16 -9.11 -7.15
N GLN A 67 -0.22 -9.76 -7.83
CA GLN A 67 -0.37 -11.18 -8.16
C GLN A 67 0.24 -12.08 -7.07
N TYR A 68 -0.51 -13.11 -6.67
CA TYR A 68 -0.06 -14.03 -5.63
C TYR A 68 0.70 -15.21 -6.25
N VAL A 69 2.03 -15.13 -6.26
CA VAL A 69 2.88 -16.15 -6.89
C VAL A 69 3.96 -16.64 -5.92
N ASP A 70 4.24 -17.96 -5.92
CA ASP A 70 5.15 -18.57 -4.95
C ASP A 70 4.64 -18.38 -3.51
N ASN A 71 3.31 -18.22 -3.38
CA ASN A 71 2.68 -17.88 -2.09
C ASN A 71 3.16 -16.51 -1.57
N MET A 72 3.69 -15.70 -2.49
CA MET A 72 4.20 -14.35 -2.15
C MET A 72 3.49 -13.28 -2.99
N TYR A 73 3.38 -12.07 -2.43
CA TYR A 73 2.72 -10.96 -3.11
C TYR A 73 3.71 -10.15 -3.95
N ARG A 74 3.37 -9.88 -5.21
CA ARG A 74 4.28 -9.16 -6.11
C ARG A 74 3.53 -8.32 -7.15
N PHE A 75 4.16 -7.21 -7.58
CA PHE A 75 3.63 -6.38 -8.67
C PHE A 75 4.35 -6.67 -10.00
N GLU A 76 5.57 -6.14 -10.12
CA GLU A 76 6.38 -6.30 -11.34
C GLU A 76 7.11 -7.65 -11.36
N GLY A 77 7.60 -8.06 -10.20
CA GLY A 77 8.36 -9.31 -10.08
C GLY A 77 8.92 -9.52 -8.69
N THR A 78 9.41 -8.43 -8.09
CA THR A 78 9.87 -8.45 -6.70
C THR A 78 8.73 -8.82 -5.75
N GLY A 79 8.82 -9.97 -5.09
CA GLY A 79 7.71 -10.45 -4.27
C GLY A 79 8.11 -10.79 -2.83
N PHE A 80 7.21 -10.50 -1.89
CA PHE A 80 7.42 -10.81 -0.47
C PHE A 80 6.23 -11.60 0.09
N SER A 81 6.48 -12.47 1.06
CA SER A 81 5.41 -13.32 1.65
C SER A 81 4.46 -12.49 2.53
N ASN A 82 4.81 -11.22 2.77
CA ASN A 82 3.95 -10.31 3.54
C ASN A 82 3.74 -8.98 2.80
N ILE A 83 2.48 -8.61 2.59
CA ILE A 83 2.15 -7.33 1.95
C ILE A 83 2.82 -6.13 2.67
N PRO A 84 2.75 -6.05 4.02
CA PRO A 84 3.45 -4.99 4.77
C PRO A 84 4.94 -4.90 4.42
N GLN A 85 5.59 -6.05 4.25
CA GLN A 85 7.02 -6.09 3.89
C GLN A 85 7.26 -5.70 2.42
N LEU A 86 6.35 -6.09 1.54
CA LEU A 86 6.42 -5.69 0.12
C LEU A 86 6.46 -4.16 0.00
N ILE A 87 5.49 -3.50 0.63
CA ILE A 87 5.41 -2.03 0.62
C ILE A 87 6.56 -1.41 1.43
N ASP A 88 6.79 -1.92 2.64
CA ASP A 88 7.88 -1.44 3.51
C ASP A 88 9.23 -1.44 2.78
N HIS A 89 9.58 -2.56 2.16
CA HIS A 89 10.85 -2.69 1.45
C HIS A 89 10.97 -1.66 0.32
N HIS A 90 9.90 -1.48 -0.46
CA HIS A 90 9.90 -0.49 -1.55
C HIS A 90 9.97 0.95 -1.00
N TYR A 91 9.16 1.25 0.01
CA TYR A 91 9.11 2.60 0.59
C TYR A 91 10.46 3.00 1.21
N THR A 92 11.06 2.10 1.99
CA THR A 92 12.36 2.36 2.62
C THR A 92 13.46 2.58 1.57
N THR A 93 13.59 1.62 0.65
CA THR A 93 14.56 1.75 -0.45
C THR A 93 14.18 2.86 -1.43
N LYS A 94 12.93 3.30 -1.38
CA LYS A 94 12.39 4.32 -2.29
C LYS A 94 12.41 3.81 -3.75
N GLN A 95 12.35 2.48 -3.89
CA GLN A 95 12.37 1.83 -5.21
C GLN A 95 10.95 1.74 -5.78
N VAL A 96 10.82 1.85 -7.11
CA VAL A 96 9.51 1.91 -7.76
C VAL A 96 8.73 0.59 -7.67
N ILE A 97 7.41 0.69 -7.83
CA ILE A 97 6.52 -0.49 -7.83
C ILE A 97 6.67 -1.31 -9.12
N THR A 98 6.28 -0.72 -10.24
CA THR A 98 6.40 -1.36 -11.56
C THR A 98 7.37 -0.59 -12.47
N LYS A 99 8.30 -1.31 -13.08
CA LYS A 99 9.29 -0.70 -13.97
C LYS A 99 8.66 -0.23 -15.29
N LYS A 100 7.51 -0.82 -15.64
CA LYS A 100 6.72 -0.38 -16.80
C LYS A 100 6.07 1.00 -16.57
N SER A 101 6.05 1.44 -15.31
CA SER A 101 5.42 2.72 -14.95
C SER A 101 6.45 3.71 -14.38
N GLY A 102 7.16 3.30 -13.33
CA GLY A 102 8.15 4.17 -12.68
C GLY A 102 7.58 4.96 -11.51
N VAL A 103 6.59 4.38 -10.82
CA VAL A 103 5.95 5.06 -9.69
C VAL A 103 6.64 4.73 -8.35
N VAL A 104 7.05 5.78 -7.63
CA VAL A 104 7.71 5.63 -6.32
C VAL A 104 6.72 5.82 -5.16
N LEU A 105 6.98 5.15 -4.04
CA LEU A 105 6.09 5.23 -2.87
C LEU A 105 6.46 6.40 -1.93
N LEU A 106 5.56 7.39 -1.84
CA LEU A 106 5.66 8.45 -0.84
C LEU A 106 4.26 8.84 -0.33
N ASN A 107 4.20 9.60 0.75
CA ASN A 107 2.93 10.01 1.37
C ASN A 107 2.02 8.79 1.68
N PRO A 108 2.34 7.99 2.71
CA PRO A 108 1.47 6.88 3.15
C PRO A 108 0.19 7.39 3.84
N ILE A 109 -0.89 7.48 3.08
CA ILE A 109 -2.16 8.06 3.58
C ILE A 109 -2.83 7.14 4.63
N PRO A 110 -2.89 7.60 5.90
CA PRO A 110 -3.45 6.81 7.02
C PRO A 110 -4.90 6.34 6.80
N LYS A 111 -5.25 5.23 7.43
CA LYS A 111 -6.58 4.64 7.30
C LYS A 111 -7.60 5.22 8.30
N ASP A 112 -8.88 5.02 8.00
CA ASP A 112 -9.98 5.46 8.86
C ASP A 112 -10.61 4.26 9.61
N LYS A 113 -11.39 4.54 10.66
CA LYS A 113 -12.02 3.48 11.46
C LYS A 113 -13.25 2.92 10.72
N LYS A 114 -13.03 2.27 9.59
CA LYS A 114 -14.12 1.78 8.75
C LYS A 114 -14.64 0.40 9.23
N TRP A 115 -15.73 0.42 10.00
CA TRP A 115 -16.45 -0.80 10.36
C TRP A 115 -17.76 -0.92 9.56
N ILE A 116 -17.89 -0.07 8.54
CA ILE A 116 -19.10 0.00 7.72
C ILE A 116 -18.80 -0.24 6.22
N MET A 1 -3.06 -1.79 23.85
CA MET A 1 -2.81 -3.08 24.57
C MET A 1 -2.37 -2.85 26.02
N GLY A 2 -3.34 -2.57 26.90
CA GLY A 2 -3.06 -2.38 28.33
C GLY A 2 -1.96 -1.37 28.62
N HIS A 3 -1.84 -0.35 27.77
CA HIS A 3 -0.80 0.70 27.89
C HIS A 3 0.61 0.14 28.15
N HIS A 4 0.84 -1.12 27.76
CA HIS A 4 2.17 -1.73 27.88
C HIS A 4 3.12 -1.22 26.80
N HIS A 5 4.21 -0.59 27.23
CA HIS A 5 5.18 0.03 26.32
C HIS A 5 6.21 -1.00 25.81
N HIS A 6 6.51 -0.96 24.51
CA HIS A 6 7.48 -1.91 23.91
C HIS A 6 8.43 -1.21 22.93
N HIS A 7 9.55 -1.90 22.62
CA HIS A 7 10.52 -1.39 21.64
C HIS A 7 9.89 -1.24 20.25
N HIS A 8 10.32 -0.22 19.50
CA HIS A 8 9.70 0.14 18.22
C HIS A 8 9.81 -0.97 17.14
N SER A 9 10.91 -1.72 17.14
CA SER A 9 11.17 -2.71 16.08
C SER A 9 10.30 -3.96 16.21
N HIS A 10 9.26 -4.05 15.36
CA HIS A 10 8.43 -5.25 15.23
C HIS A 10 7.39 -5.08 14.11
N MET A 11 7.62 -5.74 12.98
CA MET A 11 6.79 -5.59 11.77
C MET A 11 5.30 -5.85 12.05
N LYS A 12 4.45 -4.88 11.68
CA LYS A 12 3.00 -5.00 11.89
C LYS A 12 2.33 -5.84 10.79
N PRO A 13 1.29 -6.62 11.16
CA PRO A 13 0.49 -7.36 10.18
C PRO A 13 -0.26 -6.43 9.21
N LEU A 14 -0.66 -6.96 8.05
CA LEU A 14 -1.31 -6.16 7.01
C LEU A 14 -2.50 -5.34 7.54
N ALA A 15 -3.34 -5.97 8.35
CA ALA A 15 -4.54 -5.32 8.88
C ALA A 15 -4.21 -4.09 9.77
N GLU A 16 -3.00 -4.06 10.32
CA GLU A 16 -2.56 -2.95 11.18
C GLU A 16 -1.95 -1.80 10.36
N GLN A 17 -1.41 -2.12 9.18
CA GLN A 17 -0.76 -1.14 8.31
C GLN A 17 -1.73 0.02 7.95
N ASP A 18 -1.33 1.25 8.28
CA ASP A 18 -2.19 2.42 8.10
C ASP A 18 -2.57 2.68 6.64
N TRP A 19 -1.70 2.30 5.70
CA TRP A 19 -2.00 2.48 4.27
C TRP A 19 -3.01 1.44 3.76
N TYR A 20 -3.30 0.42 4.56
CA TYR A 20 -4.33 -0.57 4.22
C TYR A 20 -5.70 -0.11 4.74
N HIS A 21 -6.58 0.29 3.84
CA HIS A 21 -7.89 0.83 4.23
C HIS A 21 -9.02 -0.22 4.11
N GLY A 22 -8.66 -1.50 4.17
CA GLY A 22 -9.65 -2.56 4.02
C GLY A 22 -10.15 -2.71 2.60
N ALA A 23 -11.43 -3.02 2.44
CA ALA A 23 -12.02 -3.20 1.11
C ALA A 23 -12.96 -2.04 0.74
N ILE A 24 -12.38 -0.86 0.49
CA ILE A 24 -13.17 0.32 0.07
C ILE A 24 -13.25 0.41 -1.46
N PRO A 25 -14.34 1.00 -2.01
CA PRO A 25 -14.50 1.19 -3.48
C PRO A 25 -13.38 2.07 -4.09
N ARG A 26 -13.19 1.93 -5.42
CA ARG A 26 -12.17 2.71 -6.13
C ARG A 26 -12.38 4.22 -5.93
N ILE A 27 -13.64 4.66 -5.96
CA ILE A 27 -13.99 6.06 -5.74
C ILE A 27 -13.39 6.59 -4.42
N GLU A 28 -13.70 5.91 -3.31
CA GLU A 28 -13.20 6.29 -2.00
C GLU A 28 -11.66 6.33 -1.96
N ALA A 29 -11.02 5.47 -2.77
CA ALA A 29 -9.57 5.46 -2.89
C ALA A 29 -9.04 6.71 -3.61
N GLN A 30 -9.62 7.04 -4.77
CA GLN A 30 -9.16 8.17 -5.58
C GLN A 30 -9.47 9.53 -4.93
N GLU A 31 -10.59 9.61 -4.20
CA GLU A 31 -11.03 10.86 -3.59
C GLU A 31 -10.03 11.38 -2.53
N LEU A 32 -9.23 10.48 -1.96
CA LEU A 32 -8.20 10.89 -1.00
C LEU A 32 -6.84 11.13 -1.70
N LEU A 33 -6.71 10.62 -2.93
CA LEU A 33 -5.51 10.85 -3.75
C LEU A 33 -5.62 12.16 -4.54
N LYS A 34 -4.83 13.17 -4.18
CA LYS A 34 -4.94 14.47 -4.87
C LYS A 34 -3.59 15.21 -5.02
N LYS A 35 -2.55 14.71 -4.36
CA LYS A 35 -1.19 15.24 -4.56
C LYS A 35 -0.20 14.10 -4.83
N GLN A 36 0.91 14.41 -5.51
CA GLN A 36 1.89 13.38 -5.88
C GLN A 36 2.47 12.69 -4.65
N GLY A 37 2.09 11.43 -4.44
CA GLY A 37 2.61 10.67 -3.31
C GLY A 37 1.56 9.88 -2.56
N ASP A 38 0.34 10.43 -2.48
CA ASP A 38 -0.76 9.75 -1.77
C ASP A 38 -0.96 8.32 -2.29
N PHE A 39 -0.92 7.33 -1.41
CA PHE A 39 -1.19 5.95 -1.84
C PHE A 39 -1.86 5.11 -0.72
N LEU A 40 -2.65 4.13 -1.15
CA LEU A 40 -3.31 3.20 -0.23
C LEU A 40 -3.50 1.81 -0.88
N VAL A 41 -3.57 0.79 -0.04
CA VAL A 41 -3.89 -0.57 -0.51
C VAL A 41 -5.30 -0.98 -0.05
N ARG A 42 -6.11 -1.44 -0.99
CA ARG A 42 -7.47 -1.91 -0.67
C ARG A 42 -7.66 -3.37 -1.11
N GLU A 43 -8.74 -4.01 -0.66
CA GLU A 43 -9.06 -5.37 -1.12
C GLU A 43 -10.33 -5.35 -2.00
N SER A 44 -10.38 -6.26 -2.97
CA SER A 44 -11.48 -6.29 -3.95
C SER A 44 -12.75 -6.94 -3.39
N HIS A 45 -13.90 -6.32 -3.62
CA HIS A 45 -15.20 -6.91 -3.24
C HIS A 45 -15.57 -8.05 -4.19
N GLY A 46 -15.28 -7.88 -5.47
CA GLY A 46 -15.57 -8.90 -6.46
C GLY A 46 -14.66 -10.11 -6.36
N LYS A 47 -13.39 -9.88 -6.03
CA LYS A 47 -12.40 -10.95 -5.90
C LYS A 47 -11.73 -10.93 -4.51
N PRO A 48 -12.25 -11.71 -3.55
CA PRO A 48 -11.67 -11.79 -2.20
C PRO A 48 -10.20 -12.24 -2.21
N GLY A 49 -9.32 -11.45 -1.59
CA GLY A 49 -7.89 -11.74 -1.62
C GLY A 49 -7.14 -10.95 -2.69
N GLU A 50 -7.88 -10.27 -3.57
CA GLU A 50 -7.28 -9.42 -4.60
C GLU A 50 -7.06 -7.99 -4.07
N TYR A 51 -5.81 -7.65 -3.77
CA TYR A 51 -5.48 -6.35 -3.20
C TYR A 51 -5.08 -5.35 -4.29
N VAL A 52 -5.78 -4.22 -4.35
CA VAL A 52 -5.53 -3.19 -5.35
C VAL A 52 -4.84 -1.94 -4.75
N LEU A 53 -3.65 -1.63 -5.25
CA LEU A 53 -2.90 -0.45 -4.83
C LEU A 53 -3.33 0.78 -5.66
N SER A 54 -3.50 1.92 -5.00
CA SER A 54 -3.87 3.16 -5.68
C SER A 54 -2.99 4.33 -5.21
N VAL A 55 -2.17 4.85 -6.11
CA VAL A 55 -1.25 5.95 -5.80
C VAL A 55 -1.38 7.11 -6.80
N TYR A 56 -1.32 8.34 -6.30
CA TYR A 56 -1.41 9.52 -7.16
C TYR A 56 -0.03 9.86 -7.75
N SER A 57 0.14 9.53 -9.02
CA SER A 57 1.42 9.76 -9.71
C SER A 57 1.18 10.21 -11.16
N ASP A 58 2.03 11.14 -11.64
CA ASP A 58 1.92 11.65 -13.01
C ASP A 58 0.65 12.51 -13.21
N GLY A 59 -0.03 12.82 -12.11
CA GLY A 59 -1.31 13.55 -12.19
C GLY A 59 -2.51 12.62 -12.25
N GLN A 60 -2.25 11.33 -12.39
CA GLN A 60 -3.30 10.32 -12.52
C GLN A 60 -3.30 9.36 -11.32
N ARG A 61 -4.43 8.70 -11.08
CA ARG A 61 -4.48 7.65 -10.06
C ARG A 61 -3.96 6.32 -10.62
N ARG A 62 -2.74 5.97 -10.26
CA ARG A 62 -2.13 4.72 -10.70
C ARG A 62 -2.68 3.54 -9.89
N HIS A 63 -3.25 2.55 -10.57
CA HIS A 63 -3.82 1.36 -9.90
C HIS A 63 -3.03 0.10 -10.25
N PHE A 64 -2.44 -0.53 -9.24
CA PHE A 64 -1.66 -1.76 -9.42
C PHE A 64 -2.20 -2.89 -8.53
N ILE A 65 -2.64 -3.99 -9.14
CA ILE A 65 -3.11 -5.16 -8.39
C ILE A 65 -1.93 -6.01 -7.87
N ILE A 66 -2.05 -6.52 -6.65
CA ILE A 66 -1.02 -7.38 -6.06
C ILE A 66 -1.25 -8.85 -6.43
N GLN A 67 -0.38 -9.41 -7.27
CA GLN A 67 -0.50 -10.82 -7.65
C GLN A 67 0.25 -11.73 -6.66
N TYR A 68 -0.49 -12.63 -6.00
CA TYR A 68 0.12 -13.61 -5.10
C TYR A 68 0.63 -14.82 -5.91
N VAL A 69 1.93 -14.80 -6.21
CA VAL A 69 2.56 -15.83 -7.04
C VAL A 69 3.82 -16.39 -6.36
N ASP A 70 4.08 -17.70 -6.52
CA ASP A 70 5.22 -18.36 -5.88
C ASP A 70 5.20 -18.17 -4.35
N ASN A 71 3.99 -18.05 -3.79
CA ASN A 71 3.78 -17.81 -2.35
C ASN A 71 4.37 -16.46 -1.89
N MET A 72 4.50 -15.52 -2.83
CA MET A 72 4.93 -14.15 -2.52
C MET A 72 4.02 -13.11 -3.19
N TYR A 73 3.92 -11.93 -2.57
CA TYR A 73 3.14 -10.83 -3.12
C TYR A 73 4.02 -9.92 -3.99
N ARG A 74 3.59 -9.67 -5.23
CA ARG A 74 4.36 -8.80 -6.14
C ARG A 74 3.46 -8.17 -7.22
N PHE A 75 3.88 -7.01 -7.72
CA PHE A 75 3.16 -6.31 -8.79
C PHE A 75 3.74 -6.63 -10.18
N GLU A 76 5.03 -6.94 -10.22
CA GLU A 76 5.75 -7.12 -11.48
C GLU A 76 6.82 -8.22 -11.37
N GLY A 77 7.97 -7.89 -10.77
CA GLY A 77 9.05 -8.86 -10.61
C GLY A 77 9.45 -9.04 -9.14
N THR A 78 9.99 -7.99 -8.53
CA THR A 78 10.41 -8.05 -7.13
C THR A 78 9.22 -8.30 -6.19
N GLY A 79 9.26 -9.41 -5.45
CA GLY A 79 8.17 -9.75 -4.55
C GLY A 79 8.63 -10.14 -3.15
N PHE A 80 7.73 -10.02 -2.17
CA PHE A 80 8.04 -10.36 -0.77
C PHE A 80 6.96 -11.26 -0.17
N SER A 81 7.32 -11.99 0.90
CA SER A 81 6.38 -12.91 1.57
C SER A 81 5.17 -12.18 2.15
N ASN A 82 5.41 -10.98 2.69
CA ASN A 82 4.35 -10.19 3.33
C ASN A 82 4.12 -8.86 2.60
N ILE A 83 2.85 -8.51 2.36
CA ILE A 83 2.50 -7.22 1.75
C ILE A 83 3.13 -6.02 2.50
N PRO A 84 3.02 -5.95 3.85
CA PRO A 84 3.68 -4.89 4.64
C PRO A 84 5.17 -4.74 4.31
N GLN A 85 5.86 -5.86 4.12
CA GLN A 85 7.30 -5.85 3.79
C GLN A 85 7.54 -5.43 2.33
N LEU A 86 6.64 -5.84 1.44
CA LEU A 86 6.69 -5.41 0.04
C LEU A 86 6.68 -3.88 -0.08
N ILE A 87 5.66 -3.27 0.53
CA ILE A 87 5.52 -1.81 0.54
C ILE A 87 6.65 -1.14 1.34
N ASP A 88 6.87 -1.61 2.58
CA ASP A 88 7.88 -1.04 3.48
C ASP A 88 9.28 -1.00 2.82
N HIS A 89 9.72 -2.13 2.27
CA HIS A 89 11.05 -2.20 1.67
C HIS A 89 11.17 -1.31 0.42
N HIS A 90 10.10 -1.20 -0.37
CA HIS A 90 10.10 -0.27 -1.51
C HIS A 90 10.05 1.18 -1.05
N TYR A 91 9.43 1.42 0.11
CA TYR A 91 9.34 2.76 0.70
C TYR A 91 10.72 3.22 1.21
N THR A 92 11.40 2.33 1.94
CA THR A 92 12.73 2.62 2.48
C THR A 92 13.78 2.77 1.38
N THR A 93 13.78 1.84 0.42
CA THR A 93 14.71 1.91 -0.73
C THR A 93 14.31 3.01 -1.71
N LYS A 94 13.09 3.55 -1.56
CA LYS A 94 12.60 4.64 -2.40
C LYS A 94 12.60 4.24 -3.89
N GLN A 95 12.24 2.97 -4.15
CA GLN A 95 12.23 2.45 -5.53
C GLN A 95 10.80 2.26 -6.07
N VAL A 96 10.71 2.07 -7.37
CA VAL A 96 9.42 2.01 -8.08
C VAL A 96 8.67 0.69 -7.84
N ILE A 97 7.35 0.74 -8.04
CA ILE A 97 6.49 -0.45 -7.98
C ILE A 97 6.68 -1.34 -9.22
N THR A 98 6.47 -0.75 -10.40
CA THR A 98 6.67 -1.46 -11.68
C THR A 98 7.59 -0.67 -12.61
N LYS A 99 8.55 -1.36 -13.23
CA LYS A 99 9.45 -0.73 -14.20
C LYS A 99 8.71 -0.40 -15.51
N LYS A 100 7.54 -1.01 -15.70
CA LYS A 100 6.68 -0.72 -16.84
C LYS A 100 5.99 0.65 -16.71
N SER A 101 5.84 1.15 -15.47
CA SER A 101 5.26 2.48 -15.22
C SER A 101 6.32 3.45 -14.67
N GLY A 102 6.86 3.14 -13.49
CA GLY A 102 7.85 3.99 -12.85
C GLY A 102 7.27 4.86 -11.73
N VAL A 103 6.50 4.24 -10.83
CA VAL A 103 5.87 4.96 -9.70
C VAL A 103 6.58 4.63 -8.37
N VAL A 104 6.94 5.66 -7.61
CA VAL A 104 7.65 5.49 -6.33
C VAL A 104 6.70 5.70 -5.13
N LEU A 105 6.99 5.04 -4.01
CA LEU A 105 6.18 5.15 -2.78
C LEU A 105 6.72 6.22 -1.81
N LEU A 106 5.87 7.19 -1.48
CA LEU A 106 6.20 8.21 -0.48
C LEU A 106 4.96 8.57 0.36
N ASN A 107 5.19 9.06 1.59
CA ASN A 107 4.13 9.50 2.52
C ASN A 107 2.79 8.70 2.41
N PRO A 108 2.66 7.60 3.19
CA PRO A 108 1.44 6.76 3.18
C PRO A 108 0.23 7.45 3.83
N ILE A 109 -0.97 7.20 3.28
CA ILE A 109 -2.20 7.78 3.81
C ILE A 109 -2.79 6.93 4.96
N PRO A 110 -2.88 7.50 6.19
CA PRO A 110 -3.40 6.77 7.37
C PRO A 110 -4.79 6.16 7.15
N LYS A 111 -5.07 5.05 7.82
CA LYS A 111 -6.34 4.33 7.67
C LYS A 111 -7.52 5.09 8.30
N ASP A 112 -8.70 4.95 7.69
CA ASP A 112 -9.90 5.64 8.15
C ASP A 112 -10.64 4.85 9.24
N LYS A 113 -10.64 5.39 10.45
CA LYS A 113 -11.34 4.78 11.60
C LYS A 113 -12.86 5.01 11.51
N LYS A 114 -13.29 5.86 10.58
CA LYS A 114 -14.71 6.18 10.43
C LYS A 114 -15.47 5.04 9.73
N TRP A 115 -15.94 4.09 10.54
CA TRP A 115 -16.74 2.95 10.06
C TRP A 115 -18.17 3.38 9.66
N ILE A 116 -18.47 4.67 9.81
CA ILE A 116 -19.81 5.21 9.53
C ILE A 116 -20.14 5.29 8.00
N MET A 1 -0.74 23.05 26.82
CA MET A 1 -1.19 21.76 26.20
C MET A 1 -0.24 21.32 25.09
N GLY A 2 0.51 20.23 25.33
CA GLY A 2 1.46 19.72 24.35
C GLY A 2 1.44 18.20 24.22
N HIS A 3 1.24 17.71 23.00
CA HIS A 3 1.21 16.26 22.74
C HIS A 3 2.06 15.91 21.49
N HIS A 4 3.28 15.46 21.73
CA HIS A 4 4.24 15.15 20.65
C HIS A 4 4.36 13.64 20.42
N HIS A 5 4.36 13.23 19.14
CA HIS A 5 4.49 11.81 18.77
C HIS A 5 5.90 11.29 19.09
N HIS A 6 6.02 9.99 19.38
CA HIS A 6 7.29 9.40 19.79
C HIS A 6 7.79 8.34 18.78
N HIS A 7 9.01 8.54 18.28
CA HIS A 7 9.61 7.63 17.29
C HIS A 7 10.04 6.30 17.92
N HIS A 8 9.28 5.24 17.66
CA HIS A 8 9.64 3.88 18.12
C HIS A 8 9.03 2.82 17.20
N SER A 9 9.68 1.65 17.14
CA SER A 9 9.21 0.55 16.29
C SER A 9 7.87 -0.02 16.78
N HIS A 10 7.25 -0.84 15.94
CA HIS A 10 5.94 -1.43 16.26
C HIS A 10 5.50 -2.42 15.15
N MET A 11 5.26 -3.67 15.53
CA MET A 11 4.83 -4.69 14.56
C MET A 11 3.29 -4.78 14.48
N LYS A 12 2.77 -4.63 13.26
CA LYS A 12 1.32 -4.66 13.02
C LYS A 12 0.99 -5.51 11.78
N PRO A 13 -0.11 -6.28 11.81
CA PRO A 13 -0.57 -7.05 10.64
C PRO A 13 -1.09 -6.16 9.50
N LEU A 14 -1.28 -6.75 8.32
CA LEU A 14 -1.70 -6.00 7.13
C LEU A 14 -2.97 -5.15 7.39
N ALA A 15 -3.98 -5.75 8.00
CA ALA A 15 -5.25 -5.05 8.28
C ALA A 15 -5.04 -3.78 9.13
N GLU A 16 -4.11 -3.84 10.08
CA GLU A 16 -3.86 -2.71 10.99
C GLU A 16 -3.06 -1.60 10.29
N GLN A 17 -2.14 -1.99 9.42
CA GLN A 17 -1.29 -1.03 8.68
C GLN A 17 -2.10 0.16 8.15
N ASP A 18 -1.69 1.36 8.52
CA ASP A 18 -2.43 2.58 8.21
C ASP A 18 -2.55 2.82 6.69
N TRP A 19 -1.54 2.42 5.93
CA TRP A 19 -1.57 2.52 4.47
C TRP A 19 -2.56 1.53 3.84
N TYR A 20 -2.94 0.50 4.59
CA TYR A 20 -4.00 -0.43 4.16
C TYR A 20 -5.37 0.10 4.60
N HIS A 21 -6.25 0.38 3.65
CA HIS A 21 -7.54 1.02 3.95
C HIS A 21 -8.74 0.07 3.85
N GLY A 22 -8.80 -0.91 4.77
CA GLY A 22 -10.03 -1.66 5.06
C GLY A 22 -10.93 -2.01 3.86
N ALA A 23 -10.32 -2.40 2.75
CA ALA A 23 -11.07 -2.87 1.57
C ALA A 23 -12.04 -1.82 1.01
N ILE A 24 -11.67 -0.54 1.09
CA ILE A 24 -12.53 0.54 0.58
C ILE A 24 -12.71 0.48 -0.94
N PRO A 25 -13.88 0.94 -1.45
CA PRO A 25 -14.18 0.99 -2.90
C PRO A 25 -13.12 1.74 -3.73
N ARG A 26 -13.10 1.44 -5.04
CA ARG A 26 -12.16 2.06 -5.97
C ARG A 26 -12.28 3.61 -5.97
N ILE A 27 -13.52 4.10 -5.94
CA ILE A 27 -13.76 5.55 -5.87
C ILE A 27 -13.12 6.16 -4.62
N GLU A 28 -13.46 5.61 -3.45
CA GLU A 28 -12.89 6.07 -2.17
C GLU A 28 -11.35 6.12 -2.22
N ALA A 29 -10.76 5.12 -2.85
CA ALA A 29 -9.30 5.03 -2.98
C ALA A 29 -8.71 6.20 -3.79
N GLN A 30 -9.38 6.58 -4.87
CA GLN A 30 -8.89 7.67 -5.73
C GLN A 30 -9.24 9.06 -5.18
N GLU A 31 -10.34 9.15 -4.45
CA GLU A 31 -10.81 10.43 -3.90
C GLU A 31 -9.85 11.00 -2.84
N LEU A 32 -9.14 10.13 -2.13
CA LEU A 32 -8.18 10.57 -1.11
C LEU A 32 -6.83 10.98 -1.74
N LEU A 33 -6.52 10.41 -2.91
CA LEU A 33 -5.29 10.74 -3.64
C LEU A 33 -5.30 12.21 -4.08
N LYS A 34 -4.63 13.06 -3.30
CA LYS A 34 -4.75 14.51 -3.46
C LYS A 34 -3.44 15.19 -3.90
N LYS A 35 -2.31 14.49 -3.77
CA LYS A 35 -1.01 15.05 -4.14
C LYS A 35 -0.07 13.97 -4.71
N GLN A 36 0.98 14.40 -5.39
CA GLN A 36 1.90 13.48 -6.07
C GLN A 36 2.67 12.62 -5.05
N GLY A 37 2.25 11.36 -4.89
CA GLY A 37 2.94 10.45 -3.97
C GLY A 37 2.00 9.59 -3.13
N ASP A 38 0.79 10.10 -2.85
CA ASP A 38 -0.19 9.38 -2.01
C ASP A 38 -0.42 7.95 -2.50
N PHE A 39 -0.36 6.99 -1.59
CA PHE A 39 -0.59 5.58 -1.93
C PHE A 39 -1.33 4.83 -0.82
N LEU A 40 -2.13 3.83 -1.22
CA LEU A 40 -2.83 2.97 -0.27
C LEU A 40 -3.05 1.57 -0.84
N VAL A 41 -3.08 0.57 0.04
CA VAL A 41 -3.46 -0.79 -0.36
C VAL A 41 -4.88 -1.11 0.12
N ARG A 42 -5.71 -1.61 -0.78
CA ARG A 42 -7.09 -1.95 -0.46
C ARG A 42 -7.42 -3.37 -0.91
N GLU A 43 -8.38 -4.01 -0.26
CA GLU A 43 -8.93 -5.28 -0.76
C GLU A 43 -10.29 -5.04 -1.45
N SER A 44 -10.60 -5.82 -2.48
CA SER A 44 -11.85 -5.61 -3.23
C SER A 44 -13.08 -6.23 -2.53
N HIS A 45 -14.13 -5.42 -2.38
CA HIS A 45 -15.43 -5.94 -1.91
C HIS A 45 -16.12 -6.76 -3.00
N GLY A 46 -15.73 -6.54 -4.25
CA GLY A 46 -16.27 -7.32 -5.37
C GLY A 46 -15.57 -8.66 -5.50
N LYS A 47 -14.27 -8.68 -5.28
CA LYS A 47 -13.48 -9.91 -5.31
C LYS A 47 -12.60 -10.06 -4.07
N PRO A 48 -13.05 -10.86 -3.08
CA PRO A 48 -12.26 -11.12 -1.85
C PRO A 48 -10.89 -11.72 -2.17
N GLY A 49 -9.83 -11.03 -1.76
CA GLY A 49 -8.47 -11.45 -2.10
C GLY A 49 -7.79 -10.52 -3.10
N GLU A 50 -8.58 -9.72 -3.83
CA GLU A 50 -8.01 -8.75 -4.77
C GLU A 50 -7.41 -7.55 -4.01
N TYR A 51 -6.10 -7.58 -3.79
CA TYR A 51 -5.41 -6.45 -3.17
C TYR A 51 -4.84 -5.51 -4.23
N VAL A 52 -5.36 -4.28 -4.26
CA VAL A 52 -4.97 -3.29 -5.26
C VAL A 52 -4.23 -2.11 -4.63
N LEU A 53 -3.05 -1.80 -5.14
CA LEU A 53 -2.31 -0.62 -4.73
C LEU A 53 -2.75 0.60 -5.57
N SER A 54 -3.39 1.55 -4.92
CA SER A 54 -3.81 2.78 -5.60
C SER A 54 -2.93 3.96 -5.18
N VAL A 55 -2.23 4.55 -6.15
CA VAL A 55 -1.24 5.59 -5.87
C VAL A 55 -1.30 6.75 -6.89
N TYR A 56 -1.17 7.97 -6.40
CA TYR A 56 -1.22 9.16 -7.25
C TYR A 56 0.17 9.45 -7.87
N SER A 57 0.33 9.10 -9.14
CA SER A 57 1.63 9.27 -9.83
C SER A 57 1.45 9.89 -11.22
N ASP A 58 2.35 10.81 -11.58
CA ASP A 58 2.29 11.54 -12.86
C ASP A 58 1.02 12.40 -12.95
N GLY A 59 0.37 12.63 -11.80
CA GLY A 59 -0.89 13.36 -11.78
C GLY A 59 -2.11 12.48 -12.02
N GLN A 60 -1.86 11.18 -12.20
CA GLN A 60 -2.93 10.21 -12.48
C GLN A 60 -3.10 9.21 -11.31
N ARG A 61 -4.31 8.69 -11.14
CA ARG A 61 -4.56 7.68 -10.12
C ARG A 61 -4.18 6.28 -10.65
N ARG A 62 -3.02 5.79 -10.21
CA ARG A 62 -2.52 4.48 -10.64
C ARG A 62 -3.13 3.34 -9.82
N HIS A 63 -3.23 2.15 -10.43
CA HIS A 63 -3.81 0.98 -9.75
C HIS A 63 -3.06 -0.31 -10.12
N PHE A 64 -2.46 -0.97 -9.13
CA PHE A 64 -1.68 -2.20 -9.36
C PHE A 64 -2.21 -3.37 -8.52
N ILE A 65 -2.77 -4.37 -9.19
CA ILE A 65 -3.26 -5.58 -8.50
C ILE A 65 -2.09 -6.51 -8.12
N ILE A 66 -2.15 -7.08 -6.93
CA ILE A 66 -1.06 -7.95 -6.44
C ILE A 66 -1.28 -9.43 -6.81
N GLN A 67 -0.31 -10.02 -7.49
CA GLN A 67 -0.32 -11.47 -7.80
C GLN A 67 0.47 -12.25 -6.72
N TYR A 68 0.07 -13.50 -6.50
CA TYR A 68 0.72 -14.35 -5.49
C TYR A 68 1.38 -15.59 -6.13
N VAL A 69 2.71 -15.57 -6.24
CA VAL A 69 3.46 -16.65 -6.89
C VAL A 69 4.67 -17.08 -6.04
N ASP A 70 4.81 -18.39 -5.80
CA ASP A 70 5.92 -18.95 -5.00
C ASP A 70 6.05 -18.24 -3.65
N ASN A 71 4.92 -18.08 -2.96
CA ASN A 71 4.86 -17.48 -1.63
C ASN A 71 5.20 -15.98 -1.63
N MET A 72 5.48 -15.42 -2.81
CA MET A 72 5.86 -14.00 -2.92
C MET A 72 4.79 -13.16 -3.63
N TYR A 73 4.38 -12.06 -2.99
CA TYR A 73 3.43 -11.11 -3.55
C TYR A 73 4.14 -10.12 -4.48
N ARG A 74 3.64 -9.99 -5.70
CA ARG A 74 4.26 -9.10 -6.71
C ARG A 74 3.22 -8.22 -7.41
N PHE A 75 3.68 -7.12 -8.00
CA PHE A 75 2.82 -6.26 -8.83
C PHE A 75 2.90 -6.67 -10.31
N GLU A 76 4.11 -6.68 -10.87
CA GLU A 76 4.32 -7.18 -12.24
C GLU A 76 5.19 -8.46 -12.25
N GLY A 77 6.26 -8.45 -11.46
CA GLY A 77 7.16 -9.61 -11.39
C GLY A 77 7.95 -9.66 -10.09
N THR A 78 8.83 -8.68 -9.89
CA THR A 78 9.59 -8.56 -8.63
C THR A 78 8.66 -8.29 -7.44
N GLY A 79 8.74 -9.12 -6.40
CA GLY A 79 7.89 -8.94 -5.24
C GLY A 79 8.52 -9.46 -3.94
N PHE A 80 7.74 -9.41 -2.86
CA PHE A 80 8.19 -9.87 -1.53
C PHE A 80 7.21 -10.88 -0.95
N SER A 81 7.71 -11.76 -0.08
CA SER A 81 6.88 -12.84 0.50
C SER A 81 5.75 -12.28 1.38
N ASN A 82 5.93 -11.06 1.88
CA ASN A 82 4.89 -10.40 2.70
C ASN A 82 4.42 -9.10 2.03
N ILE A 83 3.11 -8.86 2.00
CA ILE A 83 2.56 -7.61 1.48
C ILE A 83 3.07 -6.39 2.28
N PRO A 84 3.05 -6.43 3.63
CA PRO A 84 3.62 -5.36 4.46
C PRO A 84 5.08 -5.04 4.09
N GLN A 85 5.90 -6.09 3.93
CA GLN A 85 7.32 -5.92 3.56
C GLN A 85 7.47 -5.46 2.11
N LEU A 86 6.56 -5.88 1.24
CA LEU A 86 6.52 -5.41 -0.16
C LEU A 86 6.45 -3.88 -0.21
N ILE A 87 5.43 -3.31 0.42
CA ILE A 87 5.23 -1.86 0.45
C ILE A 87 6.32 -1.17 1.31
N ASP A 88 6.52 -1.66 2.53
CA ASP A 88 7.51 -1.09 3.45
C ASP A 88 8.92 -1.00 2.83
N HIS A 89 9.41 -2.12 2.29
CA HIS A 89 10.76 -2.17 1.75
C HIS A 89 10.90 -1.26 0.50
N HIS A 90 9.84 -1.16 -0.31
CA HIS A 90 9.84 -0.22 -1.43
C HIS A 90 9.85 1.24 -0.95
N TYR A 91 9.03 1.54 0.06
CA TYR A 91 8.94 2.89 0.61
C TYR A 91 10.27 3.32 1.25
N THR A 92 10.86 2.44 2.06
CA THR A 92 12.09 2.74 2.79
C THR A 92 13.31 2.84 1.86
N THR A 93 13.27 2.14 0.71
CA THR A 93 14.36 2.22 -0.28
C THR A 93 14.07 3.28 -1.35
N LYS A 94 12.84 3.81 -1.35
CA LYS A 94 12.44 4.86 -2.29
C LYS A 94 12.43 4.35 -3.75
N GLN A 95 12.27 3.04 -3.92
CA GLN A 95 12.28 2.43 -5.26
C GLN A 95 10.88 2.40 -5.91
N VAL A 96 10.84 2.09 -7.20
CA VAL A 96 9.59 2.10 -7.97
C VAL A 96 8.72 0.85 -7.71
N ILE A 97 7.43 0.98 -8.00
CA ILE A 97 6.48 -0.14 -7.88
C ILE A 97 6.52 -1.04 -9.12
N THR A 98 6.08 -0.50 -10.26
CA THR A 98 6.16 -1.21 -11.54
C THR A 98 7.01 -0.44 -12.56
N LYS A 99 7.86 -1.16 -13.28
CA LYS A 99 8.73 -0.57 -14.29
C LYS A 99 7.92 0.05 -15.44
N LYS A 100 6.75 -0.52 -15.70
CA LYS A 100 5.83 -0.01 -16.74
C LYS A 100 5.46 1.46 -16.49
N SER A 101 5.31 1.84 -15.22
CA SER A 101 4.85 3.18 -14.85
C SER A 101 5.99 4.06 -14.32
N GLY A 102 6.71 3.55 -13.31
CA GLY A 102 7.76 4.32 -12.67
C GLY A 102 7.27 5.08 -11.44
N VAL A 103 6.41 4.44 -10.66
CA VAL A 103 5.82 5.05 -9.46
C VAL A 103 6.69 4.83 -8.21
N VAL A 104 7.03 5.92 -7.52
CA VAL A 104 7.80 5.85 -6.27
C VAL A 104 6.89 6.09 -5.05
N LEU A 105 7.19 5.42 -3.93
CA LEU A 105 6.38 5.56 -2.71
C LEU A 105 6.89 6.67 -1.78
N LEU A 106 6.08 7.70 -1.59
CA LEU A 106 6.39 8.78 -0.65
C LEU A 106 5.11 9.27 0.06
N ASN A 107 5.29 10.04 1.14
CA ASN A 107 4.19 10.55 2.00
C ASN A 107 2.94 9.61 2.06
N PRO A 108 2.95 8.61 2.96
CA PRO A 108 1.85 7.62 3.06
C PRO A 108 0.54 8.23 3.58
N ILE A 109 -0.58 7.63 3.17
CA ILE A 109 -1.90 8.05 3.66
C ILE A 109 -2.45 7.05 4.68
N PRO A 110 -2.53 7.44 5.97
CA PRO A 110 -3.01 6.56 7.05
C PRO A 110 -4.53 6.36 7.07
N LYS A 111 -5.00 5.51 7.99
CA LYS A 111 -6.44 5.32 8.21
C LYS A 111 -6.76 5.14 9.70
N ASP A 112 -7.85 5.74 10.15
CA ASP A 112 -8.27 5.65 11.56
C ASP A 112 -8.98 4.33 11.87
N LYS A 113 -8.88 3.88 13.11
CA LYS A 113 -9.67 2.76 13.60
C LYS A 113 -11.13 3.20 13.80
N LYS A 114 -11.86 3.33 12.70
CA LYS A 114 -13.22 3.90 12.73
C LYS A 114 -14.22 3.10 11.89
N TRP A 115 -15.50 3.32 12.15
CA TRP A 115 -16.58 2.81 11.29
C TRP A 115 -17.33 3.97 10.62
N ILE A 116 -16.90 5.20 10.91
CA ILE A 116 -17.58 6.42 10.42
C ILE A 116 -16.59 7.47 9.84
N MET A 1 7.60 -6.15 34.11
CA MET A 1 6.13 -6.38 34.10
C MET A 1 5.47 -5.65 32.92
N GLY A 2 4.34 -6.17 32.45
CA GLY A 2 3.64 -5.57 31.33
C GLY A 2 4.29 -5.91 29.99
N HIS A 3 4.07 -7.12 29.51
CA HIS A 3 4.67 -7.60 28.25
C HIS A 3 3.92 -7.06 27.02
N HIS A 4 3.60 -5.76 27.04
CA HIS A 4 2.89 -5.10 25.93
C HIS A 4 3.84 -4.74 24.77
N HIS A 5 5.03 -5.32 24.75
CA HIS A 5 6.00 -5.13 23.67
C HIS A 5 6.71 -6.44 23.31
N HIS A 6 6.82 -6.73 22.01
CA HIS A 6 7.50 -7.92 21.53
C HIS A 6 8.99 -7.63 21.29
N HIS A 7 9.84 -8.06 22.22
CA HIS A 7 11.29 -7.81 22.13
C HIS A 7 11.88 -8.34 20.82
N HIS A 8 12.73 -7.52 20.18
CA HIS A 8 13.38 -7.88 18.92
C HIS A 8 12.36 -8.01 17.76
N SER A 9 11.57 -6.95 17.55
CA SER A 9 10.59 -6.92 16.45
C SER A 9 9.88 -5.56 16.35
N HIS A 10 9.49 -5.20 15.12
CA HIS A 10 8.67 -4.02 14.88
C HIS A 10 7.69 -4.29 13.72
N MET A 11 7.19 -5.53 13.66
CA MET A 11 6.28 -5.95 12.60
C MET A 11 4.80 -5.83 13.02
N LYS A 12 3.99 -5.19 12.17
CA LYS A 12 2.54 -5.14 12.37
C LYS A 12 1.81 -5.91 11.26
N PRO A 13 0.59 -6.40 11.55
CA PRO A 13 -0.23 -7.15 10.57
C PRO A 13 -0.70 -6.27 9.40
N LEU A 14 -1.00 -6.89 8.27
CA LEU A 14 -1.51 -6.16 7.09
C LEU A 14 -2.73 -5.31 7.44
N ALA A 15 -3.64 -5.88 8.23
CA ALA A 15 -4.86 -5.17 8.67
C ALA A 15 -4.54 -3.85 9.42
N GLU A 16 -3.37 -3.79 10.07
CA GLU A 16 -2.98 -2.60 10.85
C GLU A 16 -2.06 -1.64 10.08
N GLN A 17 -1.76 -1.96 8.82
CA GLN A 17 -0.90 -1.10 8.01
C GLN A 17 -1.61 0.22 7.67
N ASP A 18 -0.93 1.33 7.96
CA ASP A 18 -1.48 2.68 7.79
C ASP A 18 -1.95 2.94 6.33
N TRP A 19 -1.21 2.42 5.36
CA TRP A 19 -1.57 2.58 3.95
C TRP A 19 -2.68 1.60 3.51
N TYR A 20 -2.99 0.60 4.34
CA TYR A 20 -4.04 -0.38 4.02
C TYR A 20 -5.43 0.13 4.46
N HIS A 21 -6.26 0.54 3.50
CA HIS A 21 -7.58 1.10 3.82
C HIS A 21 -8.72 0.07 3.73
N GLY A 22 -8.66 -0.91 4.63
CA GLY A 22 -9.80 -1.80 4.94
C GLY A 22 -10.79 -2.08 3.80
N ALA A 23 -10.29 -2.46 2.63
CA ALA A 23 -11.15 -2.90 1.52
C ALA A 23 -12.18 -1.84 1.07
N ILE A 24 -11.82 -0.56 1.15
CA ILE A 24 -12.71 0.52 0.70
C ILE A 24 -12.98 0.46 -0.82
N PRO A 25 -14.09 1.08 -1.29
CA PRO A 25 -14.41 1.14 -2.73
C PRO A 25 -13.35 1.84 -3.59
N ARG A 26 -13.26 1.47 -4.87
CA ARG A 26 -12.31 2.08 -5.82
C ARG A 26 -12.43 3.60 -5.84
N ILE A 27 -13.68 4.09 -5.87
CA ILE A 27 -13.94 5.52 -5.87
C ILE A 27 -13.30 6.20 -4.65
N GLU A 28 -13.64 5.73 -3.45
CA GLU A 28 -13.09 6.28 -2.20
C GLU A 28 -11.55 6.30 -2.23
N ALA A 29 -10.96 5.29 -2.87
CA ALA A 29 -9.50 5.20 -3.00
C ALA A 29 -8.92 6.40 -3.76
N GLN A 30 -9.53 6.74 -4.90
CA GLN A 30 -9.06 7.88 -5.72
C GLN A 30 -9.48 9.22 -5.10
N GLU A 31 -10.59 9.23 -4.36
CA GLU A 31 -11.10 10.46 -3.72
C GLU A 31 -10.09 11.04 -2.71
N LEU A 32 -9.26 10.19 -2.13
CA LEU A 32 -8.26 10.65 -1.14
C LEU A 32 -6.88 10.88 -1.77
N LEU A 33 -6.81 10.73 -3.11
CA LEU A 33 -5.57 10.94 -3.85
C LEU A 33 -5.55 12.33 -4.50
N LYS A 34 -4.69 13.23 -4.02
CA LYS A 34 -4.70 14.63 -4.46
C LYS A 34 -3.30 15.18 -4.81
N LYS A 35 -2.23 14.51 -4.39
CA LYS A 35 -0.86 14.99 -4.70
C LYS A 35 0.12 13.83 -5.00
N GLN A 36 1.13 14.14 -5.81
CA GLN A 36 2.15 13.17 -6.22
C GLN A 36 2.75 12.41 -5.02
N GLY A 37 2.40 11.13 -4.90
CA GLY A 37 2.97 10.31 -3.84
C GLY A 37 1.92 9.60 -2.99
N ASP A 38 0.74 10.20 -2.86
CA ASP A 38 -0.33 9.59 -2.04
C ASP A 38 -0.63 8.15 -2.51
N PHE A 39 -0.44 7.17 -1.62
CA PHE A 39 -0.68 5.77 -1.98
C PHE A 39 -1.43 5.01 -0.88
N LEU A 40 -2.20 4.00 -1.28
CA LEU A 40 -2.89 3.12 -0.34
C LEU A 40 -3.19 1.76 -0.98
N VAL A 41 -3.26 0.73 -0.15
CA VAL A 41 -3.66 -0.61 -0.60
C VAL A 41 -5.05 -0.97 -0.05
N ARG A 42 -5.94 -1.40 -0.91
CA ARG A 42 -7.29 -1.82 -0.51
C ARG A 42 -7.62 -3.22 -1.04
N GLU A 43 -8.47 -3.94 -0.34
CA GLU A 43 -8.97 -5.23 -0.84
C GLU A 43 -10.21 -5.04 -1.73
N SER A 44 -10.38 -5.90 -2.73
CA SER A 44 -11.51 -5.82 -3.66
C SER A 44 -12.79 -6.42 -3.07
N HIS A 45 -13.90 -5.68 -3.17
CA HIS A 45 -15.21 -6.20 -2.73
C HIS A 45 -15.65 -7.37 -3.61
N GLY A 46 -15.58 -7.19 -4.92
CA GLY A 46 -16.00 -8.24 -5.86
C GLY A 46 -15.15 -9.50 -5.77
N LYS A 47 -13.86 -9.35 -5.45
CA LYS A 47 -12.97 -10.50 -5.31
C LYS A 47 -12.18 -10.46 -3.99
N PRO A 48 -12.59 -11.26 -2.98
CA PRO A 48 -11.84 -11.35 -1.71
C PRO A 48 -10.41 -11.89 -1.93
N GLY A 49 -9.42 -11.21 -1.37
CA GLY A 49 -8.03 -11.59 -1.59
C GLY A 49 -7.35 -10.79 -2.70
N GLU A 50 -8.15 -10.08 -3.51
CA GLU A 50 -7.60 -9.22 -4.56
C GLU A 50 -7.25 -7.83 -4.00
N TYR A 51 -5.96 -7.63 -3.71
CA TYR A 51 -5.49 -6.35 -3.17
C TYR A 51 -4.96 -5.44 -4.29
N VAL A 52 -5.49 -4.22 -4.35
CA VAL A 52 -5.08 -3.25 -5.38
C VAL A 52 -4.40 -2.03 -4.75
N LEU A 53 -3.20 -1.71 -5.24
CA LEU A 53 -2.46 -0.51 -4.83
C LEU A 53 -2.86 0.69 -5.69
N SER A 54 -3.50 1.68 -5.07
CA SER A 54 -3.87 2.92 -5.77
C SER A 54 -3.01 4.08 -5.28
N VAL A 55 -2.35 4.77 -6.23
CA VAL A 55 -1.41 5.85 -5.90
C VAL A 55 -1.52 7.02 -6.90
N TYR A 56 -1.44 8.24 -6.39
CA TYR A 56 -1.49 9.44 -7.23
C TYR A 56 -0.12 9.73 -7.85
N SER A 57 0.01 9.50 -9.15
CA SER A 57 1.27 9.72 -9.86
C SER A 57 1.08 10.60 -11.11
N ASP A 58 1.73 11.76 -11.13
CA ASP A 58 1.75 12.64 -12.31
C ASP A 58 0.33 13.03 -12.77
N GLY A 59 -0.56 13.23 -11.80
CA GLY A 59 -1.95 13.60 -12.11
C GLY A 59 -2.88 12.41 -12.25
N GLN A 60 -2.32 11.24 -12.53
CA GLN A 60 -3.10 10.02 -12.76
C GLN A 60 -3.23 9.17 -11.49
N ARG A 61 -4.45 8.71 -11.19
CA ARG A 61 -4.64 7.71 -10.13
C ARG A 61 -4.24 6.32 -10.66
N ARG A 62 -3.07 5.84 -10.26
CA ARG A 62 -2.57 4.53 -10.69
C ARG A 62 -3.27 3.39 -9.93
N HIS A 63 -3.41 2.25 -10.60
CA HIS A 63 -3.99 1.05 -9.96
C HIS A 63 -3.19 -0.21 -10.33
N PHE A 64 -2.59 -0.85 -9.31
CA PHE A 64 -1.81 -2.07 -9.52
C PHE A 64 -2.38 -3.25 -8.70
N ILE A 65 -2.63 -4.38 -9.34
CA ILE A 65 -3.14 -5.56 -8.62
C ILE A 65 -2.00 -6.44 -8.11
N ILE A 66 -2.12 -6.90 -6.87
CA ILE A 66 -1.10 -7.77 -6.24
C ILE A 66 -1.39 -9.26 -6.52
N GLN A 67 -0.54 -9.92 -7.30
CA GLN A 67 -0.69 -11.35 -7.58
C GLN A 67 0.05 -12.21 -6.54
N TYR A 68 -0.57 -13.32 -6.15
CA TYR A 68 0.04 -14.25 -5.21
C TYR A 68 0.66 -15.45 -5.95
N VAL A 69 1.96 -15.39 -6.18
CA VAL A 69 2.67 -16.43 -6.95
C VAL A 69 3.92 -16.91 -6.18
N ASP A 70 4.15 -18.23 -6.17
CA ASP A 70 5.25 -18.84 -5.39
C ASP A 70 5.22 -18.38 -3.92
N ASN A 71 4.01 -18.24 -3.38
CA ASN A 71 3.80 -17.81 -1.99
C ASN A 71 4.32 -16.38 -1.74
N MET A 72 4.59 -15.64 -2.81
CA MET A 72 5.07 -14.26 -2.69
C MET A 72 4.10 -13.27 -3.37
N TYR A 73 3.90 -12.12 -2.74
CA TYR A 73 3.07 -11.05 -3.30
C TYR A 73 3.90 -10.17 -4.24
N ARG A 74 3.43 -10.00 -5.48
CA ARG A 74 4.22 -9.32 -6.52
C ARG A 74 3.36 -8.46 -7.46
N PHE A 75 3.99 -7.42 -8.03
CA PHE A 75 3.38 -6.63 -9.11
C PHE A 75 4.03 -7.02 -10.45
N GLU A 76 5.33 -6.77 -10.58
CA GLU A 76 6.11 -7.20 -11.74
C GLU A 76 6.83 -8.53 -11.47
N GLY A 77 7.95 -8.47 -10.76
CA GLY A 77 8.70 -9.67 -10.40
C GLY A 77 9.22 -9.65 -8.96
N THR A 78 9.70 -8.48 -8.53
CA THR A 78 10.20 -8.32 -7.16
C THR A 78 9.09 -8.52 -6.12
N GLY A 79 8.96 -9.75 -5.65
CA GLY A 79 7.90 -10.08 -4.69
C GLY A 79 8.43 -10.44 -3.31
N PHE A 80 7.56 -10.37 -2.30
CA PHE A 80 7.94 -10.66 -0.91
C PHE A 80 6.91 -11.58 -0.24
N SER A 81 7.36 -12.33 0.77
CA SER A 81 6.49 -13.27 1.51
C SER A 81 5.31 -12.56 2.19
N ASN A 82 5.48 -11.28 2.48
CA ASN A 82 4.43 -10.48 3.14
C ASN A 82 4.16 -9.18 2.39
N ILE A 83 2.88 -8.83 2.21
CA ILE A 83 2.51 -7.54 1.61
C ILE A 83 3.16 -6.36 2.37
N PRO A 84 3.09 -6.32 3.72
CA PRO A 84 3.77 -5.28 4.50
C PRO A 84 5.26 -5.12 4.13
N GLN A 85 5.94 -6.24 3.86
CA GLN A 85 7.36 -6.21 3.47
C GLN A 85 7.55 -5.72 2.02
N LEU A 86 6.64 -6.10 1.14
CA LEU A 86 6.64 -5.60 -0.24
C LEU A 86 6.68 -4.06 -0.26
N ILE A 87 5.73 -3.45 0.45
CA ILE A 87 5.67 -1.99 0.58
C ILE A 87 6.86 -1.47 1.41
N ASP A 88 7.15 -2.13 2.54
CA ASP A 88 8.26 -1.74 3.43
C ASP A 88 9.59 -1.56 2.67
N HIS A 89 9.98 -2.58 1.93
CA HIS A 89 11.27 -2.56 1.21
C HIS A 89 11.27 -1.52 0.08
N HIS A 90 10.17 -1.39 -0.66
CA HIS A 90 10.09 -0.35 -1.71
C HIS A 90 9.95 1.06 -1.12
N TYR A 91 9.34 1.16 0.05
CA TYR A 91 9.15 2.44 0.75
C TYR A 91 10.47 2.96 1.34
N THR A 92 11.11 2.11 2.15
CA THR A 92 12.38 2.47 2.80
C THR A 92 13.49 2.80 1.78
N THR A 93 13.61 1.98 0.74
CA THR A 93 14.59 2.25 -0.33
C THR A 93 14.15 3.42 -1.20
N LYS A 94 12.86 3.73 -1.18
CA LYS A 94 12.30 4.87 -1.92
C LYS A 94 12.35 4.61 -3.44
N GLN A 95 12.23 3.34 -3.83
CA GLN A 95 12.32 2.95 -5.24
C GLN A 95 10.95 2.87 -5.91
N VAL A 96 10.96 2.57 -7.22
CA VAL A 96 9.72 2.49 -8.00
C VAL A 96 9.02 1.13 -7.85
N ILE A 97 7.72 1.09 -8.14
CA ILE A 97 6.96 -0.15 -8.15
C ILE A 97 7.22 -0.96 -9.44
N THR A 98 6.72 -0.47 -10.56
CA THR A 98 6.93 -1.11 -11.87
C THR A 98 7.77 -0.22 -12.78
N LYS A 99 8.76 -0.83 -13.46
CA LYS A 99 9.64 -0.08 -14.37
C LYS A 99 8.89 0.52 -15.57
N LYS A 100 7.68 0.02 -15.83
CA LYS A 100 6.84 0.55 -16.92
C LYS A 100 6.20 1.91 -16.53
N SER A 101 5.84 2.05 -15.25
CA SER A 101 5.16 3.27 -14.78
C SER A 101 6.14 4.25 -14.12
N GLY A 102 6.98 3.73 -13.22
CA GLY A 102 7.96 4.58 -12.53
C GLY A 102 7.37 5.34 -11.33
N VAL A 103 6.50 4.68 -10.57
CA VAL A 103 5.85 5.30 -9.40
C VAL A 103 6.60 4.99 -8.09
N VAL A 104 6.89 6.02 -7.31
CA VAL A 104 7.59 5.88 -6.02
C VAL A 104 6.64 6.06 -4.83
N LEU A 105 6.94 5.38 -3.71
CA LEU A 105 6.08 5.43 -2.52
C LEU A 105 6.56 6.48 -1.50
N LEU A 106 5.78 7.54 -1.31
CA LEU A 106 6.06 8.58 -0.30
C LEU A 106 4.78 9.08 0.37
N ASN A 107 4.94 9.84 1.47
CA ASN A 107 3.83 10.42 2.26
C ASN A 107 2.53 9.57 2.26
N PRO A 108 2.49 8.49 3.08
CA PRO A 108 1.34 7.57 3.14
C PRO A 108 0.07 8.22 3.73
N ILE A 109 -1.10 7.82 3.21
CA ILE A 109 -2.38 8.33 3.71
C ILE A 109 -2.94 7.40 4.81
N PRO A 110 -3.22 7.94 6.01
CA PRO A 110 -3.68 7.13 7.16
C PRO A 110 -5.01 6.40 6.90
N LYS A 111 -5.01 5.08 7.15
CA LYS A 111 -6.20 4.25 6.93
C LYS A 111 -7.38 4.64 7.83
N ASP A 112 -8.56 4.19 7.44
CA ASP A 112 -9.80 4.51 8.15
C ASP A 112 -9.98 3.64 9.42
N LYS A 113 -9.50 4.14 10.56
CA LYS A 113 -9.71 3.46 11.85
C LYS A 113 -10.96 4.01 12.57
N LYS A 114 -11.71 4.85 11.86
CA LYS A 114 -12.99 5.36 12.37
C LYS A 114 -14.12 4.37 12.05
N TRP A 115 -14.53 3.60 13.05
CA TRP A 115 -15.51 2.52 12.87
C TRP A 115 -16.95 3.07 12.82
N ILE A 116 -17.16 4.17 12.13
CA ILE A 116 -18.48 4.80 11.99
C ILE A 116 -18.85 5.00 10.50
N MET A 1 -5.98 -6.98 28.92
CA MET A 1 -6.10 -5.89 27.91
C MET A 1 -5.34 -4.63 28.36
N GLY A 2 -4.61 -4.01 27.44
CA GLY A 2 -3.88 -2.78 27.75
C GLY A 2 -3.98 -1.75 26.63
N HIS A 3 -4.45 -0.54 26.97
CA HIS A 3 -4.61 0.54 25.98
C HIS A 3 -3.26 0.98 25.40
N HIS A 4 -2.18 0.70 26.11
CA HIS A 4 -0.82 0.97 25.62
C HIS A 4 -0.01 -0.33 25.55
N HIS A 5 0.16 -0.87 24.35
CA HIS A 5 0.94 -2.09 24.16
C HIS A 5 2.45 -1.78 24.17
N HIS A 6 2.96 -1.46 25.36
CA HIS A 6 4.36 -1.04 25.51
C HIS A 6 5.34 -2.19 25.21
N HIS A 7 5.65 -2.37 23.93
CA HIS A 7 6.63 -3.36 23.48
C HIS A 7 7.55 -2.76 22.40
N HIS A 8 8.63 -3.46 22.07
CA HIS A 8 9.52 -3.04 20.99
C HIS A 8 9.04 -3.62 19.64
N SER A 9 7.74 -3.54 19.40
CA SER A 9 7.14 -4.04 18.16
C SER A 9 7.70 -3.31 16.93
N HIS A 10 8.53 -4.00 16.15
CA HIS A 10 9.18 -3.40 14.99
C HIS A 10 8.28 -3.45 13.75
N MET A 11 7.22 -4.26 13.81
CA MET A 11 6.29 -4.39 12.69
C MET A 11 4.84 -4.57 13.17
N LYS A 12 3.94 -3.72 12.69
CA LYS A 12 2.50 -3.89 12.91
C LYS A 12 1.88 -4.83 11.85
N PRO A 13 0.84 -5.60 12.19
CA PRO A 13 0.14 -6.46 11.22
C PRO A 13 -0.55 -5.65 10.11
N LEU A 14 -0.90 -6.33 9.00
CA LEU A 14 -1.54 -5.66 7.85
C LEU A 14 -2.75 -4.82 8.26
N ALA A 15 -3.60 -5.38 9.13
CA ALA A 15 -4.82 -4.68 9.59
C ALA A 15 -4.51 -3.39 10.37
N GLU A 16 -3.27 -3.24 10.81
CA GLU A 16 -2.83 -2.03 11.54
C GLU A 16 -2.17 -1.00 10.61
N GLN A 17 -1.71 -1.45 9.45
CA GLN A 17 -1.01 -0.57 8.51
C GLN A 17 -1.91 0.58 8.04
N ASP A 18 -1.50 1.82 8.35
CA ASP A 18 -2.32 3.00 8.05
C ASP A 18 -2.50 3.24 6.53
N TRP A 19 -1.55 2.78 5.72
CA TRP A 19 -1.70 2.83 4.26
C TRP A 19 -2.71 1.76 3.77
N TYR A 20 -2.96 0.76 4.60
CA TYR A 20 -3.96 -0.27 4.32
C TYR A 20 -5.35 0.15 4.85
N HIS A 21 -6.29 0.41 3.95
CA HIS A 21 -7.63 0.88 4.34
C HIS A 21 -8.68 -0.24 4.33
N GLY A 22 -8.24 -1.45 3.99
CA GLY A 22 -9.16 -2.59 3.92
C GLY A 22 -9.85 -2.73 2.57
N ALA A 23 -10.98 -3.41 2.55
CA ALA A 23 -11.72 -3.66 1.31
C ALA A 23 -12.66 -2.49 0.94
N ILE A 24 -12.13 -1.27 0.92
CA ILE A 24 -12.92 -0.08 0.61
C ILE A 24 -13.24 0.00 -0.90
N PRO A 25 -14.35 0.68 -1.26
CA PRO A 25 -14.73 0.92 -2.67
C PRO A 25 -13.64 1.66 -3.48
N ARG A 26 -13.62 1.41 -4.79
CA ARG A 26 -12.69 2.09 -5.70
C ARG A 26 -12.78 3.62 -5.55
N ILE A 27 -14.01 4.11 -5.38
CA ILE A 27 -14.27 5.53 -5.18
C ILE A 27 -13.45 6.09 -4.01
N GLU A 28 -13.62 5.50 -2.83
CA GLU A 28 -12.96 5.97 -1.61
C GLU A 28 -11.43 5.93 -1.75
N ALA A 29 -10.94 4.98 -2.54
CA ALA A 29 -9.50 4.83 -2.77
C ALA A 29 -8.91 6.02 -3.56
N GLN A 30 -9.64 6.49 -4.58
CA GLN A 30 -9.15 7.58 -5.44
C GLN A 30 -9.49 8.98 -4.88
N GLU A 31 -10.58 9.09 -4.12
CA GLU A 31 -11.02 10.39 -3.58
C GLU A 31 -9.93 11.06 -2.70
N LEU A 32 -9.09 10.25 -2.05
CA LEU A 32 -8.07 10.78 -1.13
C LEU A 32 -6.74 11.12 -1.85
N LEU A 33 -6.71 10.91 -3.17
CA LEU A 33 -5.51 11.17 -3.97
C LEU A 33 -5.52 12.59 -4.57
N LYS A 34 -4.54 13.41 -4.21
CA LYS A 34 -4.47 14.80 -4.70
C LYS A 34 -3.04 15.22 -5.08
N LYS A 35 -2.06 14.90 -4.25
CA LYS A 35 -0.66 15.28 -4.53
C LYS A 35 0.16 14.10 -5.06
N GLN A 36 1.21 14.41 -5.82
CA GLN A 36 2.15 13.40 -6.31
C GLN A 36 2.78 12.62 -5.13
N GLY A 37 2.22 11.45 -4.83
CA GLY A 37 2.75 10.65 -3.74
C GLY A 37 1.69 9.84 -2.99
N ASP A 38 0.50 10.42 -2.80
CA ASP A 38 -0.58 9.77 -2.04
C ASP A 38 -0.82 8.32 -2.51
N PHE A 39 -0.74 7.37 -1.60
CA PHE A 39 -0.98 5.96 -1.95
C PHE A 39 -1.66 5.18 -0.81
N LEU A 40 -2.39 4.13 -1.19
CA LEU A 40 -3.01 3.22 -0.21
C LEU A 40 -3.21 1.82 -0.81
N VAL A 41 -3.28 0.81 0.05
CA VAL A 41 -3.59 -0.56 -0.38
C VAL A 41 -4.97 -0.99 0.11
N ARG A 42 -5.81 -1.45 -0.81
CA ARG A 42 -7.15 -1.94 -0.48
C ARG A 42 -7.35 -3.38 -1.00
N GLU A 43 -8.35 -4.08 -0.47
CA GLU A 43 -8.68 -5.42 -0.95
C GLU A 43 -9.95 -5.41 -1.82
N SER A 44 -10.00 -6.31 -2.80
CA SER A 44 -11.16 -6.42 -3.69
C SER A 44 -12.38 -7.01 -2.95
N HIS A 45 -13.58 -6.63 -3.39
CA HIS A 45 -14.82 -7.06 -2.73
C HIS A 45 -15.23 -8.50 -3.13
N GLY A 46 -15.30 -8.77 -4.42
CA GLY A 46 -15.67 -10.12 -4.90
C GLY A 46 -14.45 -11.01 -5.13
N LYS A 47 -13.26 -10.45 -4.98
CA LYS A 47 -12.01 -11.18 -5.22
C LYS A 47 -11.13 -11.21 -3.96
N PRO A 48 -11.45 -12.11 -2.99
CA PRO A 48 -10.75 -12.17 -1.69
C PRO A 48 -9.29 -12.64 -1.82
N GLY A 49 -8.36 -11.88 -1.24
CA GLY A 49 -6.95 -12.19 -1.36
C GLY A 49 -6.25 -11.42 -2.49
N GLU A 50 -7.03 -10.61 -3.22
CA GLU A 50 -6.47 -9.77 -4.29
C GLU A 50 -6.54 -8.29 -3.90
N TYR A 51 -5.38 -7.71 -3.64
CA TYR A 51 -5.28 -6.32 -3.19
C TYR A 51 -4.88 -5.37 -4.33
N VAL A 52 -5.44 -4.18 -4.33
CA VAL A 52 -5.15 -3.16 -5.36
C VAL A 52 -4.46 -1.93 -4.75
N LEU A 53 -3.27 -1.61 -5.26
CA LEU A 53 -2.51 -0.44 -4.81
C LEU A 53 -2.93 0.81 -5.61
N SER A 54 -3.43 1.83 -4.91
CA SER A 54 -3.87 3.07 -5.56
C SER A 54 -2.93 4.24 -5.19
N VAL A 55 -2.24 4.78 -6.18
CA VAL A 55 -1.28 5.86 -5.97
C VAL A 55 -1.47 7.01 -6.97
N TYR A 56 -1.31 8.24 -6.52
CA TYR A 56 -1.40 9.41 -7.41
C TYR A 56 -0.04 9.71 -8.05
N SER A 57 0.12 9.31 -9.32
CA SER A 57 1.42 9.40 -10.01
C SER A 57 1.28 10.02 -11.40
N ASP A 58 2.25 10.87 -11.78
CA ASP A 58 2.23 11.57 -13.08
C ASP A 58 0.96 12.42 -13.27
N GLY A 59 0.32 12.80 -12.16
CA GLY A 59 -0.92 13.56 -12.23
C GLY A 59 -2.15 12.67 -12.37
N GLN A 60 -1.93 11.37 -12.58
CA GLN A 60 -3.02 10.40 -12.77
C GLN A 60 -3.19 9.52 -11.53
N ARG A 61 -4.42 9.08 -11.26
CA ARG A 61 -4.64 8.08 -10.21
C ARG A 61 -4.37 6.67 -10.75
N ARG A 62 -3.21 6.12 -10.40
CA ARG A 62 -2.78 4.82 -10.92
C ARG A 62 -3.19 3.67 -9.97
N HIS A 63 -3.70 2.58 -10.55
CA HIS A 63 -4.09 1.40 -9.76
C HIS A 63 -3.31 0.15 -10.21
N PHE A 64 -2.52 -0.41 -9.30
CA PHE A 64 -1.73 -1.62 -9.58
C PHE A 64 -2.22 -2.80 -8.74
N ILE A 65 -2.75 -3.83 -9.41
CA ILE A 65 -3.19 -5.04 -8.70
C ILE A 65 -1.99 -5.89 -8.27
N ILE A 66 -2.06 -6.46 -7.07
CA ILE A 66 -0.99 -7.29 -6.53
C ILE A 66 -1.19 -8.77 -6.92
N GLN A 67 -0.31 -9.30 -7.78
CA GLN A 67 -0.42 -10.69 -8.22
C GLN A 67 0.21 -11.65 -7.18
N TYR A 68 -0.56 -12.64 -6.76
CA TYR A 68 -0.07 -13.64 -5.81
C TYR A 68 0.46 -14.87 -6.55
N VAL A 69 1.78 -14.90 -6.76
CA VAL A 69 2.44 -15.96 -7.53
C VAL A 69 3.67 -16.50 -6.78
N ASP A 70 3.90 -17.81 -6.87
CA ASP A 70 4.95 -18.49 -6.09
C ASP A 70 4.75 -18.26 -4.59
N ASN A 71 3.48 -18.05 -4.20
CA ASN A 71 3.13 -17.72 -2.82
C ASN A 71 3.81 -16.41 -2.35
N MET A 72 4.06 -15.51 -3.30
CA MET A 72 4.63 -14.20 -3.01
C MET A 72 3.85 -13.08 -3.72
N TYR A 73 3.66 -11.96 -3.04
CA TYR A 73 2.93 -10.81 -3.59
C TYR A 73 3.87 -9.93 -4.44
N ARG A 74 3.53 -9.75 -5.73
CA ARG A 74 4.43 -9.09 -6.67
C ARG A 74 3.73 -8.06 -7.57
N PHE A 75 4.54 -7.31 -8.32
CA PHE A 75 4.05 -6.39 -9.36
C PHE A 75 4.82 -6.62 -10.68
N GLU A 76 6.03 -6.10 -10.77
CA GLU A 76 6.89 -6.26 -11.94
C GLU A 76 7.67 -7.58 -11.87
N GLY A 77 6.96 -8.69 -11.65
CA GLY A 77 7.61 -9.98 -11.45
C GLY A 77 8.24 -10.11 -10.07
N THR A 78 9.12 -9.17 -9.73
CA THR A 78 9.72 -9.10 -8.40
C THR A 78 8.65 -8.89 -7.30
N GLY A 79 8.63 -9.77 -6.31
CA GLY A 79 7.66 -9.65 -5.22
C GLY A 79 8.21 -10.11 -3.88
N PHE A 80 7.41 -9.94 -2.84
CA PHE A 80 7.80 -10.32 -1.48
C PHE A 80 6.81 -11.31 -0.85
N SER A 81 7.30 -12.10 0.10
CA SER A 81 6.49 -13.12 0.78
C SER A 81 5.25 -12.50 1.47
N ASN A 82 5.41 -11.31 2.02
CA ASN A 82 4.33 -10.65 2.79
C ASN A 82 3.93 -9.30 2.18
N ILE A 83 2.63 -8.99 2.20
CA ILE A 83 2.12 -7.70 1.74
C ILE A 83 2.81 -6.51 2.45
N PRO A 84 2.86 -6.51 3.81
CA PRO A 84 3.54 -5.44 4.57
C PRO A 84 5.00 -5.24 4.12
N GLN A 85 5.70 -6.34 3.85
CA GLN A 85 7.11 -6.27 3.43
C GLN A 85 7.26 -5.76 1.98
N LEU A 86 6.31 -6.13 1.12
CA LEU A 86 6.29 -5.61 -0.25
C LEU A 86 6.30 -4.06 -0.25
N ILE A 87 5.33 -3.47 0.45
CA ILE A 87 5.22 -2.01 0.56
C ILE A 87 6.35 -1.42 1.42
N ASP A 88 6.58 -1.98 2.60
CA ASP A 88 7.62 -1.51 3.51
C ASP A 88 9.00 -1.45 2.83
N HIS A 89 9.42 -2.56 2.22
CA HIS A 89 10.74 -2.63 1.59
C HIS A 89 10.85 -1.64 0.42
N HIS A 90 9.76 -1.47 -0.35
CA HIS A 90 9.72 -0.46 -1.43
C HIS A 90 9.75 0.98 -0.87
N TYR A 91 8.99 1.22 0.19
CA TYR A 91 8.86 2.55 0.79
C TYR A 91 10.17 3.01 1.44
N THR A 92 10.76 2.15 2.27
CA THR A 92 12.03 2.46 2.95
C THR A 92 13.18 2.68 1.97
N THR A 93 13.35 1.75 1.02
CA THR A 93 14.37 1.92 -0.02
C THR A 93 13.99 3.02 -1.02
N LYS A 94 12.71 3.41 -1.00
CA LYS A 94 12.18 4.48 -1.84
C LYS A 94 12.30 4.12 -3.34
N GLN A 95 12.21 2.82 -3.63
CA GLN A 95 12.35 2.31 -5.00
C GLN A 95 11.00 2.26 -5.75
N VAL A 96 11.08 2.03 -7.05
CA VAL A 96 9.89 2.04 -7.92
C VAL A 96 9.06 0.75 -7.81
N ILE A 97 7.76 0.86 -8.07
CA ILE A 97 6.85 -0.29 -8.05
C ILE A 97 7.06 -1.19 -9.28
N THR A 98 6.79 -0.65 -10.47
CA THR A 98 7.03 -1.38 -11.72
C THR A 98 7.92 -0.57 -12.68
N LYS A 99 8.78 -1.26 -13.42
CA LYS A 99 9.64 -0.61 -14.42
C LYS A 99 8.81 -0.13 -15.62
N LYS A 100 7.59 -0.67 -15.74
CA LYS A 100 6.61 -0.20 -16.72
C LYS A 100 6.28 1.28 -16.52
N SER A 101 6.28 1.70 -15.26
CA SER A 101 5.88 3.07 -14.89
C SER A 101 7.04 3.87 -14.28
N GLY A 102 7.55 3.40 -13.14
CA GLY A 102 8.56 4.14 -12.40
C GLY A 102 8.00 4.88 -11.20
N VAL A 103 6.84 4.43 -10.71
CA VAL A 103 6.15 5.06 -9.57
C VAL A 103 6.83 4.72 -8.24
N VAL A 104 7.11 5.77 -7.44
CA VAL A 104 7.69 5.60 -6.10
C VAL A 104 6.68 6.01 -5.01
N LEU A 105 6.67 5.29 -3.89
CA LEU A 105 5.71 5.53 -2.80
C LEU A 105 6.24 6.51 -1.74
N LEU A 106 5.47 7.57 -1.47
CA LEU A 106 5.80 8.53 -0.42
C LEU A 106 4.53 9.03 0.30
N ASN A 107 4.69 9.53 1.54
CA ASN A 107 3.57 10.00 2.38
C ASN A 107 2.33 9.09 2.32
N PRO A 108 2.32 8.01 3.13
CA PRO A 108 1.17 7.08 3.19
C PRO A 108 -0.05 7.71 3.89
N ILE A 109 -1.20 7.72 3.20
CA ILE A 109 -2.42 8.30 3.76
C ILE A 109 -3.05 7.39 4.80
N PRO A 110 -3.12 7.83 6.08
CA PRO A 110 -3.68 7.02 7.17
C PRO A 110 -5.20 6.83 7.09
N LYS A 111 -5.71 5.88 7.87
CA LYS A 111 -7.16 5.61 7.90
C LYS A 111 -7.75 5.79 9.32
N ASP A 112 -8.98 6.27 9.38
CA ASP A 112 -9.71 6.37 10.65
C ASP A 112 -10.34 5.02 11.02
N LYS A 113 -10.29 4.67 12.30
CA LYS A 113 -10.97 3.46 12.78
C LYS A 113 -12.48 3.72 12.89
N LYS A 114 -13.12 3.94 11.75
CA LYS A 114 -14.54 4.30 11.70
C LYS A 114 -15.33 3.29 10.86
N TRP A 115 -16.66 3.32 10.97
CA TRP A 115 -17.53 2.34 10.33
C TRP A 115 -17.57 2.51 8.80
N ILE A 116 -16.53 2.02 8.11
CA ILE A 116 -16.49 2.04 6.65
C ILE A 116 -16.91 0.69 6.04
N MET A 1 0.92 21.13 28.11
CA MET A 1 1.80 20.02 27.66
C MET A 1 1.26 18.66 28.15
N GLY A 2 1.24 17.66 27.25
CA GLY A 2 0.83 16.31 27.63
C GLY A 2 -0.62 15.99 27.28
N HIS A 3 -0.92 15.91 25.98
CA HIS A 3 -2.26 15.52 25.51
C HIS A 3 -2.17 14.54 24.32
N HIS A 4 -1.67 15.01 23.18
CA HIS A 4 -1.57 14.17 21.98
C HIS A 4 -0.62 13.00 22.19
N HIS A 5 -1.12 11.77 22.00
CA HIS A 5 -0.34 10.56 22.20
C HIS A 5 0.32 10.06 20.90
N HIS A 6 1.32 9.19 21.05
CA HIS A 6 2.02 8.62 19.91
C HIS A 6 2.56 7.21 20.24
N HIS A 7 1.72 6.20 20.00
CA HIS A 7 2.11 4.81 20.25
C HIS A 7 2.56 4.13 18.94
N HIS A 8 3.69 3.42 18.97
CA HIS A 8 4.21 2.76 17.78
C HIS A 8 4.75 1.35 18.08
N SER A 9 4.08 0.34 17.55
CA SER A 9 4.56 -1.04 17.64
C SER A 9 5.44 -1.38 16.44
N HIS A 10 6.33 -2.37 16.60
CA HIS A 10 7.25 -2.76 15.53
C HIS A 10 6.51 -3.52 14.40
N MET A 11 5.84 -4.61 14.75
CA MET A 11 5.09 -5.40 13.77
C MET A 11 3.57 -5.29 14.00
N LYS A 12 2.90 -4.51 13.14
CA LYS A 12 1.43 -4.43 13.17
C LYS A 12 0.79 -5.33 12.11
N PRO A 13 -0.43 -5.82 12.38
CA PRO A 13 -1.19 -6.64 11.41
C PRO A 13 -1.56 -5.86 10.14
N LEU A 14 -1.84 -6.58 9.05
CA LEU A 14 -2.14 -5.95 7.75
C LEU A 14 -3.31 -4.95 7.85
N ALA A 15 -4.33 -5.30 8.63
CA ALA A 15 -5.49 -4.41 8.84
C ALA A 15 -5.09 -3.13 9.61
N GLU A 16 -4.03 -3.22 10.40
CA GLU A 16 -3.52 -2.06 11.13
C GLU A 16 -2.53 -1.24 10.31
N GLN A 17 -1.90 -1.88 9.33
CA GLN A 17 -1.03 -1.16 8.38
C GLN A 17 -1.78 0.03 7.77
N ASP A 18 -1.45 1.22 8.24
CA ASP A 18 -2.20 2.43 7.94
C ASP A 18 -2.31 2.73 6.43
N TRP A 19 -1.35 2.26 5.65
CA TRP A 19 -1.39 2.41 4.18
C TRP A 19 -2.45 1.47 3.55
N TYR A 20 -2.85 0.44 4.28
CA TYR A 20 -3.91 -0.48 3.84
C TYR A 20 -5.28 0.03 4.30
N HIS A 21 -6.18 0.32 3.36
CA HIS A 21 -7.48 0.91 3.69
C HIS A 21 -8.64 -0.10 3.61
N GLY A 22 -8.66 -1.05 4.54
CA GLY A 22 -9.84 -1.88 4.83
C GLY A 22 -10.72 -2.26 3.63
N ALA A 23 -10.10 -2.70 2.54
CA ALA A 23 -10.83 -3.22 1.37
C ALA A 23 -11.82 -2.20 0.77
N ILE A 24 -11.57 -0.90 0.96
CA ILE A 24 -12.47 0.14 0.42
C ILE A 24 -12.59 0.09 -1.11
N PRO A 25 -13.68 0.64 -1.68
CA PRO A 25 -13.86 0.70 -3.15
C PRO A 25 -12.83 1.60 -3.86
N ARG A 26 -12.67 1.40 -5.17
CA ARG A 26 -11.74 2.19 -5.98
C ARG A 26 -12.05 3.69 -5.88
N ILE A 27 -13.34 4.03 -5.82
CA ILE A 27 -13.78 5.42 -5.69
C ILE A 27 -13.18 6.08 -4.44
N GLU A 28 -13.44 5.50 -3.28
CA GLU A 28 -12.91 6.01 -2.01
C GLU A 28 -11.37 6.02 -2.01
N ALA A 29 -10.77 5.08 -2.74
CA ALA A 29 -9.32 4.99 -2.86
C ALA A 29 -8.72 6.14 -3.67
N GLN A 30 -9.44 6.60 -4.70
CA GLN A 30 -8.95 7.71 -5.55
C GLN A 30 -9.34 9.08 -4.97
N GLU A 31 -10.50 9.18 -4.35
CA GLU A 31 -11.04 10.45 -3.86
C GLU A 31 -10.23 11.03 -2.69
N LEU A 32 -9.34 10.23 -2.10
CA LEU A 32 -8.45 10.71 -1.03
C LEU A 32 -7.06 11.11 -1.59
N LEU A 33 -6.82 10.78 -2.85
CA LEU A 33 -5.55 11.06 -3.52
C LEU A 33 -5.50 12.50 -4.04
N LYS A 34 -4.66 13.33 -3.42
CA LYS A 34 -4.63 14.78 -3.70
C LYS A 34 -3.28 15.23 -4.31
N LYS A 35 -2.17 14.71 -3.80
CA LYS A 35 -0.83 15.11 -4.27
C LYS A 35 -0.05 13.92 -4.83
N GLN A 36 0.87 14.19 -5.75
CA GLN A 36 1.71 13.14 -6.34
C GLN A 36 2.58 12.46 -5.27
N GLY A 37 2.12 11.31 -4.81
CA GLY A 37 2.81 10.59 -3.76
C GLY A 37 1.86 9.73 -2.93
N ASP A 38 0.70 10.29 -2.60
CA ASP A 38 -0.32 9.59 -1.80
C ASP A 38 -0.60 8.19 -2.35
N PHE A 39 -0.36 7.16 -1.53
CA PHE A 39 -0.62 5.78 -1.94
C PHE A 39 -1.34 4.98 -0.85
N LEU A 40 -2.18 4.04 -1.27
CA LEU A 40 -2.87 3.14 -0.35
C LEU A 40 -3.15 1.78 -1.01
N VAL A 41 -3.15 0.72 -0.22
CA VAL A 41 -3.51 -0.62 -0.70
C VAL A 41 -4.92 -1.00 -0.22
N ARG A 42 -5.79 -1.38 -1.16
CA ARG A 42 -7.14 -1.81 -0.84
C ARG A 42 -7.36 -3.27 -1.29
N GLU A 43 -8.11 -4.03 -0.49
CA GLU A 43 -8.49 -5.39 -0.89
C GLU A 43 -9.80 -5.37 -1.71
N SER A 44 -9.87 -6.18 -2.76
CA SER A 44 -11.02 -6.20 -3.66
C SER A 44 -12.23 -6.95 -3.06
N HIS A 45 -13.40 -6.32 -3.10
CA HIS A 45 -14.65 -7.00 -2.71
C HIS A 45 -15.05 -8.01 -3.79
N GLY A 46 -14.77 -7.66 -5.06
CA GLY A 46 -15.06 -8.54 -6.17
C GLY A 46 -14.20 -9.79 -6.20
N LYS A 47 -12.96 -9.68 -5.74
CA LYS A 47 -12.06 -10.83 -5.61
C LYS A 47 -11.42 -10.88 -4.21
N PRO A 48 -12.03 -11.63 -3.27
CA PRO A 48 -11.50 -11.78 -1.90
C PRO A 48 -10.07 -12.33 -1.89
N GLY A 49 -9.09 -11.44 -1.66
CA GLY A 49 -7.68 -11.84 -1.68
C GLY A 49 -6.85 -11.04 -2.67
N GLU A 50 -7.50 -10.32 -3.59
CA GLU A 50 -6.80 -9.48 -4.56
C GLU A 50 -6.58 -8.06 -4.02
N TYR A 51 -5.32 -7.68 -3.85
CA TYR A 51 -4.96 -6.36 -3.33
C TYR A 51 -4.49 -5.42 -4.45
N VAL A 52 -4.95 -4.17 -4.41
CA VAL A 52 -4.59 -3.18 -5.42
C VAL A 52 -4.01 -1.90 -4.79
N LEU A 53 -2.85 -1.48 -5.29
CA LEU A 53 -2.21 -0.23 -4.84
C LEU A 53 -2.71 0.97 -5.64
N SER A 54 -3.37 1.90 -4.97
CA SER A 54 -3.86 3.14 -5.59
C SER A 54 -2.96 4.32 -5.19
N VAL A 55 -2.32 4.95 -6.16
CA VAL A 55 -1.38 6.04 -5.89
C VAL A 55 -1.55 7.22 -6.86
N TYR A 56 -1.40 8.44 -6.36
CA TYR A 56 -1.50 9.64 -7.20
C TYR A 56 -0.15 9.97 -7.85
N SER A 57 -0.06 9.83 -9.17
CA SER A 57 1.17 10.12 -9.90
C SER A 57 0.86 10.67 -11.30
N ASP A 58 1.67 11.63 -11.76
CA ASP A 58 1.52 12.24 -13.09
C ASP A 58 0.23 13.08 -13.18
N GLY A 59 -0.39 13.36 -12.03
CA GLY A 59 -1.70 14.01 -12.03
C GLY A 59 -2.84 13.01 -12.24
N GLN A 60 -2.50 11.72 -12.21
CA GLN A 60 -3.45 10.64 -12.43
C GLN A 60 -3.52 9.71 -11.20
N ARG A 61 -4.57 8.90 -11.12
CA ARG A 61 -4.64 7.84 -10.10
C ARG A 61 -4.17 6.50 -10.68
N ARG A 62 -2.95 6.11 -10.34
CA ARG A 62 -2.38 4.84 -10.81
C ARG A 62 -2.90 3.66 -9.96
N HIS A 63 -3.10 2.51 -10.61
CA HIS A 63 -3.53 1.30 -9.89
C HIS A 63 -2.66 0.09 -10.27
N PHE A 64 -1.97 -0.47 -9.28
CA PHE A 64 -1.13 -1.64 -9.48
C PHE A 64 -1.71 -2.87 -8.75
N ILE A 65 -1.98 -3.94 -9.48
CA ILE A 65 -2.55 -5.15 -8.89
C ILE A 65 -1.46 -6.08 -8.33
N ILE A 66 -1.71 -6.61 -7.12
CA ILE A 66 -0.78 -7.55 -6.49
C ILE A 66 -1.14 -9.00 -6.82
N GLN A 67 -0.21 -9.73 -7.44
CA GLN A 67 -0.41 -11.15 -7.75
C GLN A 67 0.21 -12.06 -6.67
N TYR A 68 -0.47 -13.16 -6.37
CA TYR A 68 0.02 -14.15 -5.41
C TYR A 68 0.76 -15.29 -6.13
N VAL A 69 2.10 -15.22 -6.14
CA VAL A 69 2.92 -16.20 -6.86
C VAL A 69 4.07 -16.70 -5.96
N ASP A 70 4.33 -18.02 -5.99
CA ASP A 70 5.40 -18.63 -5.18
C ASP A 70 5.24 -18.32 -3.68
N ASN A 71 3.98 -18.29 -3.22
CA ASN A 71 3.65 -17.99 -1.82
C ASN A 71 4.08 -16.57 -1.42
N MET A 72 4.34 -15.71 -2.42
CA MET A 72 4.76 -14.33 -2.18
C MET A 72 3.87 -13.33 -2.95
N TYR A 73 3.81 -12.09 -2.48
CA TYR A 73 2.99 -11.05 -3.09
C TYR A 73 3.83 -10.11 -3.96
N ARG A 74 3.41 -9.89 -5.21
CA ARG A 74 4.20 -9.13 -6.19
C ARG A 74 3.37 -8.13 -6.99
N PHE A 75 4.04 -7.14 -7.59
CA PHE A 75 3.40 -6.20 -8.53
C PHE A 75 3.79 -6.52 -9.99
N GLU A 76 5.09 -6.44 -10.29
CA GLU A 76 5.60 -6.66 -11.65
C GLU A 76 6.53 -7.89 -11.72
N GLY A 77 7.42 -8.02 -10.75
CA GLY A 77 8.37 -9.14 -10.74
C GLY A 77 8.44 -9.89 -9.42
N THR A 78 9.59 -9.82 -8.74
CA THR A 78 9.83 -10.56 -7.50
C THR A 78 8.84 -10.16 -6.38
N GLY A 79 8.20 -11.15 -5.78
CA GLY A 79 7.27 -10.91 -4.68
C GLY A 79 7.91 -11.09 -3.31
N PHE A 80 7.21 -10.65 -2.26
CA PHE A 80 7.72 -10.76 -0.88
C PHE A 80 6.79 -11.63 -0.01
N SER A 81 7.38 -12.25 1.01
CA SER A 81 6.67 -13.21 1.88
C SER A 81 5.45 -12.57 2.59
N ASN A 82 5.46 -11.25 2.71
CA ASN A 82 4.34 -10.50 3.32
C ASN A 82 4.04 -9.22 2.55
N ILE A 83 2.75 -8.87 2.45
CA ILE A 83 2.32 -7.62 1.80
C ILE A 83 3.00 -6.39 2.44
N PRO A 84 2.98 -6.26 3.80
CA PRO A 84 3.68 -5.15 4.49
C PRO A 84 5.16 -5.07 4.11
N GLN A 85 5.82 -6.21 3.92
CA GLN A 85 7.25 -6.24 3.54
C GLN A 85 7.46 -5.82 2.08
N LEU A 86 6.50 -6.14 1.22
CA LEU A 86 6.52 -5.69 -0.17
C LEU A 86 6.54 -4.16 -0.26
N ILE A 87 5.56 -3.51 0.36
CA ILE A 87 5.49 -2.05 0.43
C ILE A 87 6.71 -1.48 1.18
N ASP A 88 7.02 -2.07 2.34
CA ASP A 88 8.17 -1.68 3.16
C ASP A 88 9.46 -1.63 2.33
N HIS A 89 9.76 -2.72 1.62
CA HIS A 89 11.02 -2.84 0.87
C HIS A 89 11.12 -1.74 -0.21
N HIS A 90 10.03 -1.51 -0.94
CA HIS A 90 10.02 -0.47 -1.97
C HIS A 90 10.05 0.95 -1.38
N TYR A 91 9.37 1.15 -0.24
CA TYR A 91 9.32 2.45 0.43
C TYR A 91 10.69 2.82 1.04
N THR A 92 11.27 1.88 1.78
CA THR A 92 12.59 2.10 2.42
C THR A 92 13.70 2.34 1.38
N THR A 93 13.68 1.56 0.30
CA THR A 93 14.63 1.78 -0.81
C THR A 93 14.22 3.00 -1.66
N LYS A 94 12.96 3.40 -1.52
CA LYS A 94 12.40 4.54 -2.26
C LYS A 94 12.42 4.28 -3.78
N GLN A 95 12.34 3.00 -4.15
CA GLN A 95 12.34 2.60 -5.56
C GLN A 95 10.92 2.53 -6.13
N VAL A 96 10.82 2.47 -7.45
CA VAL A 96 9.52 2.46 -8.14
C VAL A 96 8.76 1.14 -7.94
N ILE A 97 7.48 1.15 -8.28
CA ILE A 97 6.65 -0.05 -8.26
C ILE A 97 6.77 -0.86 -9.57
N THR A 98 6.32 -0.26 -10.68
CA THR A 98 6.46 -0.87 -12.01
C THR A 98 7.20 0.07 -12.97
N LYS A 99 8.08 -0.50 -13.80
CA LYS A 99 8.85 0.29 -14.78
C LYS A 99 7.93 0.92 -15.83
N LYS A 100 6.77 0.32 -16.03
CA LYS A 100 5.76 0.84 -16.98
C LYS A 100 5.28 2.25 -16.59
N SER A 101 5.17 2.51 -15.28
CA SER A 101 4.62 3.79 -14.80
C SER A 101 5.69 4.64 -14.09
N GLY A 102 6.68 3.98 -13.49
CA GLY A 102 7.77 4.69 -12.81
C GLY A 102 7.35 5.44 -11.55
N VAL A 103 6.33 4.93 -10.85
CA VAL A 103 5.83 5.58 -9.64
C VAL A 103 6.59 5.13 -8.38
N VAL A 104 6.98 6.10 -7.54
CA VAL A 104 7.68 5.83 -6.27
C VAL A 104 6.72 6.02 -5.08
N LEU A 105 7.02 5.37 -3.96
CA LEU A 105 6.19 5.47 -2.75
C LEU A 105 6.67 6.58 -1.80
N LEU A 106 5.85 7.61 -1.60
CA LEU A 106 6.16 8.69 -0.66
C LEU A 106 4.88 9.16 0.08
N ASN A 107 5.06 9.76 1.27
CA ASN A 107 3.94 10.22 2.12
C ASN A 107 2.70 9.27 2.12
N PRO A 108 2.74 8.20 2.94
CA PRO A 108 1.64 7.23 3.03
C PRO A 108 0.37 7.80 3.70
N ILE A 109 -0.80 7.34 3.24
CA ILE A 109 -2.08 7.81 3.78
C ILE A 109 -2.65 6.82 4.83
N PRO A 110 -3.00 7.30 6.04
CA PRO A 110 -3.61 6.44 7.08
C PRO A 110 -5.01 5.93 6.69
N LYS A 111 -5.34 4.70 7.11
CA LYS A 111 -6.62 4.08 6.73
C LYS A 111 -7.82 4.83 7.29
N ASP A 112 -8.84 5.00 6.45
CA ASP A 112 -10.06 5.73 6.80
C ASP A 112 -10.90 4.97 7.85
N LYS A 113 -11.74 5.71 8.57
CA LYS A 113 -12.72 5.10 9.50
C LYS A 113 -14.01 4.75 8.73
N LYS A 114 -13.93 4.83 7.40
CA LYS A 114 -15.10 4.70 6.53
C LYS A 114 -15.21 3.29 5.89
N TRP A 115 -16.09 2.48 6.46
CA TRP A 115 -16.51 1.23 5.82
C TRP A 115 -17.91 1.41 5.22
N ILE A 116 -18.35 2.67 5.19
CA ILE A 116 -19.70 3.06 4.77
C ILE A 116 -19.72 3.60 3.31
N MET A 1 -1.19 18.37 23.77
CA MET A 1 0.17 17.84 24.02
C MET A 1 0.40 16.51 23.27
N GLY A 2 -0.48 15.54 23.49
CA GLY A 2 -0.43 14.28 22.75
C GLY A 2 0.39 13.19 23.44
N HIS A 3 1.25 12.51 22.68
CA HIS A 3 2.07 11.41 23.22
C HIS A 3 3.31 11.16 22.34
N HIS A 4 4.49 11.31 22.94
CA HIS A 4 5.76 11.19 22.20
C HIS A 4 6.28 9.74 22.19
N HIS A 5 5.84 8.94 21.21
CA HIS A 5 6.28 7.54 21.08
C HIS A 5 6.16 7.05 19.63
N HIS A 6 7.30 6.64 19.04
CA HIS A 6 7.34 6.25 17.62
C HIS A 6 7.31 4.71 17.44
N HIS A 7 6.98 4.28 16.22
CA HIS A 7 7.08 2.87 15.82
C HIS A 7 8.55 2.50 15.52
N HIS A 8 8.96 1.27 15.84
CA HIS A 8 10.35 0.86 15.62
C HIS A 8 10.57 -0.64 15.89
N SER A 9 11.60 -1.20 15.24
CA SER A 9 12.02 -2.60 15.45
C SER A 9 10.95 -3.62 15.04
N HIS A 10 9.91 -3.76 15.85
CA HIS A 10 8.86 -4.75 15.59
C HIS A 10 7.92 -4.31 14.46
N MET A 11 7.63 -5.23 13.54
CA MET A 11 6.77 -4.93 12.39
C MET A 11 5.29 -5.05 12.75
N LYS A 12 4.49 -4.11 12.24
CA LYS A 12 3.03 -4.16 12.38
C LYS A 12 2.41 -5.03 11.26
N PRO A 13 1.35 -5.81 11.58
CA PRO A 13 0.63 -6.58 10.56
C PRO A 13 -0.07 -5.67 9.53
N LEU A 14 -0.48 -6.24 8.40
CA LEU A 14 -1.10 -5.46 7.31
C LEU A 14 -2.28 -4.62 7.82
N ALA A 15 -3.11 -5.21 8.67
CA ALA A 15 -4.27 -4.51 9.25
C ALA A 15 -3.85 -3.33 10.15
N GLU A 16 -2.60 -3.36 10.63
CA GLU A 16 -2.07 -2.30 11.50
C GLU A 16 -1.20 -1.28 10.72
N GLN A 17 -1.15 -1.43 9.41
CA GLN A 17 -0.45 -0.46 8.56
C GLN A 17 -1.38 0.71 8.21
N ASP A 18 -0.90 1.93 8.44
CA ASP A 18 -1.70 3.14 8.23
C ASP A 18 -2.08 3.33 6.75
N TRP A 19 -1.23 2.84 5.86
CA TRP A 19 -1.49 2.91 4.41
C TRP A 19 -2.49 1.84 3.93
N TYR A 20 -2.91 0.95 4.84
CA TYR A 20 -3.90 -0.08 4.52
C TYR A 20 -5.31 0.37 4.98
N HIS A 21 -6.23 0.49 4.03
CA HIS A 21 -7.58 0.99 4.33
C HIS A 21 -8.66 -0.11 4.18
N GLY A 22 -8.24 -1.36 4.12
CA GLY A 22 -9.19 -2.47 4.02
C GLY A 22 -9.73 -2.68 2.61
N ALA A 23 -10.88 -3.34 2.51
CA ALA A 23 -11.50 -3.62 1.20
C ALA A 23 -12.47 -2.52 0.76
N ILE A 24 -11.92 -1.35 0.45
CA ILE A 24 -12.74 -0.22 -0.02
C ILE A 24 -12.87 -0.24 -1.56
N PRO A 25 -14.02 0.23 -2.09
CA PRO A 25 -14.27 0.27 -3.55
C PRO A 25 -13.31 1.18 -4.33
N ARG A 26 -13.38 1.10 -5.66
CA ARG A 26 -12.49 1.86 -6.54
C ARG A 26 -12.59 3.38 -6.32
N ILE A 27 -13.81 3.91 -6.39
CA ILE A 27 -14.03 5.35 -6.23
C ILE A 27 -13.56 5.85 -4.85
N GLU A 28 -13.91 5.13 -3.79
CA GLU A 28 -13.46 5.46 -2.43
C GLU A 28 -11.92 5.61 -2.35
N ALA A 29 -11.19 4.76 -3.08
CA ALA A 29 -9.73 4.81 -3.08
C ALA A 29 -9.20 6.05 -3.84
N GLN A 30 -9.71 6.28 -5.05
CA GLN A 30 -9.22 7.38 -5.90
C GLN A 30 -9.60 8.76 -5.32
N GLU A 31 -10.70 8.82 -4.57
CA GLU A 31 -11.17 10.07 -3.95
C GLU A 31 -10.13 10.69 -2.98
N LEU A 32 -9.43 9.85 -2.21
CA LEU A 32 -8.51 10.34 -1.19
C LEU A 32 -7.15 10.75 -1.78
N LEU A 33 -6.76 10.10 -2.88
CA LEU A 33 -5.49 10.41 -3.58
C LEU A 33 -5.46 11.89 -4.01
N LYS A 34 -4.73 12.72 -3.24
CA LYS A 34 -4.81 14.18 -3.40
C LYS A 34 -3.44 14.86 -3.62
N LYS A 35 -2.35 14.10 -3.64
CA LYS A 35 -1.02 14.70 -3.83
C LYS A 35 -0.06 13.74 -4.56
N GLN A 36 0.98 14.29 -5.20
CA GLN A 36 1.95 13.47 -5.91
C GLN A 36 2.72 12.55 -4.93
N GLY A 37 2.49 11.25 -5.04
CA GLY A 37 3.09 10.30 -4.10
C GLY A 37 2.06 9.63 -3.21
N ASP A 38 0.89 10.27 -3.08
CA ASP A 38 -0.24 9.77 -2.31
C ASP A 38 -0.58 8.32 -2.71
N PHE A 39 -0.57 7.38 -1.75
CA PHE A 39 -0.84 5.98 -2.06
C PHE A 39 -1.49 5.23 -0.89
N LEU A 40 -2.23 4.17 -1.22
CA LEU A 40 -2.78 3.25 -0.22
C LEU A 40 -2.96 1.85 -0.81
N VAL A 41 -2.92 0.84 0.05
CA VAL A 41 -3.23 -0.54 -0.35
C VAL A 41 -4.62 -0.96 0.13
N ARG A 42 -5.42 -1.47 -0.79
CA ARG A 42 -6.78 -1.91 -0.47
C ARG A 42 -7.04 -3.31 -1.03
N GLU A 43 -8.07 -3.97 -0.51
CA GLU A 43 -8.52 -5.25 -1.08
C GLU A 43 -9.66 -5.00 -2.08
N SER A 44 -9.75 -5.84 -3.11
CA SER A 44 -10.77 -5.70 -4.14
C SER A 44 -12.18 -5.90 -3.56
N HIS A 45 -12.99 -4.84 -3.57
CA HIS A 45 -14.34 -4.92 -3.00
C HIS A 45 -15.24 -5.79 -3.89
N GLY A 46 -15.23 -7.10 -3.62
CA GLY A 46 -15.95 -8.06 -4.44
C GLY A 46 -15.12 -9.30 -4.72
N LYS A 47 -13.79 -9.15 -4.68
CA LYS A 47 -12.87 -10.26 -4.90
C LYS A 47 -11.81 -10.33 -3.79
N PRO A 48 -12.12 -10.99 -2.65
CA PRO A 48 -11.17 -11.18 -1.55
C PRO A 48 -9.86 -11.84 -2.00
N GLY A 49 -8.73 -11.36 -1.48
CA GLY A 49 -7.42 -11.86 -1.90
C GLY A 49 -6.76 -10.99 -2.96
N GLU A 50 -7.57 -10.39 -3.84
CA GLU A 50 -7.06 -9.49 -4.87
C GLU A 50 -6.79 -8.10 -4.29
N TYR A 51 -5.55 -7.81 -3.93
CA TYR A 51 -5.19 -6.52 -3.35
C TYR A 51 -4.73 -5.52 -4.41
N VAL A 52 -5.36 -4.35 -4.41
CA VAL A 52 -5.06 -3.29 -5.40
C VAL A 52 -4.39 -2.08 -4.75
N LEU A 53 -3.21 -1.72 -5.26
CA LEU A 53 -2.51 -0.52 -4.85
C LEU A 53 -2.97 0.68 -5.69
N SER A 54 -3.21 1.82 -5.04
CA SER A 54 -3.61 3.04 -5.75
C SER A 54 -2.74 4.22 -5.34
N VAL A 55 -2.12 4.88 -6.33
CA VAL A 55 -1.20 5.98 -6.08
C VAL A 55 -1.42 7.15 -7.06
N TYR A 56 -1.15 8.36 -6.62
CA TYR A 56 -1.35 9.57 -7.42
C TYR A 56 -0.04 10.04 -8.08
N SER A 57 0.10 9.78 -9.38
CA SER A 57 1.32 10.14 -10.14
C SER A 57 0.95 10.79 -11.48
N ASP A 58 1.73 11.79 -11.89
CA ASP A 58 1.51 12.49 -13.17
C ASP A 58 0.20 13.31 -13.14
N GLY A 59 -0.38 13.47 -11.94
CA GLY A 59 -1.68 14.10 -11.82
C GLY A 59 -2.82 13.13 -12.09
N GLN A 60 -2.50 11.84 -12.15
CA GLN A 60 -3.47 10.79 -12.46
C GLN A 60 -3.51 9.71 -11.37
N ARG A 61 -4.63 8.99 -11.28
CA ARG A 61 -4.75 7.85 -10.35
C ARG A 61 -4.22 6.55 -10.98
N ARG A 62 -3.06 6.08 -10.51
CA ARG A 62 -2.52 4.78 -10.93
C ARG A 62 -3.15 3.63 -10.11
N HIS A 63 -3.31 2.47 -10.74
CA HIS A 63 -3.87 1.29 -10.04
C HIS A 63 -3.06 0.03 -10.38
N PHE A 64 -2.46 -0.58 -9.36
CA PHE A 64 -1.63 -1.79 -9.54
C PHE A 64 -2.22 -2.99 -8.77
N ILE A 65 -2.64 -4.03 -9.49
CA ILE A 65 -3.18 -5.24 -8.86
C ILE A 65 -2.05 -6.22 -8.51
N ILE A 66 -2.03 -6.68 -7.26
CA ILE A 66 -1.00 -7.61 -6.79
C ILE A 66 -1.29 -9.07 -7.17
N GLN A 67 -0.37 -9.71 -7.88
CA GLN A 67 -0.49 -11.13 -8.21
C GLN A 67 0.13 -12.01 -7.11
N TYR A 68 -0.64 -12.98 -6.63
CA TYR A 68 -0.16 -13.92 -5.61
C TYR A 68 0.48 -15.15 -6.27
N VAL A 69 1.80 -15.15 -6.37
CA VAL A 69 2.53 -16.19 -7.11
C VAL A 69 3.55 -16.91 -6.21
N ASP A 70 3.42 -18.23 -6.10
CA ASP A 70 4.34 -19.06 -5.28
C ASP A 70 4.40 -18.56 -3.83
N ASN A 71 3.24 -18.18 -3.28
CA ASN A 71 3.14 -17.67 -1.90
C ASN A 71 3.85 -16.33 -1.71
N MET A 72 4.16 -15.66 -2.83
CA MET A 72 4.78 -14.34 -2.80
C MET A 72 3.91 -13.29 -3.52
N TYR A 73 3.70 -12.15 -2.86
CA TYR A 73 2.96 -11.04 -3.46
C TYR A 73 3.87 -10.19 -4.37
N ARG A 74 3.49 -10.07 -5.64
CA ARG A 74 4.33 -9.35 -6.62
C ARG A 74 3.50 -8.38 -7.48
N PHE A 75 4.13 -7.28 -7.88
CA PHE A 75 3.51 -6.32 -8.81
C PHE A 75 3.99 -6.56 -10.25
N GLU A 76 5.31 -6.71 -10.42
CA GLU A 76 5.92 -6.84 -11.75
C GLU A 76 7.19 -7.69 -11.69
N GLY A 77 8.18 -7.22 -10.93
CA GLY A 77 9.43 -7.97 -10.77
C GLY A 77 9.43 -8.86 -9.53
N THR A 78 10.41 -8.65 -8.65
CA THR A 78 10.53 -9.45 -7.42
C THR A 78 9.41 -9.16 -6.42
N GLY A 79 8.89 -10.21 -5.77
CA GLY A 79 7.80 -10.07 -4.80
C GLY A 79 8.16 -10.59 -3.41
N PHE A 80 7.31 -10.28 -2.43
CA PHE A 80 7.53 -10.70 -1.03
C PHE A 80 6.33 -11.51 -0.49
N SER A 81 6.62 -12.51 0.34
CA SER A 81 5.57 -13.40 0.88
C SER A 81 4.57 -12.65 1.78
N ASN A 82 4.96 -11.46 2.22
CA ASN A 82 4.08 -10.61 3.06
C ASN A 82 3.87 -9.24 2.41
N ILE A 83 2.61 -8.81 2.32
CA ILE A 83 2.27 -7.50 1.75
C ILE A 83 2.96 -6.34 2.51
N PRO A 84 2.91 -6.32 3.88
CA PRO A 84 3.64 -5.31 4.67
C PRO A 84 5.12 -5.24 4.29
N GLN A 85 5.78 -6.39 4.20
CA GLN A 85 7.20 -6.46 3.80
C GLN A 85 7.41 -5.92 2.37
N LEU A 86 6.51 -6.29 1.45
CA LEU A 86 6.58 -5.84 0.07
C LEU A 86 6.57 -4.30 -0.02
N ILE A 87 5.51 -3.70 0.52
CA ILE A 87 5.34 -2.24 0.48
C ILE A 87 6.40 -1.51 1.32
N ASP A 88 6.56 -1.93 2.58
CA ASP A 88 7.52 -1.29 3.50
C ASP A 88 8.95 -1.31 2.96
N HIS A 89 9.39 -2.45 2.44
CA HIS A 89 10.74 -2.56 1.88
C HIS A 89 10.95 -1.59 0.72
N HIS A 90 9.95 -1.49 -0.17
CA HIS A 90 10.02 -0.53 -1.29
C HIS A 90 9.93 0.93 -0.79
N TYR A 91 9.10 1.17 0.22
CA TYR A 91 8.93 2.50 0.81
C TYR A 91 10.23 3.01 1.46
N THR A 92 10.89 2.13 2.20
CA THR A 92 12.16 2.47 2.88
C THR A 92 13.32 2.62 1.88
N THR A 93 13.44 1.67 0.94
CA THR A 93 14.49 1.73 -0.08
C THR A 93 14.18 2.76 -1.17
N LYS A 94 12.94 3.27 -1.16
CA LYS A 94 12.49 4.31 -2.09
C LYS A 94 12.52 3.83 -3.56
N GLN A 95 12.30 2.53 -3.75
CA GLN A 95 12.30 1.93 -5.08
C GLN A 95 10.90 1.99 -5.74
N VAL A 96 10.88 1.88 -7.07
CA VAL A 96 9.63 1.98 -7.83
C VAL A 96 8.78 0.70 -7.73
N ILE A 97 7.47 0.84 -7.93
CA ILE A 97 6.55 -0.31 -7.98
C ILE A 97 6.72 -1.09 -9.30
N THR A 98 6.49 -0.39 -10.41
CA THR A 98 6.67 -0.98 -11.74
C THR A 98 7.52 -0.07 -12.64
N LYS A 99 8.40 -0.67 -13.44
CA LYS A 99 9.26 0.09 -14.36
C LYS A 99 8.43 0.78 -15.46
N LYS A 100 7.28 0.17 -15.77
CA LYS A 100 6.39 0.69 -16.82
C LYS A 100 5.63 1.95 -16.36
N SER A 101 5.60 2.18 -15.05
CA SER A 101 4.90 3.36 -14.49
C SER A 101 5.87 4.30 -13.74
N GLY A 102 7.02 3.76 -13.32
CA GLY A 102 8.05 4.58 -12.67
C GLY A 102 7.59 5.33 -11.42
N VAL A 103 6.64 4.76 -10.67
CA VAL A 103 6.09 5.41 -9.48
C VAL A 103 6.81 4.96 -8.19
N VAL A 104 7.14 5.92 -7.34
CA VAL A 104 7.79 5.66 -6.04
C VAL A 104 6.81 5.91 -4.88
N LEU A 105 7.03 5.25 -3.74
CA LEU A 105 6.15 5.39 -2.57
C LEU A 105 6.62 6.50 -1.61
N LEU A 106 5.79 7.51 -1.41
CA LEU A 106 6.05 8.56 -0.43
C LEU A 106 4.76 9.03 0.28
N ASN A 107 4.92 9.57 1.49
CA ASN A 107 3.81 10.08 2.33
C ASN A 107 2.44 9.38 2.13
N PRO A 108 2.24 8.19 2.72
CA PRO A 108 0.96 7.47 2.63
C PRO A 108 -0.14 8.10 3.52
N ILE A 109 -1.40 7.90 3.12
CA ILE A 109 -2.53 8.45 3.88
C ILE A 109 -2.97 7.48 5.01
N PRO A 110 -2.99 7.96 6.28
CA PRO A 110 -3.31 7.12 7.45
C PRO A 110 -4.73 6.50 7.42
N LYS A 111 -4.93 5.44 8.20
CA LYS A 111 -6.23 4.77 8.34
C LYS A 111 -7.04 5.36 9.50
N ASP A 112 -8.21 4.78 9.76
CA ASP A 112 -9.07 5.22 10.87
C ASP A 112 -9.97 4.08 11.37
N LYS A 113 -10.72 4.31 12.44
CA LYS A 113 -11.61 3.30 13.02
C LYS A 113 -13.08 3.48 12.59
N LYS A 114 -13.28 4.15 11.46
CA LYS A 114 -14.64 4.32 10.91
C LYS A 114 -15.15 3.01 10.27
N TRP A 115 -15.65 2.10 11.10
CA TRP A 115 -16.17 0.81 10.63
C TRP A 115 -17.66 0.91 10.25
N ILE A 116 -18.21 2.13 10.33
CA ILE A 116 -19.65 2.38 10.09
C ILE A 116 -20.21 1.71 8.80
N MET A 1 -2.14 20.14 23.57
CA MET A 1 -1.37 19.17 24.41
C MET A 1 -0.81 18.02 23.57
N GLY A 2 0.03 18.34 22.59
CA GLY A 2 0.65 17.33 21.76
C GLY A 2 2.05 16.95 22.25
N HIS A 3 2.53 15.78 21.83
CA HIS A 3 3.86 15.32 22.23
C HIS A 3 4.53 14.50 21.10
N HIS A 4 5.85 14.36 21.19
CA HIS A 4 6.62 13.56 20.22
C HIS A 4 6.06 12.13 20.09
N HIS A 5 5.84 11.71 18.84
CA HIS A 5 5.25 10.41 18.56
C HIS A 5 5.90 9.77 17.31
N HIS A 6 6.60 8.66 17.50
CA HIS A 6 7.34 8.00 16.41
C HIS A 6 6.87 6.55 16.21
N HIS A 7 6.91 6.07 14.97
CA HIS A 7 6.55 4.68 14.66
C HIS A 7 7.81 3.78 14.57
N HIS A 8 8.16 3.17 15.69
CA HIS A 8 9.28 2.21 15.73
C HIS A 8 8.90 0.96 16.53
N SER A 9 8.59 -0.12 15.82
CA SER A 9 8.21 -1.40 16.44
C SER A 9 8.32 -2.54 15.41
N HIS A 10 7.87 -3.73 15.79
CA HIS A 10 7.89 -4.90 14.89
C HIS A 10 6.82 -4.76 13.79
N MET A 11 6.89 -5.62 12.78
CA MET A 11 5.97 -5.55 11.64
C MET A 11 4.52 -5.87 12.05
N LYS A 12 3.71 -4.82 12.21
CA LYS A 12 2.26 -4.98 12.42
C LYS A 12 1.60 -5.65 11.20
N PRO A 13 0.48 -6.37 11.39
CA PRO A 13 -0.27 -7.01 10.29
C PRO A 13 -0.83 -5.99 9.28
N LEU A 14 -1.34 -6.48 8.15
CA LEU A 14 -1.82 -5.64 7.05
C LEU A 14 -2.94 -4.69 7.51
N ALA A 15 -3.87 -5.21 8.31
CA ALA A 15 -4.99 -4.40 8.82
C ALA A 15 -4.52 -3.24 9.72
N GLU A 16 -3.32 -3.36 10.28
CA GLU A 16 -2.75 -2.32 11.14
C GLU A 16 -1.98 -1.27 10.31
N GLN A 17 -1.45 -1.69 9.17
CA GLN A 17 -0.69 -0.78 8.28
C GLN A 17 -1.53 0.43 7.86
N ASP A 18 -1.01 1.63 8.15
CA ASP A 18 -1.76 2.87 7.91
C ASP A 18 -2.14 3.07 6.43
N TRP A 19 -1.30 2.58 5.52
CA TRP A 19 -1.56 2.72 4.08
C TRP A 19 -2.59 1.68 3.57
N TYR A 20 -2.99 0.74 4.42
CA TYR A 20 -4.04 -0.22 4.05
C TYR A 20 -5.42 0.29 4.50
N HIS A 21 -6.36 0.40 3.56
CA HIS A 21 -7.69 0.96 3.85
C HIS A 21 -8.83 -0.04 3.61
N GLY A 22 -8.88 -1.07 4.46
CA GLY A 22 -10.06 -1.93 4.63
C GLY A 22 -10.97 -2.15 3.42
N ALA A 23 -10.38 -2.48 2.27
CA ALA A 23 -11.16 -2.86 1.07
C ALA A 23 -12.17 -1.79 0.62
N ILE A 24 -11.87 -0.52 0.90
CA ILE A 24 -12.78 0.58 0.54
C ILE A 24 -13.07 0.63 -0.97
N PRO A 25 -14.25 1.15 -1.36
CA PRO A 25 -14.64 1.28 -2.79
C PRO A 25 -13.56 1.95 -3.66
N ARG A 26 -13.51 1.55 -4.94
CA ARG A 26 -12.51 2.08 -5.88
C ARG A 26 -12.57 3.62 -5.94
N ILE A 27 -13.78 4.17 -5.91
CA ILE A 27 -13.97 5.63 -5.85
C ILE A 27 -13.27 6.24 -4.63
N GLU A 28 -13.63 5.76 -3.44
CA GLU A 28 -13.06 6.26 -2.18
C GLU A 28 -11.52 6.18 -2.18
N ALA A 29 -11.00 5.15 -2.82
CA ALA A 29 -9.54 4.93 -2.88
C ALA A 29 -8.85 6.02 -3.70
N GLN A 30 -9.47 6.44 -4.80
CA GLN A 30 -8.91 7.49 -5.65
C GLN A 30 -9.24 8.89 -5.13
N GLU A 31 -10.38 9.03 -4.43
CA GLU A 31 -10.85 10.33 -3.95
C GLU A 31 -9.99 10.92 -2.83
N LEU A 32 -9.33 10.07 -2.05
CA LEU A 32 -8.42 10.56 -0.99
C LEU A 32 -7.07 11.00 -1.58
N LEU A 33 -6.74 10.45 -2.74
CA LEU A 33 -5.51 10.77 -3.47
C LEU A 33 -5.56 12.21 -4.02
N LYS A 34 -4.57 13.04 -3.67
CA LYS A 34 -4.60 14.47 -4.06
C LYS A 34 -3.23 14.99 -4.57
N LYS A 35 -2.13 14.56 -3.96
CA LYS A 35 -0.79 14.99 -4.37
C LYS A 35 0.04 13.82 -4.93
N GLN A 36 1.09 14.15 -5.68
CA GLN A 36 1.97 13.12 -6.25
C GLN A 36 2.76 12.41 -5.13
N GLY A 37 2.39 11.17 -4.85
CA GLY A 37 3.05 10.40 -3.80
C GLY A 37 2.07 9.60 -2.95
N ASP A 38 0.86 10.14 -2.77
CA ASP A 38 -0.18 9.46 -1.98
C ASP A 38 -0.44 8.04 -2.51
N PHE A 39 -0.43 7.05 -1.61
CA PHE A 39 -0.70 5.67 -1.99
C PHE A 39 -1.44 4.90 -0.89
N LEU A 40 -2.26 3.93 -1.31
CA LEU A 40 -2.94 3.04 -0.37
C LEU A 40 -3.17 1.65 -0.99
N VAL A 41 -3.24 0.64 -0.13
CA VAL A 41 -3.59 -0.72 -0.56
C VAL A 41 -4.99 -1.10 -0.04
N ARG A 42 -5.81 -1.67 -0.91
CA ARG A 42 -7.16 -2.11 -0.52
C ARG A 42 -7.42 -3.54 -1.00
N GLU A 43 -8.41 -4.21 -0.39
CA GLU A 43 -8.82 -5.54 -0.84
C GLU A 43 -10.03 -5.45 -1.78
N SER A 44 -10.10 -6.33 -2.78
CA SER A 44 -11.22 -6.35 -3.74
C SER A 44 -12.47 -6.99 -3.13
N HIS A 45 -13.65 -6.49 -3.50
CA HIS A 45 -14.92 -7.08 -3.06
C HIS A 45 -15.34 -8.25 -3.95
N GLY A 46 -15.52 -7.98 -5.23
CA GLY A 46 -15.93 -9.02 -6.18
C GLY A 46 -14.92 -10.16 -6.31
N LYS A 47 -13.66 -9.90 -5.94
CA LYS A 47 -12.61 -10.92 -6.00
C LYS A 47 -11.90 -11.08 -4.63
N PRO A 48 -12.34 -12.06 -3.82
CA PRO A 48 -11.75 -12.32 -2.50
C PRO A 48 -10.29 -12.79 -2.58
N GLY A 49 -9.36 -11.90 -2.24
CA GLY A 49 -7.94 -12.24 -2.28
C GLY A 49 -7.11 -11.32 -3.18
N GLU A 50 -7.79 -10.54 -4.03
CA GLU A 50 -7.10 -9.59 -4.91
C GLU A 50 -6.90 -8.24 -4.21
N TYR A 51 -5.64 -7.92 -3.90
CA TYR A 51 -5.30 -6.63 -3.30
C TYR A 51 -4.79 -5.66 -4.37
N VAL A 52 -5.23 -4.41 -4.31
CA VAL A 52 -4.86 -3.41 -5.32
C VAL A 52 -4.21 -2.16 -4.68
N LEU A 53 -3.05 -1.78 -5.22
CA LEU A 53 -2.36 -0.55 -4.81
C LEU A 53 -2.87 0.64 -5.63
N SER A 54 -3.04 1.79 -4.98
CA SER A 54 -3.50 3.01 -5.66
C SER A 54 -2.62 4.21 -5.29
N VAL A 55 -1.83 4.68 -6.25
CA VAL A 55 -0.92 5.81 -6.02
C VAL A 55 -1.26 6.99 -6.95
N TYR A 56 -1.04 8.21 -6.46
CA TYR A 56 -1.38 9.43 -7.22
C TYR A 56 -0.14 10.07 -7.85
N SER A 57 -0.14 10.18 -9.19
CA SER A 57 0.96 10.86 -9.91
C SER A 57 0.46 11.56 -11.18
N ASP A 58 0.95 12.78 -11.43
CA ASP A 58 0.61 13.55 -12.65
C ASP A 58 -0.91 13.83 -12.73
N GLY A 59 -1.56 13.86 -11.57
CA GLY A 59 -3.02 14.05 -11.52
C GLY A 59 -3.80 12.75 -11.77
N GLN A 60 -3.07 11.69 -12.12
CA GLN A 60 -3.68 10.39 -12.43
C GLN A 60 -3.61 9.45 -11.21
N ARG A 61 -4.63 8.63 -11.02
CA ARG A 61 -4.61 7.62 -9.97
C ARG A 61 -4.19 6.26 -10.56
N ARG A 62 -2.94 5.88 -10.33
CA ARG A 62 -2.36 4.65 -10.89
C ARG A 62 -2.64 3.45 -9.99
N HIS A 63 -3.26 2.41 -10.55
CA HIS A 63 -3.62 1.22 -9.77
C HIS A 63 -2.75 0.01 -10.17
N PHE A 64 -2.09 -0.59 -9.19
CA PHE A 64 -1.25 -1.78 -9.43
C PHE A 64 -1.82 -2.99 -8.70
N ILE A 65 -2.25 -4.00 -9.46
CA ILE A 65 -2.84 -5.21 -8.88
C ILE A 65 -1.76 -6.16 -8.33
N ILE A 66 -1.96 -6.63 -7.10
CA ILE A 66 -1.04 -7.57 -6.47
C ILE A 66 -1.45 -9.03 -6.76
N GLN A 67 -0.54 -9.81 -7.35
CA GLN A 67 -0.77 -11.24 -7.54
C GLN A 67 -0.03 -12.07 -6.48
N TYR A 68 -0.78 -12.87 -5.72
CA TYR A 68 -0.18 -13.75 -4.71
C TYR A 68 0.23 -15.08 -5.34
N VAL A 69 1.52 -15.20 -5.69
CA VAL A 69 2.04 -16.40 -6.36
C VAL A 69 3.34 -16.89 -5.70
N ASP A 70 3.51 -18.21 -5.60
CA ASP A 70 4.69 -18.81 -4.95
C ASP A 70 4.86 -18.32 -3.50
N ASN A 71 3.74 -18.02 -2.84
CA ASN A 71 3.73 -17.48 -1.47
C ASN A 71 4.30 -16.04 -1.42
N MET A 72 4.48 -15.43 -2.58
CA MET A 72 5.03 -14.07 -2.68
C MET A 72 4.01 -13.10 -3.33
N TYR A 73 3.84 -11.94 -2.72
CA TYR A 73 3.01 -10.88 -3.29
C TYR A 73 3.82 -10.04 -4.29
N ARG A 74 3.38 -10.04 -5.55
CA ARG A 74 4.10 -9.35 -6.62
C ARG A 74 3.19 -8.41 -7.44
N PHE A 75 3.75 -7.34 -7.98
CA PHE A 75 3.02 -6.43 -8.88
C PHE A 75 3.24 -6.80 -10.35
N GLU A 76 4.49 -7.15 -10.67
CA GLU A 76 4.88 -7.49 -12.05
C GLU A 76 5.94 -8.60 -12.04
N GLY A 77 7.10 -8.31 -11.45
CA GLY A 77 8.16 -9.30 -11.31
C GLY A 77 8.63 -9.47 -9.87
N THR A 78 9.31 -8.46 -9.34
CA THR A 78 9.80 -8.48 -7.95
C THR A 78 8.66 -8.64 -6.94
N GLY A 79 8.75 -9.67 -6.10
CA GLY A 79 7.70 -9.94 -5.11
C GLY A 79 8.26 -10.26 -3.72
N PHE A 80 7.47 -10.00 -2.69
CA PHE A 80 7.89 -10.24 -1.29
C PHE A 80 6.94 -11.21 -0.56
N SER A 81 7.43 -11.84 0.50
CA SER A 81 6.64 -12.81 1.28
C SER A 81 5.36 -12.17 1.86
N ASN A 82 5.43 -10.90 2.21
CA ASN A 82 4.31 -10.19 2.84
C ASN A 82 4.00 -8.87 2.13
N ILE A 83 2.73 -8.46 2.15
CA ILE A 83 2.34 -7.16 1.59
C ILE A 83 3.01 -5.99 2.35
N PRO A 84 2.99 -5.99 3.72
CA PRO A 84 3.73 -4.98 4.51
C PRO A 84 5.21 -4.90 4.11
N GLN A 85 5.87 -6.05 3.94
CA GLN A 85 7.27 -6.09 3.49
C GLN A 85 7.42 -5.53 2.07
N LEU A 86 6.50 -5.91 1.19
CA LEU A 86 6.50 -5.42 -0.20
C LEU A 86 6.49 -3.88 -0.26
N ILE A 87 5.50 -3.28 0.39
CA ILE A 87 5.36 -1.82 0.41
C ILE A 87 6.48 -1.15 1.23
N ASP A 88 6.69 -1.62 2.47
CA ASP A 88 7.71 -1.04 3.36
C ASP A 88 9.11 -1.04 2.72
N HIS A 89 9.52 -2.19 2.17
CA HIS A 89 10.84 -2.31 1.56
C HIS A 89 10.98 -1.38 0.35
N HIS A 90 9.90 -1.20 -0.41
CA HIS A 90 9.89 -0.21 -1.49
C HIS A 90 10.05 1.23 -0.94
N TYR A 91 9.37 1.50 0.16
CA TYR A 91 9.39 2.83 0.79
C TYR A 91 10.79 3.16 1.36
N THR A 92 11.38 2.20 2.06
CA THR A 92 12.70 2.40 2.68
C THR A 92 13.81 2.53 1.63
N THR A 93 13.74 1.72 0.57
CA THR A 93 14.73 1.79 -0.52
C THR A 93 14.41 2.95 -1.48
N LYS A 94 13.20 3.50 -1.38
CA LYS A 94 12.77 4.62 -2.22
C LYS A 94 12.75 4.21 -3.71
N GLN A 95 12.53 2.92 -3.95
CA GLN A 95 12.54 2.36 -5.32
C GLN A 95 11.13 2.31 -5.93
N VAL A 96 11.08 2.22 -7.26
CA VAL A 96 9.81 2.20 -8.00
C VAL A 96 9.04 0.87 -7.81
N ILE A 97 7.72 0.93 -7.99
CA ILE A 97 6.87 -0.27 -7.96
C ILE A 97 7.19 -1.20 -9.13
N THR A 98 6.99 -0.71 -10.35
CA THR A 98 7.33 -1.45 -11.57
C THR A 98 8.10 -0.56 -12.55
N LYS A 99 8.97 -1.16 -13.35
CA LYS A 99 9.71 -0.42 -14.38
C LYS A 99 8.78 -0.02 -15.54
N LYS A 100 7.62 -0.68 -15.61
CA LYS A 100 6.59 -0.35 -16.60
C LYS A 100 5.86 0.96 -16.25
N SER A 101 6.05 1.44 -15.02
CA SER A 101 5.40 2.67 -14.55
C SER A 101 6.43 3.74 -14.16
N GLY A 102 7.34 3.37 -13.25
CA GLY A 102 8.33 4.31 -12.76
C GLY A 102 7.83 5.16 -11.58
N VAL A 103 6.83 4.66 -10.88
CA VAL A 103 6.25 5.38 -9.73
C VAL A 103 6.84 4.89 -8.39
N VAL A 104 7.22 5.83 -7.53
CA VAL A 104 7.81 5.51 -6.22
C VAL A 104 6.81 5.78 -5.07
N LEU A 105 7.00 5.09 -3.94
CA LEU A 105 6.11 5.25 -2.78
C LEU A 105 6.66 6.27 -1.76
N LEU A 106 5.84 7.27 -1.43
CA LEU A 106 6.18 8.24 -0.38
C LEU A 106 4.93 8.62 0.44
N ASN A 107 5.15 9.18 1.64
CA ASN A 107 4.07 9.62 2.56
C ASN A 107 2.78 8.78 2.49
N PRO A 108 2.68 7.71 3.32
CA PRO A 108 1.47 6.86 3.38
C PRO A 108 0.25 7.58 3.99
N ILE A 109 -0.91 7.45 3.36
CA ILE A 109 -2.14 8.10 3.84
C ILE A 109 -2.77 7.31 5.01
N PRO A 110 -2.94 7.97 6.18
CA PRO A 110 -3.54 7.33 7.37
C PRO A 110 -4.92 6.69 7.12
N LYS A 111 -5.22 5.59 7.81
CA LYS A 111 -6.47 4.84 7.60
C LYS A 111 -7.59 5.28 8.55
N ASP A 112 -8.82 5.35 8.03
CA ASP A 112 -10.00 5.68 8.83
C ASP A 112 -10.75 4.40 9.25
N LYS A 113 -10.72 4.07 10.55
CA LYS A 113 -11.37 2.85 11.05
C LYS A 113 -12.82 3.14 11.53
N LYS A 114 -13.43 4.17 10.95
CA LYS A 114 -14.80 4.57 11.32
C LYS A 114 -15.84 3.50 10.91
N TRP A 115 -16.58 2.99 11.88
CA TRP A 115 -17.60 1.96 11.63
C TRP A 115 -18.82 2.55 10.90
N ILE A 116 -19.32 3.69 11.41
CA ILE A 116 -20.48 4.38 10.83
C ILE A 116 -21.75 3.49 10.84
N MET A 1 27.25 15.26 20.45
CA MET A 1 26.02 14.81 21.15
C MET A 1 24.87 14.57 20.16
N GLY A 2 23.94 13.69 20.53
CA GLY A 2 22.76 13.45 19.71
C GLY A 2 21.46 13.53 20.53
N HIS A 3 20.48 14.28 20.02
CA HIS A 3 19.21 14.46 20.73
C HIS A 3 18.49 13.13 20.98
N HIS A 4 17.72 13.08 22.06
CA HIS A 4 17.07 11.85 22.51
C HIS A 4 15.93 11.40 21.57
N HIS A 5 16.13 10.26 20.90
CA HIS A 5 15.10 9.66 20.04
C HIS A 5 15.48 8.21 19.67
N HIS A 6 14.47 7.36 19.44
CA HIS A 6 14.71 5.95 19.08
C HIS A 6 13.65 5.44 18.07
N HIS A 7 13.87 4.22 17.56
CA HIS A 7 12.94 3.60 16.60
C HIS A 7 12.38 2.27 17.14
N HIS A 8 11.10 2.02 16.88
CA HIS A 8 10.39 0.86 17.45
C HIS A 8 10.95 -0.47 16.92
N SER A 9 11.26 -0.52 15.62
CA SER A 9 11.90 -1.70 14.99
C SER A 9 11.07 -2.98 15.16
N HIS A 10 9.74 -2.86 15.08
CA HIS A 10 8.84 -4.02 15.21
C HIS A 10 7.81 -4.04 14.08
N MET A 11 7.54 -5.23 13.52
CA MET A 11 6.59 -5.37 12.42
C MET A 11 5.16 -5.56 12.92
N LYS A 12 4.17 -5.20 12.10
CA LYS A 12 2.77 -5.42 12.44
C LYS A 12 1.96 -6.00 11.26
N PRO A 13 0.85 -6.70 11.57
CA PRO A 13 -0.03 -7.30 10.54
C PRO A 13 -0.63 -6.25 9.57
N LEU A 14 -1.18 -6.74 8.46
CA LEU A 14 -1.74 -5.85 7.42
C LEU A 14 -2.87 -4.96 7.97
N ALA A 15 -3.73 -5.53 8.81
CA ALA A 15 -4.85 -4.77 9.40
C ALA A 15 -4.35 -3.64 10.33
N GLU A 16 -3.07 -3.69 10.70
CA GLU A 16 -2.46 -2.65 11.53
C GLU A 16 -1.81 -1.55 10.67
N GLN A 17 -1.48 -1.89 9.42
CA GLN A 17 -0.83 -0.94 8.51
C GLN A 17 -1.73 0.29 8.25
N ASP A 18 -1.17 1.48 8.46
CA ASP A 18 -1.95 2.71 8.37
C ASP A 18 -2.24 3.11 6.92
N TRP A 19 -1.43 2.65 5.98
CA TRP A 19 -1.67 2.88 4.54
C TRP A 19 -2.69 1.87 3.97
N TYR A 20 -3.14 0.94 4.81
CA TYR A 20 -4.18 -0.03 4.42
C TYR A 20 -5.58 0.51 4.79
N HIS A 21 -6.47 0.60 3.80
CA HIS A 21 -7.81 1.15 4.01
C HIS A 21 -8.91 0.13 3.69
N GLY A 22 -8.95 -0.95 4.46
CA GLY A 22 -10.01 -1.96 4.34
C GLY A 22 -10.18 -2.50 2.91
N ALA A 23 -11.42 -2.52 2.43
CA ALA A 23 -11.74 -3.03 1.10
C ALA A 23 -12.58 -2.02 0.30
N ILE A 24 -12.28 -0.73 0.47
CA ILE A 24 -13.00 0.35 -0.21
C ILE A 24 -12.95 0.20 -1.74
N PRO A 25 -14.00 0.66 -2.46
CA PRO A 25 -14.06 0.58 -3.93
C PRO A 25 -13.05 1.51 -4.64
N ARG A 26 -12.85 1.30 -5.94
CA ARG A 26 -11.92 2.09 -6.75
C ARG A 26 -12.14 3.60 -6.55
N ILE A 27 -13.41 4.00 -6.49
CA ILE A 27 -13.78 5.41 -6.36
C ILE A 27 -13.16 6.06 -5.11
N GLU A 28 -13.46 5.53 -3.94
CA GLU A 28 -12.96 6.11 -2.69
C GLU A 28 -11.42 6.11 -2.64
N ALA A 29 -10.81 5.12 -3.29
CA ALA A 29 -9.35 5.01 -3.37
C ALA A 29 -8.73 6.10 -4.26
N GLN A 30 -9.46 6.51 -5.31
CA GLN A 30 -8.97 7.57 -6.22
C GLN A 30 -9.34 8.98 -5.73
N GLU A 31 -10.48 9.09 -5.04
CA GLU A 31 -11.01 10.39 -4.60
C GLU A 31 -10.11 11.08 -3.57
N LEU A 32 -9.58 10.30 -2.61
CA LEU A 32 -8.75 10.86 -1.54
C LEU A 32 -7.39 11.36 -2.07
N LEU A 33 -6.95 10.79 -3.20
CA LEU A 33 -5.67 11.18 -3.83
C LEU A 33 -5.73 12.62 -4.37
N LYS A 34 -4.68 13.40 -4.12
CA LYS A 34 -4.67 14.82 -4.54
C LYS A 34 -3.27 15.32 -4.97
N LYS A 35 -2.23 14.90 -4.25
CA LYS A 35 -0.86 15.35 -4.56
C LYS A 35 0.03 14.17 -4.97
N GLN A 36 1.10 14.47 -5.72
CA GLN A 36 2.01 13.43 -6.20
C GLN A 36 2.67 12.68 -5.02
N GLY A 37 2.40 11.39 -4.95
CA GLY A 37 2.97 10.55 -3.90
C GLY A 37 1.94 9.72 -3.17
N ASP A 38 0.77 10.32 -2.89
CA ASP A 38 -0.27 9.69 -2.07
C ASP A 38 -0.58 8.25 -2.54
N PHE A 39 -0.43 7.28 -1.63
CA PHE A 39 -0.73 5.89 -1.95
C PHE A 39 -1.48 5.17 -0.80
N LEU A 40 -2.35 4.23 -1.17
CA LEU A 40 -3.02 3.37 -0.20
C LEU A 40 -3.26 1.97 -0.77
N VAL A 41 -3.35 0.97 0.09
CA VAL A 41 -3.67 -0.39 -0.32
C VAL A 41 -5.09 -0.78 0.09
N ARG A 42 -5.88 -1.29 -0.86
CA ARG A 42 -7.25 -1.73 -0.59
C ARG A 42 -7.43 -3.20 -0.96
N GLU A 43 -8.28 -3.91 -0.22
CA GLU A 43 -8.57 -5.31 -0.50
C GLU A 43 -9.62 -5.44 -1.63
N SER A 44 -9.40 -6.42 -2.51
CA SER A 44 -10.36 -6.70 -3.60
C SER A 44 -11.72 -7.12 -3.03
N HIS A 45 -12.76 -6.34 -3.32
CA HIS A 45 -14.08 -6.54 -2.72
C HIS A 45 -14.63 -7.96 -2.95
N GLY A 46 -14.33 -8.87 -2.02
CA GLY A 46 -14.82 -10.25 -2.12
C GLY A 46 -13.76 -11.25 -2.57
N LYS A 47 -12.49 -10.85 -2.55
CA LYS A 47 -11.39 -11.74 -2.93
C LYS A 47 -10.28 -11.72 -1.84
N PRO A 48 -10.37 -12.59 -0.82
CA PRO A 48 -9.38 -12.65 0.26
C PRO A 48 -8.00 -13.13 -0.24
N GLY A 49 -7.19 -12.20 -0.73
CA GLY A 49 -5.88 -12.54 -1.27
C GLY A 49 -5.41 -11.55 -2.33
N GLU A 50 -6.36 -10.97 -3.08
CA GLU A 50 -6.03 -9.95 -4.10
C GLU A 50 -6.19 -8.54 -3.52
N TYR A 51 -5.16 -7.71 -3.70
CA TYR A 51 -5.18 -6.34 -3.19
C TYR A 51 -4.75 -5.36 -4.29
N VAL A 52 -5.28 -4.13 -4.25
CA VAL A 52 -4.98 -3.13 -5.27
C VAL A 52 -4.31 -1.88 -4.65
N LEU A 53 -3.14 -1.53 -5.17
CA LEU A 53 -2.41 -0.33 -4.73
C LEU A 53 -2.86 0.89 -5.55
N SER A 54 -3.36 1.91 -4.86
CA SER A 54 -3.82 3.14 -5.51
C SER A 54 -2.89 4.32 -5.17
N VAL A 55 -2.07 4.73 -6.12
CA VAL A 55 -1.12 5.82 -5.90
C VAL A 55 -1.30 6.95 -6.93
N TYR A 56 -1.07 8.18 -6.50
CA TYR A 56 -1.27 9.37 -7.35
C TYR A 56 0.07 9.96 -7.80
N SER A 57 0.26 10.14 -9.10
CA SER A 57 1.49 10.75 -9.64
C SER A 57 1.23 11.55 -10.91
N ASP A 58 1.73 12.79 -10.94
CA ASP A 58 1.68 13.65 -12.14
C ASP A 58 0.24 13.83 -12.66
N GLY A 59 -0.71 13.99 -11.73
CA GLY A 59 -2.10 14.23 -12.11
C GLY A 59 -2.87 12.95 -12.46
N GLN A 60 -2.19 11.81 -12.45
CA GLN A 60 -2.81 10.54 -12.84
C GLN A 60 -2.99 9.58 -11.66
N ARG A 61 -4.11 8.86 -11.66
CA ARG A 61 -4.35 7.78 -10.69
C ARG A 61 -3.69 6.47 -11.17
N ARG A 62 -2.56 6.13 -10.57
CA ARG A 62 -1.85 4.88 -10.90
C ARG A 62 -2.35 3.72 -10.02
N HIS A 63 -3.01 2.74 -10.65
CA HIS A 63 -3.55 1.59 -9.92
C HIS A 63 -2.81 0.30 -10.28
N PHE A 64 -2.16 -0.31 -9.29
CA PHE A 64 -1.40 -1.54 -9.50
C PHE A 64 -2.05 -2.73 -8.76
N ILE A 65 -2.44 -3.76 -9.50
CA ILE A 65 -3.03 -4.96 -8.91
C ILE A 65 -1.95 -5.92 -8.42
N ILE A 66 -2.12 -6.42 -7.19
CA ILE A 66 -1.17 -7.37 -6.61
C ILE A 66 -1.49 -8.82 -7.02
N GLN A 67 -0.55 -9.46 -7.72
CA GLN A 67 -0.69 -10.89 -8.07
C GLN A 67 -0.01 -11.77 -7.01
N TYR A 68 -0.75 -12.75 -6.51
CA TYR A 68 -0.21 -13.68 -5.51
C TYR A 68 0.32 -14.96 -6.20
N VAL A 69 1.64 -14.98 -6.43
CA VAL A 69 2.28 -16.10 -7.15
C VAL A 69 3.50 -16.61 -6.36
N ASP A 70 3.70 -17.93 -6.34
CA ASP A 70 4.78 -18.56 -5.57
C ASP A 70 4.63 -18.27 -4.06
N ASN A 71 3.40 -18.02 -3.62
CA ASN A 71 3.13 -17.60 -2.24
C ASN A 71 3.74 -16.22 -1.94
N MET A 72 3.98 -15.44 -3.00
CA MET A 72 4.56 -14.10 -2.87
C MET A 72 3.69 -13.04 -3.57
N TYR A 73 3.45 -11.93 -2.88
CA TYR A 73 2.70 -10.80 -3.45
C TYR A 73 3.63 -9.92 -4.28
N ARG A 74 3.26 -9.64 -5.54
CA ARG A 74 4.16 -8.92 -6.45
C ARG A 74 3.41 -7.89 -7.34
N PHE A 75 4.18 -7.00 -7.96
CA PHE A 75 3.64 -6.02 -8.92
C PHE A 75 4.27 -6.20 -10.31
N GLU A 76 5.50 -5.70 -10.47
CA GLU A 76 6.22 -5.78 -11.74
C GLU A 76 6.75 -7.20 -11.99
N GLY A 77 7.77 -7.60 -11.22
CA GLY A 77 8.32 -8.95 -11.31
C GLY A 77 8.76 -9.49 -9.96
N THR A 78 9.31 -8.62 -9.11
CA THR A 78 9.73 -9.00 -7.75
C THR A 78 8.52 -9.04 -6.79
N GLY A 79 8.63 -9.85 -5.74
CA GLY A 79 7.52 -9.99 -4.80
C GLY A 79 7.96 -10.50 -3.43
N PHE A 80 7.10 -10.28 -2.42
CA PHE A 80 7.40 -10.68 -1.04
C PHE A 80 6.29 -11.56 -0.45
N SER A 81 6.66 -12.49 0.42
CA SER A 81 5.71 -13.44 1.03
C SER A 81 4.54 -12.73 1.74
N ASN A 82 4.78 -11.50 2.20
CA ASN A 82 3.77 -10.74 2.95
C ASN A 82 3.54 -9.34 2.33
N ILE A 83 2.27 -8.90 2.33
CA ILE A 83 1.91 -7.58 1.78
C ILE A 83 2.61 -6.43 2.53
N PRO A 84 2.58 -6.39 3.89
CA PRO A 84 3.31 -5.38 4.67
C PRO A 84 4.79 -5.32 4.27
N GLN A 85 5.44 -6.49 4.17
CA GLN A 85 6.84 -6.57 3.72
C GLN A 85 7.01 -6.01 2.30
N LEU A 86 6.09 -6.38 1.40
CA LEU A 86 6.11 -5.91 0.01
C LEU A 86 6.12 -4.37 -0.07
N ILE A 87 5.10 -3.75 0.52
CA ILE A 87 4.96 -2.29 0.48
C ILE A 87 6.08 -1.59 1.27
N ASP A 88 6.28 -2.01 2.52
CA ASP A 88 7.30 -1.40 3.39
C ASP A 88 8.70 -1.47 2.77
N HIS A 89 9.07 -2.64 2.24
CA HIS A 89 10.40 -2.81 1.65
C HIS A 89 10.60 -1.88 0.44
N HIS A 90 9.55 -1.69 -0.37
CA HIS A 90 9.61 -0.74 -1.49
C HIS A 90 9.68 0.71 -0.99
N TYR A 91 8.89 1.04 0.02
CA TYR A 91 8.85 2.39 0.59
C TYR A 91 10.19 2.78 1.24
N THR A 92 10.76 1.86 2.01
CA THR A 92 12.02 2.11 2.74
C THR A 92 13.24 2.12 1.82
N THR A 93 13.18 1.38 0.71
CA THR A 93 14.25 1.40 -0.30
C THR A 93 14.00 2.46 -1.38
N LYS A 94 12.78 3.00 -1.39
CA LYS A 94 12.38 4.03 -2.37
C LYS A 94 12.41 3.46 -3.81
N GLN A 95 12.27 2.13 -3.92
CA GLN A 95 12.33 1.45 -5.21
C GLN A 95 10.94 1.46 -5.89
N VAL A 96 10.92 1.81 -7.17
CA VAL A 96 9.66 1.98 -7.92
C VAL A 96 8.78 0.71 -7.94
N ILE A 97 7.47 0.90 -7.96
CA ILE A 97 6.52 -0.22 -8.03
C ILE A 97 6.63 -0.96 -9.36
N THR A 98 6.40 -0.24 -10.46
CA THR A 98 6.56 -0.80 -11.82
C THR A 98 7.35 0.18 -12.71
N LYS A 99 8.25 -0.36 -13.53
CA LYS A 99 9.00 0.47 -14.48
C LYS A 99 8.09 1.01 -15.59
N LYS A 100 7.00 0.29 -15.85
CA LYS A 100 6.01 0.69 -16.85
C LYS A 100 5.32 2.03 -16.47
N SER A 101 5.42 2.42 -15.20
CA SER A 101 4.84 3.70 -14.74
C SER A 101 5.91 4.60 -14.10
N GLY A 102 6.90 4.00 -13.46
CA GLY A 102 7.96 4.77 -12.79
C GLY A 102 7.47 5.51 -11.55
N VAL A 103 6.66 4.84 -10.72
CA VAL A 103 6.08 5.47 -9.52
C VAL A 103 6.80 5.03 -8.23
N VAL A 104 7.21 6.01 -7.44
CA VAL A 104 7.88 5.76 -6.15
C VAL A 104 6.91 5.94 -4.97
N LEU A 105 7.16 5.25 -3.86
CA LEU A 105 6.27 5.33 -2.68
C LEU A 105 6.65 6.46 -1.71
N LEU A 106 5.79 7.47 -1.63
CA LEU A 106 5.88 8.52 -0.61
C LEU A 106 4.49 8.93 -0.13
N ASN A 107 4.42 9.70 0.95
CA ASN A 107 3.14 10.12 1.57
C ASN A 107 2.25 8.90 1.93
N PRO A 108 2.52 8.23 3.06
CA PRO A 108 1.68 7.12 3.53
C PRO A 108 0.33 7.63 4.07
N ILE A 109 -0.73 7.46 3.29
CA ILE A 109 -2.06 7.93 3.67
C ILE A 109 -2.61 7.17 4.88
N PRO A 110 -2.70 7.83 6.06
CA PRO A 110 -3.11 7.17 7.31
C PRO A 110 -4.59 6.77 7.34
N LYS A 111 -4.91 5.76 8.13
CA LYS A 111 -6.29 5.27 8.25
C LYS A 111 -6.95 5.75 9.56
N ASP A 112 -8.20 6.18 9.45
CA ASP A 112 -8.98 6.57 10.63
C ASP A 112 -9.93 5.45 11.05
N LYS A 113 -9.73 4.94 12.27
CA LYS A 113 -10.57 3.85 12.81
C LYS A 113 -11.96 4.36 13.29
N LYS A 114 -12.55 5.27 12.51
CA LYS A 114 -13.90 5.78 12.80
C LYS A 114 -14.96 4.89 12.15
N TRP A 115 -16.22 5.07 12.54
CA TRP A 115 -17.33 4.28 11.99
C TRP A 115 -18.17 5.12 11.01
N ILE A 116 -17.55 6.14 10.44
CA ILE A 116 -18.21 7.03 9.47
C ILE A 116 -18.35 6.36 8.09
N MET A 1 20.68 9.84 23.55
CA MET A 1 21.14 11.03 22.75
C MET A 1 22.62 11.36 23.04
N GLY A 2 23.36 10.40 23.59
CA GLY A 2 24.78 10.61 23.87
C GLY A 2 25.67 10.23 22.69
N HIS A 3 26.31 9.06 22.75
CA HIS A 3 27.19 8.60 21.67
C HIS A 3 26.76 7.23 21.09
N HIS A 4 25.70 6.65 21.66
CA HIS A 4 25.22 5.33 21.23
C HIS A 4 23.70 5.22 21.42
N HIS A 5 23.02 4.46 20.55
CA HIS A 5 21.57 4.28 20.65
C HIS A 5 21.10 2.95 20.02
N HIS A 6 19.83 2.60 20.24
CA HIS A 6 19.26 1.35 19.71
C HIS A 6 18.10 1.61 18.75
N HIS A 7 18.01 0.84 17.67
CA HIS A 7 16.85 0.85 16.78
C HIS A 7 15.95 -0.36 17.03
N HIS A 8 14.72 -0.29 16.54
CA HIS A 8 13.77 -1.40 16.64
C HIS A 8 12.97 -1.57 15.34
N SER A 9 12.47 -2.78 15.10
CA SER A 9 11.64 -3.05 13.91
C SER A 9 10.16 -2.82 14.22
N HIS A 10 9.64 -3.52 15.23
CA HIS A 10 8.25 -3.39 15.66
C HIS A 10 7.29 -3.71 14.51
N MET A 11 7.09 -5.00 14.27
CA MET A 11 6.30 -5.47 13.11
C MET A 11 4.78 -5.29 13.34
N LYS A 12 4.11 -4.68 12.36
CA LYS A 12 2.66 -4.51 12.37
C LYS A 12 1.99 -5.31 11.24
N PRO A 13 0.91 -6.07 11.55
CA PRO A 13 0.18 -6.85 10.53
C PRO A 13 -0.51 -5.96 9.49
N LEU A 14 -1.04 -6.60 8.42
CA LEU A 14 -1.65 -5.86 7.31
C LEU A 14 -2.78 -4.93 7.79
N ALA A 15 -3.67 -5.45 8.64
CA ALA A 15 -4.80 -4.67 9.17
C ALA A 15 -4.35 -3.44 10.00
N GLU A 16 -3.09 -3.42 10.41
CA GLU A 16 -2.54 -2.33 11.22
C GLU A 16 -1.72 -1.33 10.39
N GLN A 17 -1.57 -1.62 9.10
CA GLN A 17 -0.79 -0.76 8.20
C GLN A 17 -1.58 0.49 7.78
N ASP A 18 -1.00 1.67 8.03
CA ASP A 18 -1.62 2.95 7.67
C ASP A 18 -2.07 3.00 6.20
N TRP A 19 -1.26 2.47 5.30
CA TRP A 19 -1.57 2.48 3.87
C TRP A 19 -2.69 1.50 3.49
N TYR A 20 -2.98 0.52 4.35
CA TYR A 20 -4.09 -0.41 4.11
C TYR A 20 -5.40 0.17 4.67
N HIS A 21 -6.34 0.50 3.80
CA HIS A 21 -7.59 1.15 4.21
C HIS A 21 -8.82 0.25 4.03
N GLY A 22 -8.60 -1.06 3.96
CA GLY A 22 -9.71 -2.02 3.93
C GLY A 22 -10.39 -2.15 2.57
N ALA A 23 -11.53 -2.84 2.55
CA ALA A 23 -12.28 -3.08 1.31
C ALA A 23 -13.14 -1.87 0.90
N ILE A 24 -12.50 -0.74 0.63
CA ILE A 24 -13.22 0.46 0.19
C ILE A 24 -13.41 0.46 -1.35
N PRO A 25 -14.51 1.07 -1.84
CA PRO A 25 -14.79 1.15 -3.28
C PRO A 25 -13.73 1.97 -4.06
N ARG A 26 -13.71 1.79 -5.38
CA ARG A 26 -12.73 2.46 -6.25
C ARG A 26 -12.80 3.99 -6.12
N ILE A 27 -14.02 4.52 -6.09
CA ILE A 27 -14.24 5.97 -5.95
C ILE A 27 -13.50 6.54 -4.71
N GLU A 28 -13.78 5.98 -3.54
CA GLU A 28 -13.15 6.44 -2.30
C GLU A 28 -11.62 6.34 -2.37
N ALA A 29 -11.12 5.28 -3.02
CA ALA A 29 -9.68 5.07 -3.17
C ALA A 29 -8.99 6.22 -3.91
N GLN A 30 -9.64 6.75 -4.94
CA GLN A 30 -9.07 7.85 -5.72
C GLN A 30 -9.34 9.24 -5.08
N GLU A 31 -10.51 9.39 -4.46
CA GLU A 31 -10.91 10.67 -3.86
C GLU A 31 -9.88 11.18 -2.83
N LEU A 32 -9.38 10.28 -1.99
CA LEU A 32 -8.45 10.67 -0.91
C LEU A 32 -7.03 10.97 -1.43
N LEU A 33 -6.76 10.60 -2.68
CA LEU A 33 -5.45 10.85 -3.30
C LEU A 33 -5.41 12.25 -3.94
N LYS A 34 -4.46 13.09 -3.52
CA LYS A 34 -4.40 14.49 -4.02
C LYS A 34 -2.99 14.93 -4.45
N LYS A 35 -1.93 14.46 -3.77
CA LYS A 35 -0.56 14.88 -4.12
C LYS A 35 0.24 13.73 -4.73
N GLN A 36 1.19 14.06 -5.62
CA GLN A 36 2.05 13.05 -6.24
C GLN A 36 2.83 12.27 -5.18
N GLY A 37 2.35 11.08 -4.86
CA GLY A 37 2.96 10.26 -3.83
C GLY A 37 1.95 9.45 -3.03
N ASP A 38 0.79 10.05 -2.74
CA ASP A 38 -0.27 9.40 -1.96
C ASP A 38 -0.58 8.00 -2.50
N PHE A 39 -0.50 6.99 -1.64
CA PHE A 39 -0.81 5.62 -2.04
C PHE A 39 -1.54 4.85 -0.93
N LEU A 40 -2.46 3.99 -1.32
CA LEU A 40 -3.14 3.10 -0.37
C LEU A 40 -3.45 1.75 -1.00
N VAL A 41 -3.43 0.70 -0.20
CA VAL A 41 -3.82 -0.64 -0.66
C VAL A 41 -5.23 -0.99 -0.14
N ARG A 42 -6.16 -1.15 -1.06
CA ARG A 42 -7.54 -1.49 -0.71
C ARG A 42 -7.87 -2.95 -1.07
N GLU A 43 -8.91 -3.49 -0.46
CA GLU A 43 -9.36 -4.84 -0.78
C GLU A 43 -10.54 -4.80 -1.75
N SER A 44 -10.48 -5.62 -2.80
CA SER A 44 -11.50 -5.62 -3.87
C SER A 44 -12.87 -6.12 -3.37
N HIS A 45 -13.91 -5.75 -4.11
CA HIS A 45 -15.29 -6.17 -3.80
C HIS A 45 -15.71 -7.35 -4.68
N GLY A 46 -16.05 -8.47 -4.07
CA GLY A 46 -16.48 -9.65 -4.82
C GLY A 46 -15.32 -10.51 -5.31
N LYS A 47 -14.09 -10.09 -5.01
CA LYS A 47 -12.89 -10.83 -5.41
C LYS A 47 -11.96 -11.04 -4.20
N PRO A 48 -12.19 -12.10 -3.40
CA PRO A 48 -11.41 -12.36 -2.18
C PRO A 48 -9.92 -12.63 -2.46
N GLY A 49 -9.10 -11.58 -2.34
CA GLY A 49 -7.66 -11.73 -2.58
C GLY A 49 -7.07 -10.63 -3.45
N GLU A 50 -7.92 -9.94 -4.21
CA GLU A 50 -7.45 -8.84 -5.06
C GLU A 50 -7.23 -7.57 -4.22
N TYR A 51 -5.98 -7.34 -3.83
CA TYR A 51 -5.60 -6.11 -3.13
C TYR A 51 -5.01 -5.10 -4.12
N VAL A 52 -5.65 -3.94 -4.22
CA VAL A 52 -5.31 -2.93 -5.23
C VAL A 52 -4.57 -1.74 -4.62
N LEU A 53 -3.34 -1.50 -5.09
CA LEU A 53 -2.56 -0.34 -4.68
C LEU A 53 -2.87 0.86 -5.58
N SER A 54 -3.48 1.89 -5.00
CA SER A 54 -3.83 3.11 -5.74
C SER A 54 -2.92 4.27 -5.34
N VAL A 55 -2.15 4.79 -6.32
CA VAL A 55 -1.19 5.86 -6.06
C VAL A 55 -1.40 7.05 -7.00
N TYR A 56 -1.22 8.27 -6.47
CA TYR A 56 -1.42 9.50 -7.26
C TYR A 56 -0.12 9.95 -7.94
N SER A 57 -0.08 9.87 -9.27
CA SER A 57 1.09 10.32 -10.04
C SER A 57 0.65 10.91 -11.39
N ASP A 58 1.30 11.99 -11.82
CA ASP A 58 0.97 12.67 -13.10
C ASP A 58 -0.43 13.30 -13.05
N GLY A 59 -1.01 13.41 -11.86
CA GLY A 59 -2.39 13.84 -11.72
C GLY A 59 -3.39 12.71 -11.95
N GLN A 60 -2.87 11.52 -12.19
CA GLN A 60 -3.68 10.32 -12.43
C GLN A 60 -3.53 9.30 -11.29
N ARG A 61 -4.63 8.66 -10.90
CA ARG A 61 -4.57 7.61 -9.87
C ARG A 61 -4.25 6.24 -10.50
N ARG A 62 -3.00 5.81 -10.34
CA ARG A 62 -2.56 4.50 -10.83
C ARG A 62 -3.15 3.37 -9.96
N HIS A 63 -3.54 2.27 -10.58
CA HIS A 63 -4.10 1.13 -9.83
C HIS A 63 -3.36 -0.18 -10.18
N PHE A 64 -2.73 -0.78 -9.18
CA PHE A 64 -1.99 -2.04 -9.38
C PHE A 64 -2.56 -3.16 -8.49
N ILE A 65 -2.56 -4.39 -9.00
CA ILE A 65 -3.05 -5.55 -8.23
C ILE A 65 -1.90 -6.44 -7.75
N ILE A 66 -2.00 -6.93 -6.52
CA ILE A 66 -0.96 -7.80 -5.95
C ILE A 66 -1.17 -9.27 -6.33
N GLN A 67 -0.26 -9.82 -7.16
CA GLN A 67 -0.30 -11.23 -7.53
C GLN A 67 0.51 -12.10 -6.56
N TYR A 68 -0.15 -13.11 -5.99
CA TYR A 68 0.52 -14.05 -5.09
C TYR A 68 1.04 -15.28 -5.85
N VAL A 69 2.35 -15.28 -6.13
CA VAL A 69 2.97 -16.34 -6.94
C VAL A 69 4.18 -16.96 -6.23
N ASP A 70 4.18 -18.29 -6.05
CA ASP A 70 5.30 -19.00 -5.43
C ASP A 70 5.67 -18.42 -4.04
N ASN A 71 4.64 -18.18 -3.22
CA ASN A 71 4.82 -17.60 -1.86
C ASN A 71 5.34 -16.16 -1.91
N MET A 72 5.33 -15.54 -3.09
CA MET A 72 5.80 -14.17 -3.26
C MET A 72 4.67 -13.22 -3.68
N TYR A 73 4.43 -12.20 -2.87
CA TYR A 73 3.49 -11.12 -3.22
C TYR A 73 4.20 -10.08 -4.11
N ARG A 74 3.76 -9.97 -5.36
CA ARG A 74 4.46 -9.15 -6.35
C ARG A 74 3.50 -8.39 -7.27
N PHE A 75 4.02 -7.35 -7.93
CA PHE A 75 3.30 -6.64 -8.99
C PHE A 75 3.93 -6.95 -10.36
N GLU A 76 5.04 -6.27 -10.66
CA GLU A 76 5.70 -6.39 -11.97
C GLU A 76 6.76 -7.51 -11.98
N GLY A 77 7.87 -7.30 -11.26
CA GLY A 77 8.96 -8.27 -11.27
C GLY A 77 9.10 -9.07 -9.97
N THR A 78 9.96 -8.58 -9.07
CA THR A 78 10.25 -9.31 -7.82
C THR A 78 9.09 -9.26 -6.82
N GLY A 79 9.14 -10.16 -5.83
CA GLY A 79 8.08 -10.25 -4.83
C GLY A 79 8.60 -10.49 -3.42
N PHE A 80 7.73 -10.31 -2.42
CA PHE A 80 8.11 -10.47 -1.01
C PHE A 80 7.21 -11.48 -0.30
N SER A 81 7.73 -12.08 0.77
CA SER A 81 7.00 -13.12 1.53
C SER A 81 5.71 -12.59 2.16
N ASN A 82 5.61 -11.27 2.34
CA ASN A 82 4.44 -10.65 2.99
C ASN A 82 4.00 -9.37 2.26
N ILE A 83 2.68 -9.13 2.22
CA ILE A 83 2.14 -7.88 1.65
C ILE A 83 2.74 -6.63 2.35
N PRO A 84 2.73 -6.56 3.71
CA PRO A 84 3.34 -5.43 4.43
C PRO A 84 4.83 -5.22 4.07
N GLN A 85 5.55 -6.32 3.86
CA GLN A 85 6.97 -6.27 3.50
C GLN A 85 7.19 -5.77 2.06
N LEU A 86 6.24 -6.09 1.18
CA LEU A 86 6.27 -5.60 -0.20
C LEU A 86 6.32 -4.07 -0.25
N ILE A 87 5.35 -3.43 0.42
CA ILE A 87 5.29 -1.98 0.52
C ILE A 87 6.43 -1.41 1.39
N ASP A 88 6.61 -2.00 2.58
CA ASP A 88 7.65 -1.57 3.53
C ASP A 88 9.03 -1.49 2.86
N HIS A 89 9.46 -2.58 2.22
CA HIS A 89 10.78 -2.63 1.62
C HIS A 89 10.89 -1.68 0.42
N HIS A 90 9.80 -1.53 -0.34
CA HIS A 90 9.77 -0.56 -1.45
C HIS A 90 9.85 0.89 -0.95
N TYR A 91 9.24 1.16 0.19
CA TYR A 91 9.24 2.51 0.78
C TYR A 91 10.62 2.84 1.40
N THR A 92 11.15 1.89 2.18
CA THR A 92 12.45 2.08 2.83
C THR A 92 13.61 2.16 1.83
N THR A 93 13.53 1.39 0.75
CA THR A 93 14.49 1.50 -0.36
C THR A 93 14.12 2.66 -1.29
N LYS A 94 12.89 3.17 -1.11
CA LYS A 94 12.37 4.30 -1.88
C LYS A 94 12.48 4.04 -3.40
N GLN A 95 12.08 2.83 -3.80
CA GLN A 95 12.15 2.41 -5.20
C GLN A 95 10.76 2.25 -5.83
N VAL A 96 10.72 2.28 -7.15
CA VAL A 96 9.47 2.18 -7.90
C VAL A 96 8.75 0.83 -7.69
N ILE A 97 7.42 0.86 -7.77
CA ILE A 97 6.61 -0.35 -7.73
C ILE A 97 6.74 -1.14 -9.05
N THR A 98 6.54 -0.44 -10.16
CA THR A 98 6.71 -1.03 -11.50
C THR A 98 7.60 -0.13 -12.38
N LYS A 99 8.60 -0.72 -13.01
CA LYS A 99 9.49 0.03 -13.92
C LYS A 99 8.71 0.59 -15.12
N LYS A 100 7.69 -0.15 -15.56
CA LYS A 100 6.86 0.25 -16.69
C LYS A 100 6.09 1.56 -16.41
N SER A 101 5.86 1.89 -15.13
CA SER A 101 5.16 3.12 -14.76
C SER A 101 6.09 4.14 -14.08
N GLY A 102 7.15 3.65 -13.44
CA GLY A 102 8.12 4.52 -12.79
C GLY A 102 7.57 5.31 -11.59
N VAL A 103 6.73 4.65 -10.78
CA VAL A 103 6.13 5.30 -9.61
C VAL A 103 6.75 4.80 -8.29
N VAL A 104 7.28 5.74 -7.50
CA VAL A 104 7.85 5.45 -6.17
C VAL A 104 6.83 5.71 -5.05
N LEU A 105 7.00 5.04 -3.90
CA LEU A 105 6.12 5.23 -2.74
C LEU A 105 6.64 6.35 -1.81
N LEU A 106 5.87 7.43 -1.68
CA LEU A 106 6.20 8.52 -0.76
C LEU A 106 4.94 9.09 -0.10
N ASN A 107 5.11 9.71 1.08
CA ASN A 107 4.00 10.31 1.86
C ASN A 107 2.69 9.47 1.85
N PRO A 108 2.62 8.41 2.68
CA PRO A 108 1.44 7.54 2.77
C PRO A 108 0.24 8.22 3.48
N ILE A 109 -0.97 7.73 3.19
CA ILE A 109 -2.18 8.22 3.86
C ILE A 109 -2.47 7.42 5.15
N PRO A 110 -2.41 8.08 6.33
CA PRO A 110 -2.50 7.39 7.63
C PRO A 110 -3.92 6.92 8.03
N LYS A 111 -3.97 6.05 9.04
CA LYS A 111 -5.24 5.57 9.64
C LYS A 111 -4.95 4.67 10.84
N ASP A 112 -5.92 4.52 11.73
CA ASP A 112 -5.77 3.57 12.85
C ASP A 112 -7.07 2.79 13.14
N LYS A 113 -8.06 3.46 13.67
CA LYS A 113 -9.34 2.82 14.03
C LYS A 113 -10.57 3.68 13.66
N LYS A 114 -10.35 4.78 12.93
CA LYS A 114 -11.47 5.64 12.51
C LYS A 114 -11.86 5.36 11.04
N TRP A 115 -13.06 4.83 10.85
CA TRP A 115 -13.64 4.70 9.51
C TRP A 115 -14.41 5.99 9.14
N ILE A 116 -13.66 7.03 8.78
CA ILE A 116 -14.25 8.34 8.46
C ILE A 116 -14.27 8.61 6.93
#